data_5ZKW
#
_entry.id   5ZKW
#
_cell.length_a   116.121
_cell.length_b   79.233
_cell.length_c   140.571
_cell.angle_alpha   90.00
_cell.angle_beta   100.38
_cell.angle_gamma   90.00
#
_symmetry.space_group_name_H-M   'P 1 21 1'
#
loop_
_entity.id
_entity.type
_entity.pdbx_description
1 polymer DFA-IIIase
2 branched alpha-D-glucopyranose-(1-2)-beta-D-fructofuranose-(2-1)-beta-D-fructofuranose
3 water water
#
_entity_poly.entity_id   1
_entity_poly.type   'polypeptide(L)'
_entity_poly.pdbx_seq_one_letter_code
;MPSNNRYDVTEWPAGNPAKDIGEVINSIIADIKARQGAADVDDGGKPGAVIYLPPGDYHLRTQVLIDISFLRIEGSGHGF
TSSSIRFNVPEEEWPDLHELWPGGSRVIVDLPAGGAGDSAAGAAFLVAREGSPRISSVEFSNFCIDGLHFTADGSGRHPE
NTYANGKTGIHVASANDSFRVTDMGFVYLENALTIHKADALSIHHNFIAECGSCIELRGWGQASKITDNLVGAGPRGHSI
YAENHGGLLVTANNVFPRGASSVHFKGVTRSSVTNNRLHAFYPGMVRLEENSSENLVATNHFLRDHEPWTPFFGVDNGLD
DLTGLLSISGNNNSVIGNHFSEVVDANEIRPEGATPVIIRLTAGTGNFVSTNHVVAMDVDAASSDSCFEAQVDALLATEA
ADLAVTAVLVDPGSARNTILDSGSDTQVVADRAVNAIRATPTVGF
;
_entity_poly.pdbx_strand_id   A,B,D,C,E,F
#
# COMPACT_ATOMS: atom_id res chain seq x y z
N PRO A 2 3.09 14.45 -30.01
CA PRO A 2 2.01 15.14 -30.72
C PRO A 2 0.65 14.85 -30.08
N SER A 3 -0.41 15.45 -30.62
CA SER A 3 -1.73 15.37 -30.01
C SER A 3 -2.31 13.94 -29.99
N ASN A 4 -1.91 13.08 -30.93
CA ASN A 4 -2.43 11.69 -30.93
C ASN A 4 -1.58 10.67 -30.16
N ASN A 5 -0.60 11.13 -29.38
CA ASN A 5 0.11 10.30 -28.40
C ASN A 5 0.93 9.17 -29.03
N ARG A 6 1.34 9.33 -30.29
CA ARG A 6 2.16 8.35 -30.99
C ARG A 6 3.52 8.99 -31.29
N TYR A 7 4.59 8.33 -30.85
CA TYR A 7 5.96 8.84 -31.00
C TYR A 7 6.84 7.77 -31.67
N ASP A 8 7.81 8.22 -32.47
CA ASP A 8 8.80 7.36 -33.09
C ASP A 8 10.14 7.93 -32.68
N VAL A 9 10.98 7.09 -32.07
CA VAL A 9 12.30 7.54 -31.59
C VAL A 9 13.21 8.10 -32.68
N THR A 10 13.01 7.68 -33.93
CA THR A 10 13.82 8.24 -35.03
C THR A 10 13.23 9.51 -35.61
N GLU A 11 12.07 9.94 -35.12
CA GLU A 11 11.43 11.21 -35.52
C GLU A 11 11.28 12.13 -34.32
N TRP A 12 12.22 12.11 -33.37
CA TRP A 12 12.13 12.94 -32.20
C TRP A 12 13.05 14.16 -32.39
N PRO A 13 12.48 15.39 -32.39
CA PRO A 13 13.28 16.58 -32.68
C PRO A 13 14.49 16.71 -31.76
N ALA A 14 15.66 16.86 -32.38
CA ALA A 14 16.93 17.07 -31.67
C ALA A 14 17.44 15.79 -30.97
N GLY A 15 16.72 14.68 -31.09
CA GLY A 15 17.13 13.43 -30.48
C GLY A 15 18.01 12.63 -31.41
N ASN A 16 18.94 11.86 -30.83
CA ASN A 16 19.74 10.92 -31.58
C ASN A 16 19.69 9.56 -30.89
N PRO A 17 18.78 8.68 -31.33
CA PRO A 17 18.65 7.39 -30.65
C PRO A 17 19.80 6.42 -30.91
N ALA A 18 20.57 6.65 -31.98
CA ALA A 18 21.79 5.90 -32.21
C ALA A 18 22.80 6.15 -31.09
N LYS A 19 22.87 7.38 -30.62
CA LYS A 19 23.82 7.77 -29.58
C LYS A 19 23.26 7.57 -28.17
N ASP A 20 22.02 8.01 -27.93
CA ASP A 20 21.40 7.79 -26.61
C ASP A 20 19.86 7.77 -26.71
N ILE A 21 19.33 6.59 -27.01
CA ILE A 21 17.87 6.38 -27.02
C ILE A 21 17.24 6.57 -25.64
N GLY A 22 18.01 6.35 -24.58
CA GLY A 22 17.51 6.61 -23.23
C GLY A 22 17.08 8.06 -23.02
N GLU A 23 17.94 8.96 -23.45
CA GLU A 23 17.66 10.39 -23.41
C GLU A 23 16.46 10.75 -24.29
N VAL A 24 16.39 10.14 -25.47
CA VAL A 24 15.27 10.37 -26.38
C VAL A 24 13.94 9.93 -25.74
N ILE A 25 13.91 8.71 -25.20
CA ILE A 25 12.69 8.19 -24.59
C ILE A 25 12.30 9.01 -23.35
N ASN A 26 13.26 9.37 -22.51
CA ASN A 26 12.96 10.25 -21.36
C ASN A 26 12.36 11.58 -21.80
N SER A 27 12.87 12.15 -22.89
CA SER A 27 12.36 13.41 -23.43
C SER A 27 10.92 13.27 -23.92
N ILE A 28 10.62 12.14 -24.53
CA ILE A 28 9.27 11.84 -24.98
C ILE A 28 8.33 11.68 -23.80
N ILE A 29 8.79 11.01 -22.75
CA ILE A 29 7.97 10.83 -21.55
C ILE A 29 7.65 12.19 -20.90
N ALA A 30 8.64 13.08 -20.84
CA ALA A 30 8.41 14.45 -20.36
C ALA A 30 7.37 15.19 -21.23
N ASP A 31 7.42 14.99 -22.55
CA ASP A 31 6.44 15.58 -23.46
C ASP A 31 5.01 15.07 -23.21
N ILE A 32 4.88 13.76 -23.00
CA ILE A 32 3.59 13.17 -22.65
C ILE A 32 3.02 13.75 -21.34
N LYS A 33 3.86 13.84 -20.31
CA LYS A 33 3.40 14.35 -19.01
C LYS A 33 2.98 15.80 -19.09
N ALA A 34 3.77 16.62 -19.78
CA ALA A 34 3.39 18.02 -20.02
C ALA A 34 2.03 18.16 -20.69
N ARG A 35 1.70 17.29 -21.64
CA ARG A 35 0.41 17.34 -22.33
C ARG A 35 -0.74 16.70 -21.57
N GLN A 36 -0.45 15.70 -20.74
CA GLN A 36 -1.49 14.94 -20.05
C GLN A 36 -1.47 15.26 -18.54
N GLY A 37 -1.71 16.52 -18.22
CA GLY A 37 -1.65 17.01 -16.85
C GLY A 37 -2.91 16.80 -16.02
N ALA A 38 -4.07 16.77 -16.67
CA ALA A 38 -5.36 16.69 -16.00
C ALA A 38 -5.88 15.26 -16.02
N ALA A 39 -6.26 14.74 -14.84
CA ALA A 39 -6.76 13.36 -14.69
C ALA A 39 -8.25 13.16 -14.92
N ASP A 40 -9.03 14.23 -15.00
CA ASP A 40 -10.50 14.09 -14.99
C ASP A 40 -11.20 15.19 -15.79
N VAL A 41 -10.95 15.21 -17.10
CA VAL A 41 -11.61 16.13 -18.03
C VAL A 41 -12.37 15.29 -19.04
N ASP A 42 -13.68 15.50 -19.13
CA ASP A 42 -14.55 14.76 -20.05
C ASP A 42 -14.39 13.25 -19.86
N ASP A 43 -14.37 12.80 -18.60
CA ASP A 43 -14.23 11.36 -18.27
C ASP A 43 -12.88 10.75 -18.72
N GLY A 44 -11.83 11.56 -18.79
CA GLY A 44 -10.49 11.09 -19.20
C GLY A 44 -9.38 12.05 -18.84
N GLY A 45 -8.24 11.92 -19.51
CA GLY A 45 -7.18 12.94 -19.50
C GLY A 45 -5.74 12.48 -19.45
N LYS A 46 -5.49 11.25 -18.99
CA LYS A 46 -4.16 10.66 -18.96
C LYS A 46 -4.19 9.28 -19.62
N PRO A 47 -4.56 9.22 -20.92
CA PRO A 47 -4.63 7.94 -21.60
C PRO A 47 -3.26 7.26 -21.89
N GLY A 48 -2.15 7.95 -21.70
CA GLY A 48 -0.84 7.41 -22.04
C GLY A 48 -0.46 7.60 -23.49
N ALA A 49 0.39 6.70 -24.00
CA ALA A 49 1.05 6.91 -25.28
C ALA A 49 1.73 5.64 -25.77
N VAL A 50 2.14 5.71 -27.04
CA VAL A 50 2.91 4.63 -27.66
C VAL A 50 4.20 5.22 -28.24
N ILE A 51 5.31 4.56 -27.92
CA ILE A 51 6.62 4.92 -28.41
C ILE A 51 7.12 3.76 -29.29
N TYR A 52 7.38 4.07 -30.55
CA TYR A 52 7.79 3.09 -31.56
C TYR A 52 9.29 3.16 -31.82
N LEU A 53 9.91 1.98 -31.88
CA LEU A 53 11.31 1.81 -32.21
C LEU A 53 11.38 1.04 -33.52
N PRO A 54 11.66 1.71 -34.65
CA PRO A 54 11.90 0.96 -35.89
C PRO A 54 13.12 0.06 -35.76
N PRO A 55 13.25 -0.97 -36.62
CA PRO A 55 14.46 -1.76 -36.53
C PRO A 55 15.68 -0.87 -36.68
N GLY A 56 16.69 -1.14 -35.87
CA GLY A 56 17.89 -0.31 -35.82
C GLY A 56 18.74 -0.63 -34.63
N ASP A 57 19.96 -0.10 -34.63
CA ASP A 57 20.90 -0.25 -33.53
C ASP A 57 20.92 1.05 -32.72
N TYR A 58 20.36 1.00 -31.51
CA TYR A 58 20.25 2.20 -30.65
C TYR A 58 21.04 2.00 -29.37
N HIS A 59 21.98 2.90 -29.08
CA HIS A 59 22.72 2.82 -27.83
C HIS A 59 21.91 3.53 -26.77
N LEU A 60 21.74 2.89 -25.61
CA LEU A 60 21.10 3.51 -24.46
C LEU A 60 22.21 3.81 -23.45
N ARG A 61 22.41 5.10 -23.19
CA ARG A 61 23.42 5.56 -22.22
C ARG A 61 22.83 6.23 -20.98
N THR A 62 21.53 6.49 -20.99
CA THR A 62 20.82 7.02 -19.84
C THR A 62 19.65 6.08 -19.57
N GLN A 63 19.48 5.67 -18.33
CA GLN A 63 18.32 4.88 -17.91
C GLN A 63 17.00 5.59 -18.24
N VAL A 64 16.05 4.84 -18.81
CA VAL A 64 14.70 5.32 -19.00
C VAL A 64 13.90 5.12 -17.71
N LEU A 65 13.26 6.20 -17.23
CA LEU A 65 12.34 6.15 -16.10
C LEU A 65 10.91 6.26 -16.59
N ILE A 66 10.13 5.19 -16.36
CA ILE A 66 8.71 5.12 -16.68
C ILE A 66 7.91 5.28 -15.38
N ASP A 67 7.17 6.37 -15.29
CA ASP A 67 6.34 6.69 -14.12
C ASP A 67 4.91 7.12 -14.51
N ILE A 68 4.47 6.71 -15.70
CA ILE A 68 3.10 6.92 -16.16
C ILE A 68 2.44 5.59 -16.51
N SER A 69 1.15 5.48 -16.21
CA SER A 69 0.35 4.34 -16.62
C SER A 69 0.07 4.39 -18.11
N PHE A 70 -0.19 3.22 -18.70
CA PHE A 70 -0.62 3.10 -20.10
C PHE A 70 0.41 3.54 -21.12
N LEU A 71 1.70 3.43 -20.78
CA LEU A 71 2.74 3.65 -21.75
C LEU A 71 3.05 2.32 -22.44
N ARG A 72 3.02 2.32 -23.76
CA ARG A 72 3.45 1.19 -24.57
C ARG A 72 4.76 1.53 -25.29
N ILE A 73 5.77 0.68 -25.11
CA ILE A 73 7.02 0.78 -25.88
C ILE A 73 7.10 -0.45 -26.78
N GLU A 74 7.17 -0.22 -28.09
CA GLU A 74 7.05 -1.29 -29.08
C GLU A 74 8.09 -1.17 -30.18
N GLY A 75 8.48 -2.32 -30.73
CA GLY A 75 9.38 -2.37 -31.86
C GLY A 75 8.86 -3.28 -32.96
N SER A 76 9.74 -3.61 -33.88
CA SER A 76 9.44 -4.52 -35.02
C SER A 76 10.45 -5.65 -35.17
N GLY A 77 10.96 -6.17 -34.06
CA GLY A 77 11.83 -7.36 -34.12
C GLY A 77 12.50 -7.70 -32.81
N HIS A 78 12.31 -8.94 -32.38
CA HIS A 78 12.96 -9.48 -31.17
C HIS A 78 14.48 -9.63 -31.36
N GLY A 79 14.93 -9.83 -32.60
CA GLY A 79 16.33 -9.59 -32.96
C GLY A 79 17.41 -10.49 -32.37
N PHE A 80 17.01 -11.65 -31.86
CA PHE A 80 17.97 -12.53 -31.22
C PHE A 80 18.92 -13.18 -32.21
N THR A 81 20.20 -13.16 -31.83
CA THR A 81 21.20 -14.09 -32.37
C THR A 81 22.10 -14.51 -31.19
N SER A 82 22.77 -15.65 -31.34
CA SER A 82 23.53 -16.21 -30.23
C SER A 82 24.89 -15.52 -30.13
N SER A 83 24.94 -14.46 -29.33
CA SER A 83 26.24 -13.84 -29.00
C SER A 83 27.15 -14.82 -28.27
N SER A 84 26.58 -15.74 -27.49
CA SER A 84 27.38 -16.78 -26.84
C SER A 84 28.16 -17.61 -27.87
N ILE A 85 27.48 -18.09 -28.90
CA ILE A 85 28.16 -18.85 -29.97
C ILE A 85 29.22 -17.96 -30.63
N ARG A 86 28.83 -16.75 -31.03
CA ARG A 86 29.74 -15.85 -31.76
C ARG A 86 31.01 -15.52 -30.94
N PHE A 87 30.86 -15.20 -29.66
CA PHE A 87 32.02 -14.88 -28.83
C PHE A 87 32.96 -16.05 -28.57
N ASN A 88 32.50 -17.27 -28.82
CA ASN A 88 33.32 -18.46 -28.72
C ASN A 88 33.82 -18.98 -30.08
N VAL A 89 33.45 -18.32 -31.17
CA VAL A 89 34.11 -18.56 -32.47
C VAL A 89 35.44 -17.78 -32.43
N PRO A 90 36.56 -18.40 -32.82
CA PRO A 90 37.82 -17.65 -32.90
C PRO A 90 37.67 -16.35 -33.66
N GLU A 91 38.23 -15.27 -33.11
CA GLU A 91 38.09 -13.92 -33.66
C GLU A 91 38.54 -13.79 -35.13
N GLU A 92 39.62 -14.47 -35.49
CA GLU A 92 40.07 -14.60 -36.90
C GLU A 92 39.00 -15.09 -37.91
N GLU A 93 37.99 -15.80 -37.43
CA GLU A 93 36.92 -16.31 -38.30
C GLU A 93 35.68 -15.40 -38.38
N TRP A 94 35.68 -14.29 -37.65
CA TRP A 94 34.51 -13.40 -37.63
C TRP A 94 34.20 -12.71 -38.97
N PRO A 95 35.23 -12.35 -39.76
CA PRO A 95 34.92 -11.63 -41.01
C PRO A 95 34.06 -12.42 -42.01
N ASP A 96 34.15 -13.75 -42.01
CA ASP A 96 33.31 -14.58 -42.88
C ASP A 96 31.88 -14.74 -42.37
N LEU A 97 31.62 -14.44 -41.10
CA LEU A 97 30.25 -14.58 -40.57
C LEU A 97 29.31 -13.55 -41.22
N HIS A 98 28.10 -13.98 -41.57
CA HIS A 98 27.14 -13.10 -42.24
C HIS A 98 26.74 -11.88 -41.40
N GLU A 99 26.60 -12.11 -40.10
CA GLU A 99 26.47 -11.02 -39.13
C GLU A 99 27.08 -11.46 -37.81
N LEU A 100 27.25 -10.51 -36.90
CA LEU A 100 27.83 -10.79 -35.58
C LEU A 100 26.83 -10.53 -34.47
N TRP A 101 26.25 -9.34 -34.51
CA TRP A 101 25.43 -8.82 -33.41
C TRP A 101 23.95 -9.16 -33.53
N PRO A 102 23.22 -9.13 -32.39
CA PRO A 102 21.76 -9.08 -32.45
C PRO A 102 21.24 -7.90 -33.27
N GLY A 103 19.96 -7.95 -33.63
CA GLY A 103 19.35 -6.92 -34.43
C GLY A 103 17.94 -6.64 -33.99
N GLY A 104 17.06 -6.47 -34.97
CA GLY A 104 15.70 -6.06 -34.73
C GLY A 104 15.64 -4.62 -34.26
N SER A 105 14.68 -4.34 -33.40
CA SER A 105 14.56 -3.01 -32.79
C SER A 105 15.43 -3.03 -31.53
N ARG A 106 16.71 -2.72 -31.70
CA ARG A 106 17.73 -3.12 -30.73
C ARG A 106 18.19 -1.98 -29.83
N VAL A 107 17.96 -2.18 -28.53
CA VAL A 107 18.45 -1.29 -27.49
C VAL A 107 19.71 -1.91 -26.88
N ILE A 108 20.85 -1.27 -27.14
CA ILE A 108 22.14 -1.68 -26.58
C ILE A 108 22.29 -1.00 -25.23
N VAL A 109 22.41 -1.77 -24.16
CA VAL A 109 22.46 -1.21 -22.81
C VAL A 109 23.91 -0.85 -22.48
N ASP A 110 24.26 0.43 -22.67
CA ASP A 110 25.60 0.94 -22.38
C ASP A 110 25.53 1.74 -21.06
N LEU A 111 25.13 1.06 -19.98
CA LEU A 111 25.13 1.63 -18.64
C LEU A 111 26.18 0.90 -17.80
N PRO A 112 26.80 1.62 -16.82
CA PRO A 112 27.60 0.92 -15.81
C PRO A 112 26.77 0.06 -14.82
N ALA A 113 27.43 -0.93 -14.21
CA ALA A 113 26.78 -1.92 -13.29
C ALA A 113 25.95 -1.29 -12.18
N ASP A 118 22.26 -1.86 -5.39
CA ASP A 118 21.40 -1.08 -6.29
C ASP A 118 21.55 -1.57 -7.73
N SER A 119 21.04 -2.77 -8.00
CA SER A 119 20.99 -3.31 -9.36
C SER A 119 19.99 -2.56 -10.26
N ALA A 120 19.00 -1.88 -9.67
CA ALA A 120 18.06 -1.05 -10.45
C ALA A 120 18.77 0.02 -11.28
N ALA A 121 19.89 0.55 -10.75
CA ALA A 121 20.70 1.53 -11.47
C ALA A 121 21.25 1.03 -12.80
N GLY A 122 21.46 -0.29 -12.94
CA GLY A 122 21.92 -0.89 -14.20
C GLY A 122 20.84 -1.27 -15.21
N ALA A 123 19.58 -0.93 -14.90
CA ALA A 123 18.44 -1.29 -15.74
C ALA A 123 18.27 -0.30 -16.86
N ALA A 124 18.09 -0.80 -18.09
CA ALA A 124 17.81 0.06 -19.25
C ALA A 124 16.48 0.79 -19.07
N PHE A 125 15.46 0.04 -18.66
CA PHE A 125 14.15 0.59 -18.35
C PHE A 125 13.81 0.35 -16.89
N LEU A 126 13.60 1.43 -16.14
CA LEU A 126 13.14 1.36 -14.75
C LEU A 126 11.71 1.86 -14.69
N VAL A 127 10.80 1.05 -14.19
CA VAL A 127 9.44 1.46 -13.98
C VAL A 127 9.23 1.68 -12.49
N ALA A 128 8.94 2.90 -12.10
CA ALA A 128 8.80 3.25 -10.68
C ALA A 128 7.83 4.42 -10.48
N ARG A 129 6.89 4.23 -9.56
CA ARG A 129 5.96 5.27 -9.15
C ARG A 129 5.21 4.77 -7.93
N GLU A 130 5.37 5.47 -6.81
CA GLU A 130 4.68 5.11 -5.57
C GLU A 130 3.41 5.94 -5.44
N GLY A 131 2.59 5.59 -4.46
CA GLY A 131 1.31 6.25 -4.24
C GLY A 131 0.20 5.51 -4.93
N SER A 132 -0.92 6.19 -5.14
CA SER A 132 -2.17 5.57 -5.60
C SER A 132 -2.74 6.28 -6.83
N PRO A 133 -3.38 5.53 -7.74
CA PRO A 133 -3.40 4.07 -7.75
C PRO A 133 -2.04 3.48 -8.17
N ARG A 134 -1.92 2.16 -8.12
CA ARG A 134 -0.72 1.49 -8.65
C ARG A 134 -0.55 1.83 -10.13
N ILE A 135 0.68 2.01 -10.55
CA ILE A 135 0.98 2.15 -11.99
C ILE A 135 0.45 0.91 -12.73
N SER A 136 -0.22 1.14 -13.86
CA SER A 136 -1.04 0.10 -14.48
C SER A 136 -0.88 0.06 -16.00
N SER A 137 -0.96 -1.15 -16.55
CA SER A 137 -1.04 -1.40 -17.99
C SER A 137 0.05 -0.78 -18.86
N VAL A 138 1.28 -0.78 -18.34
CA VAL A 138 2.48 -0.52 -19.14
C VAL A 138 2.71 -1.77 -20.00
N GLU A 139 3.10 -1.55 -21.25
CA GLU A 139 3.31 -2.65 -22.21
C GLU A 139 4.68 -2.51 -22.87
N PHE A 140 5.44 -3.61 -22.93
CA PHE A 140 6.68 -3.69 -23.68
C PHE A 140 6.48 -4.78 -24.72
N SER A 141 6.71 -4.45 -25.99
CA SER A 141 6.38 -5.37 -27.06
C SER A 141 7.37 -5.39 -28.24
N ASN A 142 7.82 -6.59 -28.57
CA ASN A 142 8.52 -6.87 -29.82
C ASN A 142 9.74 -5.98 -30.13
N PHE A 143 10.57 -5.77 -29.12
CA PHE A 143 11.89 -5.20 -29.35
C PHE A 143 12.98 -5.98 -28.63
N CYS A 144 14.21 -5.60 -28.90
CA CYS A 144 15.39 -6.33 -28.48
C CYS A 144 16.13 -5.50 -27.45
N ILE A 145 16.54 -6.11 -26.34
CA ILE A 145 17.40 -5.46 -25.34
C ILE A 145 18.64 -6.31 -25.19
N ASP A 146 19.79 -5.68 -25.43
CA ASP A 146 21.08 -6.38 -25.61
C ASP A 146 22.09 -5.74 -24.67
N GLY A 147 22.64 -6.53 -23.75
CA GLY A 147 23.69 -6.04 -22.84
C GLY A 147 25.10 -6.15 -23.40
N LEU A 148 25.20 -6.64 -24.63
CA LEU A 148 26.40 -6.55 -25.47
C LEU A 148 27.55 -7.49 -25.12
N HIS A 149 28.08 -7.37 -23.91
CA HIS A 149 29.21 -8.19 -23.46
C HIS A 149 29.00 -8.69 -22.04
N PHE A 150 29.56 -9.86 -21.75
CA PHE A 150 29.78 -10.27 -20.37
C PHE A 150 31.25 -9.99 -20.07
N THR A 151 31.57 -9.77 -18.80
CA THR A 151 32.90 -9.32 -18.38
C THR A 151 33.49 -10.21 -17.30
N ALA A 152 34.81 -10.11 -17.16
CA ALA A 152 35.56 -10.93 -16.18
C ALA A 152 34.99 -10.73 -14.78
N ASP A 153 34.82 -11.81 -14.05
CA ASP A 153 34.30 -11.74 -12.67
C ASP A 153 35.16 -12.53 -11.68
N GLY A 154 36.42 -12.79 -12.05
CA GLY A 154 37.34 -13.55 -11.20
C GLY A 154 37.06 -15.04 -11.09
N SER A 155 36.09 -15.55 -11.85
CA SER A 155 35.70 -16.95 -11.77
C SER A 155 36.54 -17.86 -12.66
N GLY A 156 37.44 -17.28 -13.46
CA GLY A 156 38.38 -18.05 -14.27
C GLY A 156 37.97 -18.36 -15.71
N ARG A 157 36.67 -18.27 -16.03
CA ARG A 157 36.24 -18.60 -17.40
C ARG A 157 36.50 -17.40 -18.30
N HIS A 158 36.35 -17.60 -19.60
CA HIS A 158 36.45 -16.51 -20.56
C HIS A 158 35.43 -15.42 -20.20
N PRO A 159 35.81 -14.13 -20.32
CA PRO A 159 34.91 -13.03 -19.96
C PRO A 159 33.50 -13.14 -20.56
N GLU A 160 33.41 -13.51 -21.82
CA GLU A 160 32.10 -13.54 -22.51
C GLU A 160 31.20 -14.69 -22.05
N ASN A 161 31.73 -15.62 -21.25
CA ASN A 161 30.97 -16.76 -20.73
C ASN A 161 30.63 -16.65 -19.23
N THR A 162 30.84 -15.50 -18.62
CA THR A 162 30.59 -15.37 -17.19
C THR A 162 29.13 -15.11 -16.84
N TYR A 163 28.35 -14.56 -17.78
CA TYR A 163 26.99 -14.09 -17.52
C TYR A 163 26.95 -12.92 -16.50
N ALA A 164 28.06 -12.18 -16.36
CA ALA A 164 28.15 -11.04 -15.45
C ALA A 164 28.41 -9.72 -16.15
N ASN A 165 27.48 -8.78 -15.98
CA ASN A 165 27.69 -7.38 -16.36
C ASN A 165 26.93 -6.29 -15.60
N GLY A 166 26.14 -6.63 -14.57
CA GLY A 166 25.40 -5.64 -13.80
C GLY A 166 24.26 -4.96 -14.54
N LYS A 167 23.89 -5.47 -15.71
CA LYS A 167 22.88 -4.85 -16.57
C LYS A 167 21.57 -5.59 -16.45
N THR A 168 20.46 -4.84 -16.40
CA THR A 168 19.10 -5.38 -16.40
C THR A 168 18.38 -4.82 -17.60
N GLY A 169 17.50 -5.61 -18.21
CA GLY A 169 16.72 -5.12 -19.36
C GLY A 169 15.59 -4.22 -18.89
N ILE A 170 14.66 -4.80 -18.15
CA ILE A 170 13.52 -4.09 -17.59
C ILE A 170 13.44 -4.41 -16.11
N HIS A 171 13.37 -3.37 -15.29
CA HIS A 171 13.25 -3.49 -13.85
C HIS A 171 12.05 -2.69 -13.40
N VAL A 172 11.08 -3.35 -12.77
CA VAL A 172 9.87 -2.70 -12.24
C VAL A 172 9.99 -2.73 -10.73
N ALA A 173 10.11 -1.55 -10.12
CA ALA A 173 10.40 -1.42 -8.70
C ALA A 173 9.17 -1.22 -7.81
N SER A 174 8.06 -0.81 -8.41
CA SER A 174 6.84 -0.46 -7.68
C SER A 174 5.73 -1.43 -7.93
N ALA A 175 4.76 -1.43 -7.02
CA ALA A 175 3.53 -2.21 -7.18
C ALA A 175 2.86 -1.83 -8.50
N ASN A 176 2.41 -2.84 -9.23
CA ASN A 176 1.96 -2.69 -10.60
C ASN A 176 0.79 -3.63 -10.88
N ASP A 177 -0.07 -3.23 -11.81
CA ASP A 177 -1.27 -3.98 -12.16
C ASP A 177 -1.41 -4.06 -13.68
N SER A 178 -1.72 -5.24 -14.19
CA SER A 178 -2.08 -5.42 -15.62
C SER A 178 -0.94 -5.09 -16.61
N PHE A 179 0.31 -5.20 -16.17
CA PHE A 179 1.48 -5.02 -17.04
C PHE A 179 1.59 -6.17 -18.03
N ARG A 180 2.22 -5.88 -19.17
CA ARG A 180 2.51 -6.90 -20.19
C ARG A 180 3.89 -6.77 -20.75
N VAL A 181 4.55 -7.91 -20.92
CA VAL A 181 5.82 -8.00 -21.64
C VAL A 181 5.59 -9.10 -22.66
N THR A 182 5.63 -8.76 -23.94
CA THR A 182 5.26 -9.69 -25.01
C THR A 182 6.18 -9.58 -26.20
N ASP A 183 6.45 -10.72 -26.85
CA ASP A 183 7.21 -10.75 -28.11
C ASP A 183 8.63 -10.14 -28.08
N MET A 184 9.20 -9.99 -26.88
CA MET A 184 10.50 -9.36 -26.73
C MET A 184 11.63 -10.33 -27.06
N GLY A 185 12.81 -9.76 -27.27
CA GLY A 185 14.06 -10.49 -27.25
C GLY A 185 14.96 -9.85 -26.21
N PHE A 186 15.55 -10.68 -25.36
CA PHE A 186 16.56 -10.21 -24.42
C PHE A 186 17.78 -11.09 -24.60
N VAL A 187 18.96 -10.46 -24.57
CA VAL A 187 20.20 -11.19 -24.82
C VAL A 187 21.36 -10.50 -24.11
N TYR A 188 22.22 -11.30 -23.48
CA TYR A 188 23.49 -10.81 -22.91
C TYR A 188 23.30 -9.75 -21.82
N LEU A 189 22.25 -9.95 -21.02
CA LEU A 189 21.99 -9.15 -19.82
C LEU A 189 22.20 -10.04 -18.60
N GLU A 190 22.82 -9.52 -17.54
CA GLU A 190 22.90 -10.29 -16.29
C GLU A 190 21.51 -10.62 -15.74
N ASN A 191 20.58 -9.67 -15.83
CA ASN A 191 19.17 -9.90 -15.52
C ASN A 191 18.28 -9.38 -16.65
N ALA A 192 17.47 -10.25 -17.25
CA ALA A 192 16.61 -9.78 -18.35
C ALA A 192 15.47 -8.92 -17.85
N LEU A 193 14.68 -9.48 -16.93
CA LEU A 193 13.39 -8.93 -16.54
C LEU A 193 13.16 -9.17 -15.04
N THR A 194 13.13 -8.10 -14.26
CA THR A 194 12.91 -8.20 -12.83
C THR A 194 11.72 -7.35 -12.46
N ILE A 195 10.67 -7.97 -11.92
CA ILE A 195 9.41 -7.25 -11.66
C ILE A 195 8.99 -7.45 -10.22
N HIS A 196 8.98 -6.36 -9.44
CA HIS A 196 8.55 -6.40 -8.03
C HIS A 196 7.05 -6.16 -7.93
N LYS A 197 6.40 -6.85 -6.98
CA LYS A 197 5.06 -6.51 -6.53
C LYS A 197 4.03 -6.49 -7.66
N ALA A 198 4.01 -7.56 -8.46
CA ALA A 198 3.14 -7.63 -9.63
C ALA A 198 1.77 -8.22 -9.33
N ASP A 199 0.74 -7.57 -9.84
CA ASP A 199 -0.63 -8.07 -9.83
C ASP A 199 -1.11 -8.20 -11.28
N ALA A 200 -1.64 -9.37 -11.62
CA ALA A 200 -2.27 -9.60 -12.91
C ALA A 200 -1.34 -9.25 -14.10
N LEU A 201 -0.09 -9.61 -13.93
CA LEU A 201 0.97 -9.47 -14.94
C LEU A 201 0.93 -10.62 -15.96
N SER A 202 1.27 -10.31 -17.21
CA SER A 202 1.40 -11.33 -18.25
C SER A 202 2.76 -11.17 -18.91
N ILE A 203 3.59 -12.22 -18.82
CA ILE A 203 4.84 -12.29 -19.55
C ILE A 203 4.62 -13.41 -20.57
N HIS A 204 4.45 -13.02 -21.83
CA HIS A 204 3.92 -13.91 -22.85
C HIS A 204 4.71 -13.87 -24.15
N HIS A 205 5.12 -15.04 -24.61
CA HIS A 205 5.71 -15.21 -25.94
C HIS A 205 6.99 -14.38 -26.19
N ASN A 206 7.87 -14.36 -25.19
CA ASN A 206 9.15 -13.67 -25.31
C ASN A 206 10.25 -14.68 -25.56
N PHE A 207 11.38 -14.17 -26.07
CA PHE A 207 12.59 -14.93 -26.24
C PHE A 207 13.66 -14.33 -25.31
N ILE A 208 13.98 -15.06 -24.25
CA ILE A 208 14.80 -14.55 -23.15
C ILE A 208 15.93 -15.55 -22.93
N ALA A 209 17.08 -15.27 -23.53
CA ALA A 209 18.14 -16.26 -23.61
C ALA A 209 19.52 -15.63 -23.49
N GLU A 210 20.46 -16.43 -23.05
CA GLU A 210 21.86 -15.96 -22.82
C GLU A 210 21.89 -14.76 -21.88
N CYS A 211 21.05 -14.83 -20.85
CA CYS A 211 21.02 -13.86 -19.77
C CYS A 211 21.33 -14.61 -18.48
N GLY A 212 22.02 -13.96 -17.54
CA GLY A 212 22.36 -14.63 -16.28
C GLY A 212 21.14 -15.17 -15.56
N SER A 213 20.16 -14.29 -15.38
CA SER A 213 18.82 -14.66 -14.95
C SER A 213 17.85 -14.09 -15.94
N CYS A 214 16.79 -14.84 -16.22
CA CYS A 214 15.80 -14.39 -17.18
C CYS A 214 14.61 -13.66 -16.53
N ILE A 215 13.67 -14.39 -15.94
CA ILE A 215 12.46 -13.77 -15.33
C ILE A 215 12.55 -13.91 -13.81
N GLU A 216 12.51 -12.78 -13.09
CA GLU A 216 12.41 -12.76 -11.63
C GLU A 216 11.23 -11.91 -11.19
N LEU A 217 10.29 -12.53 -10.46
CA LEU A 217 9.17 -11.86 -9.84
C LEU A 217 9.44 -11.77 -8.35
N ARG A 218 9.67 -10.55 -7.86
CA ARG A 218 10.21 -10.34 -6.52
C ARG A 218 9.20 -9.62 -5.62
N GLY A 219 9.47 -9.69 -4.31
CA GLY A 219 8.66 -9.02 -3.29
C GLY A 219 7.40 -9.70 -2.86
N TRP A 220 6.49 -9.82 -3.84
CA TRP A 220 5.20 -10.49 -3.69
C TRP A 220 4.47 -10.30 -5.01
N GLY A 221 3.34 -10.98 -5.14
CA GLY A 221 2.46 -10.77 -6.27
C GLY A 221 1.25 -11.68 -6.27
N GLN A 222 0.36 -11.46 -7.24
CA GLN A 222 -0.80 -12.30 -7.39
C GLN A 222 -1.34 -12.33 -8.79
N ALA A 223 -2.07 -13.40 -9.09
CA ALA A 223 -2.89 -13.56 -10.30
C ALA A 223 -2.17 -13.27 -11.61
N SER A 224 -0.90 -13.65 -11.68
CA SER A 224 -0.04 -13.36 -12.82
C SER A 224 0.21 -14.63 -13.63
N LYS A 225 0.80 -14.46 -14.80
CA LYS A 225 1.07 -15.59 -15.68
C LYS A 225 2.30 -15.42 -16.54
N ILE A 226 3.04 -16.51 -16.69
CA ILE A 226 4.26 -16.58 -17.48
C ILE A 226 3.97 -17.72 -18.47
N THR A 227 3.74 -17.36 -19.73
CA THR A 227 3.26 -18.30 -20.73
C THR A 227 3.98 -18.18 -22.06
N ASP A 228 4.24 -19.34 -22.66
CA ASP A 228 4.66 -19.41 -24.06
C ASP A 228 5.97 -18.71 -24.36
N ASN A 229 6.87 -18.71 -23.37
CA ASN A 229 8.19 -18.10 -23.52
C ASN A 229 9.23 -19.17 -23.86
N LEU A 230 10.27 -18.72 -24.55
CA LEU A 230 11.50 -19.49 -24.75
C LEU A 230 12.54 -18.86 -23.84
N VAL A 231 13.11 -19.67 -22.94
CA VAL A 231 13.92 -19.14 -21.85
C VAL A 231 15.19 -19.95 -21.66
N GLY A 232 16.34 -19.28 -21.62
CA GLY A 232 17.59 -19.94 -21.31
C GLY A 232 18.50 -19.01 -20.53
N ALA A 233 18.87 -19.42 -19.33
CA ALA A 233 19.62 -18.56 -18.42
C ALA A 233 21.07 -19.05 -18.22
N GLY A 234 21.73 -18.55 -17.18
CA GLY A 234 23.12 -18.90 -16.86
C GLY A 234 23.23 -19.64 -15.53
N PRO A 235 24.37 -20.31 -15.30
CA PRO A 235 24.47 -21.30 -14.20
C PRO A 235 24.41 -20.78 -12.77
N ARG A 236 24.52 -19.47 -12.58
CA ARG A 236 24.36 -18.84 -11.27
C ARG A 236 23.00 -18.14 -11.15
N GLY A 237 22.15 -18.25 -12.18
CA GLY A 237 20.93 -17.45 -12.22
C GLY A 237 19.68 -18.27 -12.39
N HIS A 238 18.55 -17.56 -12.41
CA HIS A 238 17.22 -18.17 -12.51
C HIS A 238 16.69 -18.09 -13.94
N SER A 239 15.98 -19.12 -14.38
CA SER A 239 15.22 -19.05 -15.63
C SER A 239 13.88 -18.37 -15.34
N ILE A 240 13.09 -18.99 -14.48
CA ILE A 240 11.84 -18.42 -13.97
C ILE A 240 11.91 -18.50 -12.46
N TYR A 241 11.84 -17.34 -11.80
CA TYR A 241 11.88 -17.24 -10.35
C TYR A 241 10.70 -16.41 -9.88
N ALA A 242 10.05 -16.86 -8.81
CA ALA A 242 9.00 -16.07 -8.14
C ALA A 242 9.08 -16.22 -6.63
N GLU A 243 8.78 -15.13 -5.90
CA GLU A 243 8.72 -15.22 -4.45
C GLU A 243 7.43 -14.56 -3.97
N ASN A 244 6.78 -15.22 -3.01
CA ASN A 244 5.59 -14.70 -2.35
C ASN A 244 4.49 -14.33 -3.33
N HIS A 245 4.34 -15.16 -4.36
CA HIS A 245 3.27 -15.02 -5.32
C HIS A 245 2.17 -16.01 -4.96
N GLY A 246 0.93 -15.59 -5.17
CA GLY A 246 -0.25 -16.45 -5.04
C GLY A 246 -0.92 -16.47 -6.39
N GLY A 247 -1.44 -17.61 -6.79
CA GLY A 247 -2.24 -17.66 -8.02
C GLY A 247 -1.46 -17.42 -9.31
N LEU A 248 -0.17 -17.77 -9.29
CA LEU A 248 0.70 -17.66 -10.48
C LEU A 248 0.49 -18.87 -11.40
N LEU A 249 0.42 -18.63 -12.72
CA LEU A 249 0.27 -19.69 -13.71
C LEU A 249 1.50 -19.67 -14.60
N VAL A 250 2.29 -20.74 -14.57
CA VAL A 250 3.48 -20.87 -15.41
C VAL A 250 3.21 -22.02 -16.35
N THR A 251 2.97 -21.74 -17.63
CA THR A 251 2.59 -22.79 -18.57
C THR A 251 3.06 -22.52 -19.98
N ALA A 252 3.26 -23.60 -20.72
CA ALA A 252 3.60 -23.56 -22.13
C ALA A 252 4.93 -22.90 -22.45
N ASN A 253 5.85 -22.92 -21.49
CA ASN A 253 7.17 -22.38 -21.71
C ASN A 253 8.08 -23.53 -22.16
N ASN A 254 9.03 -23.18 -23.02
CA ASN A 254 10.12 -24.06 -23.39
C ASN A 254 11.39 -23.50 -22.76
N VAL A 255 11.82 -24.13 -21.68
CA VAL A 255 12.95 -23.67 -20.90
C VAL A 255 14.10 -24.62 -21.20
N PHE A 256 15.18 -24.05 -21.71
CA PHE A 256 16.36 -24.79 -22.11
C PHE A 256 17.52 -24.31 -21.21
N PRO A 257 18.69 -24.98 -21.27
CA PRO A 257 19.77 -24.59 -20.37
C PRO A 257 20.27 -23.16 -20.60
N ARG A 258 21.04 -22.57 -19.67
CA ARG A 258 21.72 -23.27 -18.57
C ARG A 258 21.59 -22.53 -17.25
N GLY A 259 20.36 -22.15 -16.91
CA GLY A 259 20.03 -21.67 -15.59
C GLY A 259 20.44 -22.63 -14.49
N ALA A 260 20.63 -22.10 -13.29
CA ALA A 260 20.80 -22.91 -12.08
C ALA A 260 19.59 -23.82 -11.87
N SER A 261 18.44 -23.27 -12.25
CA SER A 261 17.18 -23.98 -12.23
C SER A 261 16.32 -23.52 -13.42
N SER A 262 15.26 -24.29 -13.67
CA SER A 262 14.23 -23.95 -14.66
C SER A 262 13.12 -23.08 -14.04
N VAL A 263 12.63 -23.50 -12.87
CA VAL A 263 11.58 -22.78 -12.12
C VAL A 263 11.94 -22.83 -10.64
N HIS A 264 11.99 -21.66 -9.99
CA HIS A 264 12.39 -21.59 -8.57
C HIS A 264 11.37 -20.73 -7.85
N PHE A 265 10.69 -21.32 -6.87
CA PHE A 265 9.67 -20.66 -6.07
C PHE A 265 10.18 -20.56 -4.63
N LYS A 266 10.02 -19.38 -4.03
CA LYS A 266 10.21 -19.18 -2.60
C LYS A 266 8.92 -18.60 -2.04
N GLY A 267 8.27 -19.32 -1.13
CA GLY A 267 7.01 -18.88 -0.53
C GLY A 267 5.88 -18.63 -1.51
N VAL A 268 5.86 -19.39 -2.61
CA VAL A 268 4.81 -19.30 -3.60
C VAL A 268 3.70 -20.28 -3.22
N THR A 269 2.45 -19.84 -3.28
CA THR A 269 1.32 -20.64 -2.88
C THR A 269 0.25 -20.66 -3.95
N ARG A 270 -0.53 -21.73 -3.98
CA ARG A 270 -1.79 -21.76 -4.75
C ARG A 270 -1.56 -21.36 -6.21
N SER A 271 -0.49 -21.92 -6.77
CA SER A 271 -0.04 -21.61 -8.12
C SER A 271 0.09 -22.90 -8.91
N SER A 272 0.38 -22.76 -10.20
CA SER A 272 0.47 -23.89 -11.11
C SER A 272 1.67 -23.78 -12.03
N VAL A 273 2.49 -24.82 -12.03
CA VAL A 273 3.60 -24.96 -12.97
C VAL A 273 3.25 -26.20 -13.78
N THR A 274 2.67 -25.99 -14.96
CA THR A 274 2.01 -27.05 -15.68
C THR A 274 2.26 -26.93 -17.16
N ASN A 275 2.46 -28.07 -17.81
CA ASN A 275 2.62 -28.13 -19.24
C ASN A 275 3.75 -27.25 -19.77
N ASN A 276 4.92 -27.38 -19.14
CA ASN A 276 6.14 -26.76 -19.64
C ASN A 276 7.09 -27.83 -20.13
N ARG A 277 7.90 -27.50 -21.12
CA ARG A 277 9.02 -28.35 -21.48
C ARG A 277 10.24 -27.74 -20.79
N LEU A 278 10.93 -28.55 -20.00
CA LEU A 278 12.03 -28.07 -19.15
C LEU A 278 13.27 -28.89 -19.44
N HIS A 279 14.37 -28.23 -19.80
CA HIS A 279 15.64 -28.91 -20.12
C HIS A 279 16.77 -28.25 -19.34
N ALA A 280 17.49 -29.06 -18.57
CA ALA A 280 18.60 -28.59 -17.78
C ALA A 280 19.81 -29.50 -17.94
N PHE A 281 20.98 -28.93 -17.65
CA PHE A 281 22.24 -29.68 -17.61
C PHE A 281 22.67 -29.97 -16.17
N TYR A 282 21.86 -29.56 -15.18
CA TYR A 282 22.18 -29.71 -13.76
C TYR A 282 20.96 -30.15 -12.94
N PRO A 283 21.19 -30.69 -11.74
CA PRO A 283 20.06 -30.98 -10.82
C PRO A 283 19.39 -29.71 -10.30
N GLY A 284 18.26 -29.90 -9.65
CA GLY A 284 17.49 -28.81 -9.08
C GLY A 284 16.76 -28.00 -10.12
N MET A 285 16.03 -28.69 -11.00
CA MET A 285 15.36 -28.03 -12.11
C MET A 285 14.15 -27.23 -11.65
N VAL A 286 13.33 -27.83 -10.80
CA VAL A 286 12.14 -27.15 -10.25
C VAL A 286 12.24 -27.21 -8.74
N ARG A 287 12.29 -26.03 -8.10
CA ARG A 287 12.51 -25.90 -6.66
C ARG A 287 11.34 -25.15 -6.03
N LEU A 288 10.61 -25.84 -5.16
CA LEU A 288 9.57 -25.22 -4.36
C LEU A 288 10.16 -25.12 -2.96
N GLU A 289 10.47 -23.90 -2.52
CA GLU A 289 11.22 -23.67 -1.27
C GLU A 289 10.50 -22.72 -0.36
N GLU A 290 10.91 -22.73 0.91
CA GLU A 290 10.44 -21.79 1.92
C GLU A 290 8.92 -21.70 1.99
N ASN A 291 8.30 -22.82 2.37
CA ASN A 291 6.86 -22.96 2.49
C ASN A 291 6.12 -22.65 1.17
N SER A 292 6.57 -23.27 0.10
CA SER A 292 5.83 -23.20 -1.16
C SER A 292 4.77 -24.30 -1.13
N SER A 293 3.51 -23.91 -1.03
CA SER A 293 2.41 -24.81 -0.67
C SER A 293 1.21 -24.70 -1.59
N GLU A 294 0.44 -25.78 -1.67
CA GLU A 294 -0.81 -25.84 -2.48
C GLU A 294 -0.62 -25.49 -3.96
N ASN A 295 0.51 -25.93 -4.51
CA ASN A 295 0.85 -25.71 -5.91
C ASN A 295 0.64 -26.97 -6.71
N LEU A 296 0.23 -26.80 -7.96
CA LEU A 296 0.09 -27.88 -8.89
C LEU A 296 1.32 -27.88 -9.79
N VAL A 297 2.00 -29.03 -9.85
CA VAL A 297 3.12 -29.23 -10.77
C VAL A 297 2.71 -30.41 -11.62
N ALA A 298 2.25 -30.14 -12.85
CA ALA A 298 1.57 -31.16 -13.62
C ALA A 298 1.99 -31.18 -15.05
N THR A 299 2.02 -32.38 -15.62
CA THR A 299 2.23 -32.62 -17.06
C THR A 299 3.37 -31.80 -17.67
N ASN A 300 4.48 -31.69 -16.94
CA ASN A 300 5.68 -31.06 -17.45
C ASN A 300 6.58 -32.17 -18.01
N HIS A 301 7.36 -31.83 -19.03
CA HIS A 301 8.40 -32.72 -19.52
C HIS A 301 9.76 -32.22 -19.01
N PHE A 302 10.39 -33.02 -18.16
CA PHE A 302 11.71 -32.71 -17.60
C PHE A 302 12.75 -33.54 -18.35
N LEU A 303 13.81 -32.89 -18.83
CA LEU A 303 15.01 -33.59 -19.31
C LEU A 303 16.19 -33.02 -18.55
N ARG A 304 16.95 -33.87 -17.87
CA ARG A 304 18.26 -33.51 -17.30
C ARG A 304 19.32 -34.36 -18.01
N ASP A 305 20.24 -33.72 -18.71
CA ASP A 305 21.37 -34.41 -19.32
C ASP A 305 22.66 -33.62 -19.09
N HIS A 306 23.73 -33.92 -19.83
CA HIS A 306 25.03 -33.28 -19.61
C HIS A 306 25.32 -32.23 -20.69
N GLU A 307 25.88 -31.10 -20.28
CA GLU A 307 26.39 -30.05 -21.19
C GLU A 307 27.25 -30.65 -22.28
N PRO A 308 26.87 -30.44 -23.56
CA PRO A 308 27.71 -31.01 -24.62
C PRO A 308 28.78 -30.05 -25.15
N TRP A 309 28.69 -28.76 -24.83
CA TRP A 309 29.48 -27.73 -25.50
C TRP A 309 30.75 -27.40 -24.71
N THR A 310 31.91 -27.59 -25.33
CA THR A 310 33.23 -27.43 -24.68
C THR A 310 33.42 -26.24 -23.76
N PRO A 311 33.07 -25.01 -24.20
CA PRO A 311 33.28 -23.84 -23.33
C PRO A 311 32.61 -23.89 -21.94
N PHE A 312 31.54 -24.69 -21.80
CA PHE A 312 30.85 -24.82 -20.50
C PHE A 312 31.01 -26.20 -19.88
N PHE A 313 31.92 -27.01 -20.44
CA PHE A 313 32.25 -28.28 -19.83
C PHE A 313 32.96 -27.94 -18.52
N GLY A 314 32.56 -28.62 -17.46
CA GLY A 314 33.04 -28.36 -16.12
C GLY A 314 32.25 -27.32 -15.34
N VAL A 315 31.41 -26.54 -16.02
CA VAL A 315 30.65 -25.48 -15.36
C VAL A 315 29.33 -26.07 -14.88
N ASP A 316 28.93 -25.78 -13.66
CA ASP A 316 27.64 -26.25 -13.16
C ASP A 316 27.05 -25.32 -12.10
N ASN A 317 25.93 -25.74 -11.48
CA ASN A 317 25.21 -24.91 -10.52
C ASN A 317 25.56 -25.21 -9.06
N GLY A 318 26.59 -26.02 -8.82
CA GLY A 318 27.02 -26.33 -7.47
C GLY A 318 26.22 -27.41 -6.76
N LEU A 319 25.16 -27.95 -7.37
CA LEU A 319 24.29 -28.93 -6.69
C LEU A 319 24.58 -30.34 -7.16
N ASP A 320 24.49 -31.30 -6.24
CA ASP A 320 24.76 -32.68 -6.58
C ASP A 320 23.48 -33.42 -6.99
N ASP A 321 23.64 -34.66 -7.44
CA ASP A 321 22.53 -35.44 -7.98
C ASP A 321 21.52 -35.95 -6.95
N LEU A 322 21.82 -35.78 -5.66
CA LEU A 322 20.87 -36.08 -4.58
C LEU A 322 19.86 -34.96 -4.35
N THR A 323 20.08 -33.80 -4.98
CA THR A 323 19.17 -32.67 -4.86
C THR A 323 17.76 -32.97 -5.33
N GLY A 324 17.65 -33.75 -6.39
CA GLY A 324 16.40 -33.96 -7.09
C GLY A 324 16.30 -33.08 -8.31
N LEU A 325 15.57 -33.55 -9.32
CA LEU A 325 15.16 -32.66 -10.41
C LEU A 325 14.01 -31.75 -9.97
N LEU A 326 13.13 -32.27 -9.12
CA LEU A 326 12.04 -31.52 -8.50
C LEU A 326 12.20 -31.68 -7.00
N SER A 327 12.37 -30.55 -6.31
CA SER A 327 12.60 -30.53 -4.87
C SER A 327 11.49 -29.70 -4.25
N ILE A 328 10.88 -30.21 -3.19
CA ILE A 328 9.73 -29.58 -2.55
C ILE A 328 9.97 -29.44 -1.04
N SER A 329 9.87 -28.19 -0.59
CA SER A 329 9.81 -27.84 0.83
C SER A 329 8.54 -27.01 1.05
N GLY A 330 7.47 -27.70 1.47
CA GLY A 330 6.17 -27.08 1.64
C GLY A 330 5.07 -28.11 1.71
N ASN A 331 3.84 -27.62 1.91
CA ASN A 331 2.71 -28.47 2.26
C ASN A 331 1.72 -28.56 1.11
N ASN A 332 1.07 -29.72 1.00
CA ASN A 332 -0.20 -29.81 0.29
C ASN A 332 -0.08 -29.50 -1.21
N ASN A 333 1.10 -29.79 -1.77
CA ASN A 333 1.32 -29.62 -3.19
C ASN A 333 0.79 -30.84 -3.94
N SER A 334 0.72 -30.71 -5.27
CA SER A 334 0.19 -31.74 -6.13
C SER A 334 1.12 -31.90 -7.31
N VAL A 335 1.74 -33.08 -7.42
CA VAL A 335 2.74 -33.37 -8.47
C VAL A 335 2.18 -34.50 -9.30
N ILE A 336 1.61 -34.18 -10.47
CA ILE A 336 0.79 -35.13 -11.21
C ILE A 336 1.15 -35.17 -12.69
N GLY A 337 1.34 -36.38 -13.20
CA GLY A 337 1.41 -36.59 -14.65
C GLY A 337 2.65 -36.06 -15.36
N ASN A 338 3.75 -35.93 -14.63
CA ASN A 338 4.99 -35.42 -15.21
C ASN A 338 5.82 -36.56 -15.83
N HIS A 339 6.61 -36.21 -16.84
CA HIS A 339 7.63 -37.07 -17.43
C HIS A 339 9.01 -36.57 -17.04
N PHE A 340 9.84 -37.47 -16.51
CA PHE A 340 11.24 -37.17 -16.15
C PHE A 340 12.18 -38.08 -16.94
N SER A 341 13.01 -37.48 -17.80
CA SER A 341 14.13 -38.17 -18.46
C SER A 341 15.44 -37.73 -17.83
N GLU A 342 16.16 -38.70 -17.27
CA GLU A 342 17.41 -38.48 -16.54
C GLU A 342 18.48 -39.19 -17.36
N VAL A 343 19.40 -38.42 -17.92
CA VAL A 343 20.40 -38.97 -18.84
C VAL A 343 21.77 -38.59 -18.30
N VAL A 344 22.39 -39.48 -17.53
CA VAL A 344 23.69 -39.17 -16.93
C VAL A 344 24.65 -40.37 -16.97
N ASP A 345 25.93 -40.04 -17.10
CA ASP A 345 27.03 -40.99 -17.04
C ASP A 345 27.31 -41.30 -15.57
N ALA A 346 27.51 -42.57 -15.24
CA ALA A 346 27.95 -42.95 -13.89
C ALA A 346 29.18 -42.15 -13.42
N ASN A 347 30.10 -41.86 -14.35
CA ASN A 347 31.28 -41.03 -14.08
C ASN A 347 31.01 -39.62 -13.58
N GLU A 348 30.00 -38.97 -14.14
CA GLU A 348 29.69 -37.58 -13.77
C GLU A 348 28.61 -37.40 -12.67
N ILE A 349 28.14 -38.51 -12.08
CA ILE A 349 27.21 -38.45 -10.93
C ILE A 349 28.00 -37.95 -9.72
N ARG A 350 27.39 -37.05 -8.95
CA ARG A 350 27.97 -36.54 -7.71
C ARG A 350 26.95 -36.63 -6.57
N PRO A 351 27.37 -36.99 -5.34
CA PRO A 351 28.73 -37.46 -5.04
C PRO A 351 29.00 -38.82 -5.68
N GLU A 352 30.27 -39.18 -5.81
CA GLU A 352 30.63 -40.41 -6.53
C GLU A 352 29.95 -41.61 -5.87
N GLY A 353 29.43 -42.52 -6.69
CA GLY A 353 28.70 -43.70 -6.21
C GLY A 353 27.26 -43.48 -5.77
N ALA A 354 26.75 -42.24 -5.84
CA ALA A 354 25.38 -41.95 -5.41
C ALA A 354 24.37 -42.41 -6.45
N THR A 355 23.11 -42.51 -6.03
CA THR A 355 21.99 -42.82 -6.92
C THR A 355 21.22 -41.52 -7.10
N PRO A 356 21.06 -41.03 -8.34
CA PRO A 356 20.31 -39.78 -8.52
C PRO A 356 18.88 -39.83 -8.01
N VAL A 357 18.41 -38.69 -7.48
CA VAL A 357 17.06 -38.53 -6.98
C VAL A 357 16.26 -37.73 -8.04
N ILE A 358 15.04 -38.15 -8.32
CA ILE A 358 14.20 -37.42 -9.28
C ILE A 358 13.32 -36.40 -8.53
N ILE A 359 12.42 -36.89 -7.69
CA ILE A 359 11.57 -36.03 -6.87
C ILE A 359 12.02 -36.13 -5.41
N ARG A 360 12.35 -35.00 -4.78
CA ARG A 360 12.70 -35.00 -3.35
C ARG A 360 11.76 -34.13 -2.54
N LEU A 361 11.15 -34.72 -1.50
CA LEU A 361 10.37 -33.98 -0.51
C LEU A 361 11.23 -33.79 0.75
N THR A 362 11.73 -32.57 0.95
CA THR A 362 12.64 -32.29 2.05
C THR A 362 11.94 -31.85 3.34
N ALA A 363 10.75 -31.28 3.20
CA ALA A 363 9.97 -30.84 4.36
C ALA A 363 8.54 -30.57 3.94
N GLY A 364 7.63 -30.60 4.90
CA GLY A 364 6.23 -30.35 4.65
C GLY A 364 5.37 -31.60 4.66
N THR A 365 4.07 -31.39 4.69
CA THR A 365 3.10 -32.45 4.86
C THR A 365 2.05 -32.38 3.78
N GLY A 366 1.40 -33.51 3.51
CA GLY A 366 0.22 -33.54 2.65
C GLY A 366 0.44 -33.39 1.16
N ASN A 367 1.66 -33.62 0.70
CA ASN A 367 1.99 -33.56 -0.74
C ASN A 367 1.46 -34.82 -1.42
N PHE A 368 0.84 -34.62 -2.58
CA PHE A 368 0.20 -35.69 -3.35
C PHE A 368 1.03 -35.83 -4.62
N VAL A 369 1.69 -36.96 -4.77
CA VAL A 369 2.58 -37.23 -5.92
C VAL A 369 2.01 -38.44 -6.61
N SER A 370 1.47 -38.27 -7.82
CA SER A 370 0.82 -39.36 -8.51
C SER A 370 1.07 -39.38 -10.01
N THR A 371 1.27 -40.58 -10.54
CA THR A 371 1.22 -40.84 -11.97
C THR A 371 2.34 -40.09 -12.68
N ASN A 372 3.57 -40.29 -12.22
CA ASN A 372 4.75 -39.68 -12.81
C ASN A 372 5.61 -40.79 -13.39
N HIS A 373 6.12 -40.56 -14.60
CA HIS A 373 6.93 -41.57 -15.28
C HIS A 373 8.39 -41.14 -15.26
N VAL A 374 9.25 -42.00 -14.72
CA VAL A 374 10.69 -41.73 -14.63
C VAL A 374 11.44 -42.66 -15.60
N VAL A 375 12.30 -42.08 -16.43
CA VAL A 375 13.11 -42.81 -17.40
C VAL A 375 14.55 -42.40 -17.15
N ALA A 376 15.41 -43.37 -16.83
CA ALA A 376 16.81 -43.09 -16.52
C ALA A 376 17.72 -43.90 -17.41
N MET A 377 18.73 -43.24 -17.98
CA MET A 377 19.68 -43.89 -18.89
C MET A 377 21.12 -43.47 -18.60
N ASP A 378 22.01 -44.46 -18.61
CA ASP A 378 23.46 -44.24 -18.57
C ASP A 378 23.93 -44.30 -20.01
N VAL A 379 24.40 -43.16 -20.54
CA VAL A 379 24.82 -43.05 -21.94
C VAL A 379 26.33 -42.82 -22.08
N ASP A 402 19.74 -49.00 -18.83
CA ASP A 402 19.18 -48.10 -17.82
C ASP A 402 20.09 -47.92 -16.62
N LEU A 403 19.74 -46.91 -15.82
CA LEU A 403 20.51 -46.46 -14.67
C LEU A 403 19.55 -46.41 -13.49
N ALA A 404 19.99 -46.92 -12.33
CA ALA A 404 19.14 -46.92 -11.14
C ALA A 404 18.96 -45.49 -10.66
N VAL A 405 17.72 -45.11 -10.34
CA VAL A 405 17.44 -43.82 -9.74
C VAL A 405 16.45 -44.01 -8.64
N THR A 406 16.40 -43.04 -7.74
CA THR A 406 15.38 -42.96 -6.71
C THR A 406 14.33 -42.01 -7.30
N ALA A 407 13.14 -42.54 -7.59
CA ALA A 407 12.07 -41.73 -8.21
C ALA A 407 11.52 -40.69 -7.25
N VAL A 408 11.29 -41.13 -6.00
CA VAL A 408 10.76 -40.25 -4.96
C VAL A 408 11.49 -40.52 -3.65
N LEU A 409 12.10 -39.49 -3.10
CA LEU A 409 12.77 -39.54 -1.80
C LEU A 409 12.04 -38.61 -0.85
N VAL A 410 11.47 -39.17 0.20
CA VAL A 410 10.81 -38.39 1.24
C VAL A 410 11.74 -38.37 2.44
N ASP A 411 12.31 -37.21 2.71
CA ASP A 411 13.15 -37.04 3.89
C ASP A 411 12.32 -37.18 5.18
N PRO A 412 12.99 -37.52 6.31
CA PRO A 412 12.26 -37.62 7.59
C PRO A 412 11.48 -36.37 8.01
N GLY A 413 11.97 -35.19 7.64
CA GLY A 413 11.30 -33.93 7.95
C GLY A 413 10.10 -33.61 7.07
N SER A 414 9.76 -34.49 6.12
CA SER A 414 8.49 -34.42 5.39
C SER A 414 7.67 -35.67 5.71
N ALA A 415 6.37 -35.51 5.96
CA ALA A 415 5.53 -36.68 6.30
C ALA A 415 4.08 -36.50 5.91
N ARG A 416 3.31 -37.57 6.03
CA ARG A 416 1.89 -37.59 5.67
C ARG A 416 1.68 -37.18 4.21
N ASN A 417 2.56 -37.68 3.36
CA ASN A 417 2.48 -37.50 1.92
C ASN A 417 1.81 -38.74 1.33
N THR A 418 1.33 -38.58 0.10
CA THR A 418 0.69 -39.66 -0.64
C THR A 418 1.46 -39.80 -1.96
N ILE A 419 1.98 -41.00 -2.20
CA ILE A 419 2.85 -41.27 -3.37
C ILE A 419 2.28 -42.47 -4.14
N LEU A 420 1.76 -42.19 -5.33
CA LEU A 420 1.06 -43.21 -6.13
C LEU A 420 1.67 -43.31 -7.51
N ASP A 421 1.94 -44.54 -7.95
CA ASP A 421 2.29 -44.80 -9.34
C ASP A 421 3.35 -43.83 -9.88
N SER A 422 4.39 -43.62 -9.07
CA SER A 422 5.49 -42.73 -9.41
C SER A 422 6.83 -43.41 -9.19
N GLY A 423 6.84 -44.74 -9.23
CA GLY A 423 8.04 -45.52 -9.04
C GLY A 423 7.72 -46.86 -8.40
N SER A 424 8.55 -47.84 -8.71
CA SER A 424 8.51 -49.14 -8.04
C SER A 424 8.80 -48.95 -6.56
N ASP A 425 8.53 -49.99 -5.80
CA ASP A 425 8.77 -49.96 -4.37
C ASP A 425 10.22 -49.55 -4.04
N THR A 426 11.19 -50.15 -4.75
CA THR A 426 12.63 -49.81 -4.62
C THR A 426 12.92 -48.33 -4.93
N GLN A 427 12.26 -47.80 -5.96
CA GLN A 427 12.42 -46.41 -6.37
C GLN A 427 11.78 -45.36 -5.42
N VAL A 428 10.98 -45.79 -4.47
CA VAL A 428 10.36 -44.87 -3.50
C VAL A 428 11.03 -45.06 -2.15
N VAL A 429 11.77 -44.05 -1.73
CA VAL A 429 12.48 -44.09 -0.46
C VAL A 429 11.70 -43.19 0.49
N ALA A 430 11.10 -43.79 1.51
CA ALA A 430 10.15 -43.11 2.41
C ALA A 430 9.73 -43.99 3.56
N ASP A 431 9.47 -43.38 4.70
CA ASP A 431 8.90 -44.09 5.84
C ASP A 431 7.45 -44.52 5.51
N ARG A 432 7.24 -45.82 5.32
CA ARG A 432 5.89 -46.37 5.07
C ARG A 432 4.91 -46.18 6.23
N ALA A 433 5.40 -45.99 7.45
CA ALA A 433 4.53 -45.79 8.61
C ALA A 433 3.78 -44.45 8.62
N VAL A 434 4.33 -43.44 7.95
CA VAL A 434 3.74 -42.09 7.97
C VAL A 434 3.51 -41.47 6.59
N ASN A 435 3.67 -42.25 5.53
CA ASN A 435 3.33 -41.82 4.17
C ASN A 435 2.55 -42.94 3.51
N ALA A 436 1.56 -42.58 2.69
CA ALA A 436 0.75 -43.56 1.98
C ALA A 436 1.38 -43.80 0.62
N ILE A 437 1.86 -45.03 0.40
CA ILE A 437 2.62 -45.36 -0.79
C ILE A 437 1.97 -46.49 -1.59
N ARG A 438 1.72 -46.24 -2.87
CA ARG A 438 1.35 -47.31 -3.81
C ARG A 438 2.41 -47.35 -4.88
N ALA A 439 3.18 -48.44 -4.90
CA ALA A 439 4.20 -48.65 -5.89
C ALA A 439 3.56 -48.83 -7.28
N THR A 440 4.22 -48.34 -8.31
CA THR A 440 3.83 -48.66 -9.68
C THR A 440 3.96 -50.18 -9.82
N PRO A 441 2.90 -50.86 -10.33
CA PRO A 441 2.99 -52.31 -10.56
C PRO A 441 4.15 -52.65 -11.49
N THR A 442 4.82 -53.77 -11.25
CA THR A 442 6.00 -54.15 -12.03
C THR A 442 5.71 -55.36 -12.93
N VAL A 443 6.58 -55.57 -13.90
CA VAL A 443 6.32 -56.51 -15.00
C VAL A 443 6.38 -57.95 -14.52
N GLY A 444 7.53 -58.34 -13.96
CA GLY A 444 7.73 -59.69 -13.40
C GLY A 444 7.99 -60.75 -14.44
N SER B 3 15.47 3.43 -44.89
CA SER B 3 16.33 4.41 -44.15
C SER B 3 16.29 4.16 -42.63
N ASN B 4 15.12 4.34 -42.02
CA ASN B 4 14.87 3.83 -40.65
C ASN B 4 14.40 2.36 -40.69
N ASN B 5 14.62 1.66 -41.81
CA ASN B 5 14.43 0.22 -41.94
C ASN B 5 12.96 -0.23 -41.87
N ARG B 6 12.02 0.68 -42.18
CA ARG B 6 10.60 0.33 -42.24
C ARG B 6 10.14 0.58 -43.67
N TYR B 7 9.51 -0.43 -44.28
CA TYR B 7 9.01 -0.34 -45.64
C TYR B 7 7.53 -0.68 -45.68
N ASP B 8 6.85 -0.10 -46.66
CA ASP B 8 5.45 -0.39 -46.93
C ASP B 8 5.40 -0.80 -48.42
N VAL B 9 4.90 -1.99 -48.69
CA VAL B 9 4.90 -2.52 -50.07
C VAL B 9 4.09 -1.66 -51.05
N THR B 10 3.16 -0.84 -50.56
CA THR B 10 2.40 0.09 -51.40
C THR B 10 3.06 1.45 -51.58
N GLU B 11 4.19 1.68 -50.91
CA GLU B 11 4.95 2.94 -51.00
C GLU B 11 6.37 2.79 -51.57
N TRP B 12 6.78 1.58 -51.90
CA TRP B 12 8.09 1.35 -52.51
C TRP B 12 8.00 1.70 -54.01
N PRO B 13 8.87 2.62 -54.48
CA PRO B 13 8.65 3.13 -55.85
C PRO B 13 8.92 2.15 -57.02
N ALA B 14 9.57 1.02 -56.76
CA ALA B 14 9.85 0.01 -57.78
C ALA B 14 8.85 -1.16 -57.78
N GLY B 15 8.18 -1.36 -58.91
CA GLY B 15 7.24 -2.46 -59.07
C GLY B 15 5.85 -2.11 -58.59
N ASN B 16 4.96 -3.10 -58.66
CA ASN B 16 3.55 -2.91 -58.32
C ASN B 16 3.11 -4.12 -57.50
N PRO B 17 2.80 -3.93 -56.20
CA PRO B 17 2.48 -5.10 -55.36
C PRO B 17 1.18 -5.79 -55.73
N ALA B 18 0.27 -5.09 -56.42
CA ALA B 18 -0.94 -5.72 -56.95
C ALA B 18 -0.58 -6.78 -58.01
N LYS B 19 0.41 -6.48 -58.87
CA LYS B 19 0.80 -7.37 -59.97
C LYS B 19 1.88 -8.38 -59.58
N ASP B 20 2.93 -7.92 -58.89
CA ASP B 20 3.95 -8.82 -58.39
C ASP B 20 4.63 -8.29 -57.12
N ILE B 21 4.02 -8.61 -55.98
CA ILE B 21 4.59 -8.27 -54.65
C ILE B 21 5.90 -9.00 -54.37
N GLY B 22 6.11 -10.13 -55.04
CA GLY B 22 7.38 -10.84 -54.98
C GLY B 22 8.55 -9.97 -55.40
N GLU B 23 8.42 -9.36 -56.57
CA GLU B 23 9.41 -8.41 -57.09
C GLU B 23 9.61 -7.25 -56.12
N VAL B 24 8.52 -6.71 -55.61
CA VAL B 24 8.58 -5.56 -54.68
C VAL B 24 9.40 -5.93 -53.43
N ILE B 25 9.07 -7.05 -52.80
CA ILE B 25 9.74 -7.45 -51.57
C ILE B 25 11.20 -7.80 -51.81
N ASN B 26 11.49 -8.49 -52.92
CA ASN B 26 12.88 -8.77 -53.32
C ASN B 26 13.68 -7.49 -53.53
N SER B 27 13.06 -6.50 -54.15
CA SER B 27 13.68 -5.17 -54.35
C SER B 27 13.97 -4.48 -53.01
N ILE B 28 13.02 -4.56 -52.08
CA ILE B 28 13.21 -4.04 -50.72
C ILE B 28 14.37 -4.74 -50.03
N ILE B 29 14.43 -6.07 -50.12
CA ILE B 29 15.53 -6.84 -49.51
C ILE B 29 16.89 -6.45 -50.10
N ALA B 30 16.93 -6.21 -51.41
CA ALA B 30 18.18 -5.73 -52.05
C ALA B 30 18.61 -4.37 -51.46
N ASP B 31 17.65 -3.48 -51.22
CA ASP B 31 17.91 -2.17 -50.60
C ASP B 31 18.46 -2.31 -49.18
N ILE B 32 17.84 -3.18 -48.40
CA ILE B 32 18.31 -3.46 -47.02
C ILE B 32 19.77 -3.92 -47.08
N LYS B 33 20.07 -4.87 -47.97
CA LYS B 33 21.44 -5.39 -48.10
C LYS B 33 22.41 -4.30 -48.55
N ALA B 34 21.99 -3.46 -49.48
CA ALA B 34 22.84 -2.36 -49.96
C ALA B 34 23.17 -1.37 -48.84
N ARG B 35 22.20 -1.07 -47.97
CA ARG B 35 22.43 -0.15 -46.85
C ARG B 35 23.12 -0.78 -45.65
N GLN B 36 22.94 -2.09 -45.44
CA GLN B 36 23.47 -2.78 -44.26
C GLN B 36 24.57 -3.74 -44.67
N GLY B 37 25.62 -3.19 -45.25
CA GLY B 37 26.75 -3.98 -45.76
C GLY B 37 27.80 -4.34 -44.72
N ALA B 38 27.90 -3.58 -43.63
CA ALA B 38 28.97 -3.75 -42.64
C ALA B 38 28.44 -4.42 -41.36
N ALA B 39 29.09 -5.50 -40.93
CA ALA B 39 28.62 -6.31 -39.80
C ALA B 39 29.05 -5.81 -38.42
N ASP B 40 30.06 -4.93 -38.34
CA ASP B 40 30.58 -4.50 -37.05
C ASP B 40 30.96 -3.02 -37.06
N VAL B 41 29.96 -2.17 -37.03
CA VAL B 41 30.17 -0.73 -36.97
C VAL B 41 29.42 -0.23 -35.74
N ASP B 42 30.16 0.33 -34.79
CA ASP B 42 29.57 0.92 -33.60
C ASP B 42 28.70 -0.12 -32.85
N ASP B 43 29.23 -1.35 -32.71
CA ASP B 43 28.53 -2.45 -32.05
C ASP B 43 27.25 -2.95 -32.77
N GLY B 44 27.16 -2.72 -34.08
CA GLY B 44 26.01 -3.16 -34.85
C GLY B 44 26.31 -3.14 -36.33
N GLY B 45 25.25 -2.94 -37.14
CA GLY B 45 25.40 -2.77 -38.58
C GLY B 45 24.41 -3.49 -39.47
N LYS B 46 23.88 -4.62 -39.00
CA LYS B 46 22.89 -5.37 -39.79
C LYS B 46 21.66 -5.69 -38.94
N PRO B 47 20.94 -4.64 -38.49
CA PRO B 47 19.77 -4.85 -37.63
C PRO B 47 18.53 -5.41 -38.31
N GLY B 48 18.52 -5.45 -39.65
CA GLY B 48 17.38 -5.96 -40.37
C GLY B 48 16.37 -4.86 -40.64
N ALA B 49 15.11 -5.25 -40.78
CA ALA B 49 14.08 -4.33 -41.25
C ALA B 49 12.70 -4.90 -41.05
N VAL B 50 11.69 -4.07 -41.26
CA VAL B 50 10.31 -4.52 -41.25
C VAL B 50 9.66 -4.10 -42.55
N ILE B 51 8.86 -5.00 -43.14
CA ILE B 51 8.12 -4.75 -44.37
C ILE B 51 6.66 -4.93 -44.05
N TYR B 52 5.88 -3.88 -44.27
CA TYR B 52 4.46 -3.85 -43.94
C TYR B 52 3.59 -4.05 -45.20
N LEU B 53 2.60 -4.92 -45.07
CA LEU B 53 1.60 -5.17 -46.09
C LEU B 53 0.27 -4.65 -45.57
N PRO B 54 -0.20 -3.49 -46.06
CA PRO B 54 -1.56 -3.06 -45.71
C PRO B 54 -2.58 -4.08 -46.22
N PRO B 55 -3.81 -4.08 -45.68
CA PRO B 55 -4.85 -4.95 -46.23
C PRO B 55 -5.03 -4.70 -47.72
N GLY B 56 -5.14 -5.77 -48.50
CA GLY B 56 -5.14 -5.66 -49.95
C GLY B 56 -4.97 -6.99 -50.63
N ASP B 57 -5.25 -7.03 -51.93
CA ASP B 57 -5.05 -8.21 -52.76
C ASP B 57 -3.75 -8.07 -53.55
N TYR B 58 -2.74 -8.88 -53.21
CA TYR B 58 -1.41 -8.77 -53.81
C TYR B 58 -1.03 -10.05 -54.53
N HIS B 59 -0.85 -9.99 -55.85
CA HIS B 59 -0.38 -11.15 -56.60
C HIS B 59 1.13 -11.30 -56.46
N LEU B 60 1.56 -12.53 -56.16
CA LEU B 60 2.97 -12.88 -56.10
C LEU B 60 3.27 -13.78 -57.28
N ARG B 61 4.13 -13.31 -58.18
CA ARG B 61 4.57 -14.06 -59.36
C ARG B 61 6.05 -14.43 -59.37
N THR B 62 6.80 -13.86 -58.41
CA THR B 62 8.22 -14.16 -58.23
C THR B 62 8.43 -14.59 -56.78
N GLN B 63 9.12 -15.72 -56.58
CA GLN B 63 9.43 -16.19 -55.23
C GLN B 63 10.24 -15.14 -54.49
N VAL B 64 9.83 -14.87 -53.25
CA VAL B 64 10.64 -14.04 -52.35
C VAL B 64 11.76 -14.87 -51.73
N LEU B 65 13.00 -14.37 -51.83
CA LEU B 65 14.15 -15.01 -51.19
C LEU B 65 14.58 -14.17 -50.02
N ILE B 66 14.42 -14.73 -48.83
CA ILE B 66 14.86 -14.08 -47.61
C ILE B 66 16.15 -14.73 -47.17
N ASP B 67 17.25 -13.96 -47.22
CA ASP B 67 18.58 -14.44 -46.84
C ASP B 67 19.28 -13.46 -45.88
N ILE B 68 18.49 -12.72 -45.11
CA ILE B 68 19.00 -11.85 -44.08
C ILE B 68 18.32 -12.14 -42.75
N SER B 69 19.07 -11.95 -41.68
CA SER B 69 18.52 -12.11 -40.33
C SER B 69 17.70 -10.89 -39.94
N PHE B 70 16.78 -11.09 -38.99
CA PHE B 70 16.04 -9.99 -38.36
C PHE B 70 15.10 -9.26 -39.33
N LEU B 71 14.59 -9.97 -40.34
CA LEU B 71 13.58 -9.42 -41.23
C LEU B 71 12.20 -9.79 -40.70
N ARG B 72 11.36 -8.79 -40.51
CA ARG B 72 9.97 -8.97 -40.14
C ARG B 72 9.10 -8.63 -41.35
N ILE B 73 8.21 -9.54 -41.72
CA ILE B 73 7.17 -9.26 -42.70
C ILE B 73 5.82 -9.35 -41.96
N GLU B 74 5.09 -8.25 -41.98
CA GLU B 74 3.86 -8.11 -41.18
C GLU B 74 2.72 -7.53 -42.01
N GLY B 75 1.50 -7.93 -41.67
CA GLY B 75 0.30 -7.33 -42.23
C GLY B 75 -0.70 -6.92 -41.16
N SER B 76 -1.93 -6.68 -41.61
CA SER B 76 -3.05 -6.28 -40.76
C SER B 76 -4.31 -7.15 -40.95
N GLY B 77 -4.12 -8.44 -41.21
CA GLY B 77 -5.25 -9.35 -41.29
C GLY B 77 -4.88 -10.73 -41.77
N HIS B 78 -5.34 -11.74 -41.03
CA HIS B 78 -5.12 -13.13 -41.40
C HIS B 78 -6.04 -13.57 -42.55
N GLY B 79 -7.18 -12.90 -42.69
CA GLY B 79 -7.96 -12.89 -43.94
C GLY B 79 -8.61 -14.19 -44.40
N PHE B 80 -8.81 -15.13 -43.47
CA PHE B 80 -9.35 -16.42 -43.83
C PHE B 80 -10.85 -16.37 -44.16
N THR B 81 -11.22 -17.08 -45.21
CA THR B 81 -12.61 -17.50 -45.45
C THR B 81 -12.50 -18.86 -46.11
N SER B 82 -13.54 -19.68 -46.00
CA SER B 82 -13.52 -21.04 -46.54
C SER B 82 -13.74 -21.05 -48.05
N SER B 83 -12.63 -21.06 -48.77
CA SER B 83 -12.67 -21.31 -50.21
C SER B 83 -13.18 -22.73 -50.51
N SER B 84 -12.94 -23.67 -49.59
CA SER B 84 -13.46 -25.03 -49.74
C SER B 84 -14.97 -24.99 -49.86
N ILE B 85 -15.61 -24.33 -48.90
CA ILE B 85 -17.05 -24.18 -48.94
C ILE B 85 -17.47 -23.47 -50.22
N ARG B 86 -16.81 -22.37 -50.58
CA ARG B 86 -17.26 -21.55 -51.73
C ARG B 86 -17.14 -22.33 -53.03
N PHE B 87 -16.02 -23.02 -53.23
CA PHE B 87 -15.84 -23.83 -54.45
C PHE B 87 -16.80 -25.02 -54.58
N ASN B 88 -17.44 -25.41 -53.49
CA ASN B 88 -18.50 -26.43 -53.51
C ASN B 88 -19.94 -25.89 -53.53
N VAL B 89 -20.10 -24.58 -53.45
CA VAL B 89 -21.37 -23.91 -53.74
C VAL B 89 -21.53 -23.88 -55.26
N PRO B 90 -22.73 -24.21 -55.79
CA PRO B 90 -22.92 -24.13 -57.24
C PRO B 90 -22.58 -22.75 -57.80
N GLU B 91 -21.91 -22.74 -58.94
CA GLU B 91 -21.35 -21.53 -59.53
C GLU B 91 -22.38 -20.41 -59.79
N GLU B 92 -23.61 -20.79 -60.12
CA GLU B 92 -24.68 -19.80 -60.37
C GLU B 92 -25.07 -18.99 -59.11
N GLU B 93 -24.80 -19.54 -57.92
CA GLU B 93 -25.07 -18.83 -56.66
C GLU B 93 -23.94 -17.85 -56.25
N TRP B 94 -22.77 -17.94 -56.88
CA TRP B 94 -21.62 -17.07 -56.50
C TRP B 94 -21.91 -15.56 -56.49
N PRO B 95 -22.64 -15.04 -57.51
CA PRO B 95 -22.96 -13.61 -57.53
C PRO B 95 -23.78 -13.09 -56.33
N ASP B 96 -24.54 -13.95 -55.65
CA ASP B 96 -25.29 -13.54 -54.46
C ASP B 96 -24.51 -13.58 -53.14
N LEU B 97 -23.33 -14.20 -53.15
CA LEU B 97 -22.47 -14.23 -51.95
C LEU B 97 -21.85 -12.86 -51.68
N HIS B 98 -21.78 -12.47 -50.42
CA HIS B 98 -21.20 -11.17 -50.03
C HIS B 98 -19.75 -11.01 -50.47
N GLU B 99 -18.99 -12.09 -50.37
CA GLU B 99 -17.64 -12.16 -50.91
C GLU B 99 -17.34 -13.59 -51.32
N LEU B 100 -16.29 -13.74 -52.11
CA LEU B 100 -15.85 -15.07 -52.57
C LEU B 100 -14.47 -15.43 -51.98
N TRP B 101 -13.54 -14.51 -52.07
CA TRP B 101 -12.14 -14.77 -51.81
C TRP B 101 -11.71 -14.44 -50.37
N PRO B 102 -10.60 -15.04 -49.92
CA PRO B 102 -9.94 -14.55 -48.70
C PRO B 102 -9.52 -13.10 -48.84
N GLY B 103 -9.20 -12.46 -47.73
CA GLY B 103 -8.81 -11.05 -47.71
C GLY B 103 -7.67 -10.79 -46.74
N GLY B 104 -7.80 -9.71 -45.96
CA GLY B 104 -6.73 -9.25 -45.08
C GLY B 104 -5.54 -8.74 -45.89
N SER B 105 -4.33 -8.93 -45.36
CA SER B 105 -3.12 -8.56 -46.07
C SER B 105 -2.72 -9.79 -46.88
N ARG B 106 -3.28 -9.88 -48.09
CA ARG B 106 -3.36 -11.13 -48.85
C ARG B 106 -2.33 -11.27 -49.95
N VAL B 107 -1.48 -12.28 -49.81
CA VAL B 107 -0.49 -12.67 -50.82
C VAL B 107 -1.08 -13.85 -51.60
N ILE B 108 -1.44 -13.60 -52.85
CA ILE B 108 -1.96 -14.62 -53.77
C ILE B 108 -0.77 -15.30 -54.44
N VAL B 109 -0.61 -16.60 -54.21
CA VAL B 109 0.56 -17.30 -54.72
C VAL B 109 0.26 -17.73 -56.18
N ASP B 110 0.74 -16.93 -57.12
CA ASP B 110 0.59 -17.22 -58.57
C ASP B 110 1.91 -17.75 -59.10
N LEU B 111 2.40 -18.82 -58.50
CA LEU B 111 3.60 -19.52 -58.96
C LEU B 111 3.17 -20.83 -59.63
N PRO B 112 3.97 -21.31 -60.60
CA PRO B 112 3.75 -22.67 -61.10
C PRO B 112 4.26 -23.70 -60.09
N ALA B 113 3.74 -24.93 -60.19
CA ALA B 113 4.08 -26.00 -59.24
C ALA B 113 5.57 -26.38 -59.27
N GLY B 114 6.06 -26.86 -58.13
CA GLY B 114 7.46 -27.25 -57.98
C GLY B 114 7.75 -28.59 -58.64
N ASP B 118 11.98 -30.57 -55.86
CA ASP B 118 11.81 -29.16 -56.21
C ASP B 118 10.57 -28.54 -55.52
N SER B 119 10.22 -29.04 -54.34
CA SER B 119 9.10 -28.53 -53.55
C SER B 119 9.23 -27.03 -53.27
N ALA B 120 10.44 -26.62 -52.89
CA ALA B 120 10.76 -25.24 -52.53
C ALA B 120 10.58 -24.18 -53.65
N ALA B 121 10.65 -24.60 -54.92
CA ALA B 121 10.44 -23.66 -56.03
C ALA B 121 9.00 -23.13 -56.11
N GLY B 122 8.04 -23.85 -55.54
CA GLY B 122 6.65 -23.41 -55.46
C GLY B 122 6.31 -22.59 -54.22
N ALA B 123 7.33 -22.24 -53.43
CA ALA B 123 7.14 -21.46 -52.20
C ALA B 123 7.07 -19.98 -52.48
N ALA B 124 6.06 -19.32 -51.93
CA ALA B 124 5.94 -17.87 -52.03
C ALA B 124 7.10 -17.17 -51.32
N PHE B 125 7.43 -17.67 -50.14
CA PHE B 125 8.54 -17.17 -49.34
C PHE B 125 9.49 -18.31 -49.09
N LEU B 126 10.72 -18.15 -49.58
CA LEU B 126 11.81 -19.09 -49.35
C LEU B 126 12.83 -18.41 -48.44
N VAL B 127 13.12 -19.04 -47.31
CA VAL B 127 14.16 -18.54 -46.41
C VAL B 127 15.33 -19.50 -46.56
N ALA B 128 16.44 -18.99 -47.07
CA ALA B 128 17.59 -19.82 -47.37
C ALA B 128 18.87 -19.00 -47.29
N ARG B 129 19.82 -19.49 -46.53
CA ARG B 129 21.16 -18.93 -46.46
C ARG B 129 22.06 -19.98 -45.84
N GLU B 130 23.16 -20.31 -46.51
CA GLU B 130 24.10 -21.26 -45.93
C GLU B 130 25.29 -20.48 -45.38
N GLY B 131 26.25 -21.19 -44.79
CA GLY B 131 27.32 -20.55 -44.06
C GLY B 131 26.91 -20.30 -42.63
N SER B 132 27.55 -19.33 -42.00
CA SER B 132 27.40 -19.10 -40.56
C SER B 132 27.25 -17.60 -40.28
N PRO B 133 26.60 -17.23 -39.17
CA PRO B 133 25.84 -18.12 -38.30
C PRO B 133 24.52 -18.53 -38.94
N ARG B 134 23.74 -19.36 -38.27
CA ARG B 134 22.37 -19.65 -38.68
C ARG B 134 21.60 -18.37 -38.88
N ILE B 135 20.83 -18.31 -39.97
CA ILE B 135 19.89 -17.20 -40.16
C ILE B 135 18.95 -17.17 -38.94
N SER B 136 18.72 -15.99 -38.39
CA SER B 136 18.05 -15.88 -37.09
C SER B 136 16.96 -14.82 -37.02
N SER B 137 15.95 -15.10 -36.19
CA SER B 137 14.94 -14.12 -35.81
C SER B 137 14.20 -13.41 -36.94
N VAL B 138 13.91 -14.19 -37.98
CA VAL B 138 12.97 -13.78 -38.99
C VAL B 138 11.56 -13.96 -38.40
N GLU B 139 10.69 -13.00 -38.69
CA GLU B 139 9.34 -12.95 -38.16
C GLU B 139 8.31 -12.77 -39.28
N PHE B 140 7.29 -13.62 -39.29
CA PHE B 140 6.15 -13.48 -40.20
C PHE B 140 4.94 -13.27 -39.32
N SER B 141 4.21 -12.18 -39.55
CA SER B 141 3.09 -11.81 -38.66
C SER B 141 1.83 -11.26 -39.33
N ASN B 142 0.69 -11.86 -39.00
CA ASN B 142 -0.63 -11.29 -39.27
C ASN B 142 -0.90 -10.91 -40.74
N PHE B 143 -0.49 -11.77 -41.65
CA PHE B 143 -0.90 -11.65 -43.04
C PHE B 143 -1.43 -12.97 -43.58
N CYS B 144 -1.95 -12.92 -44.80
CA CYS B 144 -2.67 -14.03 -45.40
C CYS B 144 -1.88 -14.53 -46.60
N ILE B 145 -1.68 -15.83 -46.68
CA ILE B 145 -1.10 -16.47 -47.89
C ILE B 145 -2.14 -17.43 -48.45
N ASP B 146 -2.53 -17.20 -49.72
CA ASP B 146 -3.64 -17.87 -50.40
C ASP B 146 -3.12 -18.49 -51.70
N GLY B 147 -3.20 -19.81 -51.81
CA GLY B 147 -2.81 -20.52 -53.04
C GLY B 147 -3.93 -20.62 -54.07
N LEU B 148 -5.04 -19.94 -53.79
CA LEU B 148 -6.12 -19.63 -54.74
C LEU B 148 -7.01 -20.80 -55.18
N HIS B 149 -6.43 -21.79 -55.84
CA HIS B 149 -7.15 -22.97 -56.36
C HIS B 149 -6.39 -24.24 -56.07
N PHE B 150 -7.13 -25.34 -55.87
CA PHE B 150 -6.58 -26.67 -56.00
C PHE B 150 -6.89 -27.18 -57.41
N THR B 151 -6.10 -28.11 -57.90
CA THR B 151 -6.19 -28.58 -59.27
C THR B 151 -6.12 -30.09 -59.42
N ALA B 152 -6.43 -30.59 -60.62
CA ALA B 152 -6.45 -32.03 -60.87
C ALA B 152 -5.18 -32.72 -60.53
N ASP B 153 -5.29 -33.86 -59.91
CA ASP B 153 -4.14 -34.57 -59.43
C ASP B 153 -4.06 -35.96 -60.04
N GLY B 154 -4.83 -36.16 -61.09
CA GLY B 154 -4.76 -37.38 -61.85
C GLY B 154 -5.72 -38.40 -61.35
N SER B 155 -6.29 -38.10 -60.23
CA SER B 155 -7.22 -38.91 -59.59
C SER B 155 -7.66 -37.82 -58.67
N GLY B 156 -8.45 -36.95 -59.25
CA GLY B 156 -9.67 -37.68 -59.52
C GLY B 156 -11.05 -37.17 -59.30
N ARG B 157 -11.21 -36.66 -58.09
CA ARG B 157 -12.30 -35.82 -57.69
C ARG B 157 -12.13 -34.41 -58.14
N HIS B 158 -13.19 -33.66 -57.95
CA HIS B 158 -13.26 -32.33 -58.41
C HIS B 158 -12.01 -31.57 -58.06
N PRO B 159 -11.52 -30.80 -59.02
CA PRO B 159 -10.19 -30.15 -58.88
C PRO B 159 -10.02 -29.37 -57.57
N GLU B 160 -11.05 -28.63 -57.17
CA GLU B 160 -10.95 -27.79 -55.98
C GLU B 160 -10.95 -28.56 -54.65
N ASN B 161 -11.15 -29.88 -54.70
CA ASN B 161 -11.13 -30.73 -53.50
C ASN B 161 -9.91 -31.66 -53.40
N THR B 162 -8.91 -31.48 -54.26
CA THR B 162 -7.76 -32.38 -54.29
C THR B 162 -6.68 -32.05 -53.26
N TYR B 163 -6.67 -30.81 -52.75
CA TYR B 163 -5.59 -30.30 -51.91
C TYR B 163 -4.21 -30.31 -52.61
N ALA B 164 -4.21 -30.34 -53.95
CA ALA B 164 -2.99 -30.36 -54.74
C ALA B 164 -2.86 -29.10 -55.60
N ASN B 165 -1.76 -28.38 -55.42
CA ASN B 165 -1.31 -27.35 -56.38
C ASN B 165 0.23 -27.10 -56.46
N GLY B 166 1.04 -27.85 -55.73
CA GLY B 166 2.48 -27.63 -55.69
C GLY B 166 2.95 -26.32 -55.04
N LYS B 167 2.04 -25.60 -54.36
CA LYS B 167 2.36 -24.30 -53.79
C LYS B 167 2.64 -24.43 -52.30
N THR B 168 3.63 -23.67 -51.83
CA THR B 168 3.97 -23.59 -50.39
C THR B 168 3.86 -22.13 -49.94
N GLY B 169 3.39 -21.91 -48.72
CA GLY B 169 3.31 -20.55 -48.20
C GLY B 169 4.68 -20.02 -47.82
N ILE B 170 5.24 -20.64 -46.80
CA ILE B 170 6.57 -20.32 -46.29
C ILE B 170 7.39 -21.60 -46.22
N HIS B 171 8.54 -21.59 -46.89
CA HIS B 171 9.48 -22.70 -46.87
C HIS B 171 10.80 -22.19 -46.32
N VAL B 172 11.25 -22.76 -45.22
CA VAL B 172 12.55 -22.42 -44.66
C VAL B 172 13.48 -23.59 -44.88
N ALA B 173 14.51 -23.37 -45.69
CA ALA B 173 15.38 -24.46 -46.15
C ALA B 173 16.61 -24.63 -45.29
N SER B 174 17.16 -23.52 -44.78
CA SER B 174 18.42 -23.55 -44.06
C SER B 174 18.26 -23.62 -42.55
N ALA B 175 19.30 -24.09 -41.86
CA ALA B 175 19.33 -24.10 -40.40
C ALA B 175 19.01 -22.68 -39.89
N ASN B 176 18.14 -22.61 -38.89
CA ASN B 176 17.59 -21.34 -38.44
C ASN B 176 17.38 -21.35 -36.95
N ASP B 177 17.39 -20.15 -36.38
CA ASP B 177 17.30 -19.99 -34.93
C ASP B 177 16.34 -18.87 -34.59
N SER B 178 15.50 -19.09 -33.59
CA SER B 178 14.65 -18.02 -33.04
C SER B 178 13.65 -17.42 -34.06
N PHE B 179 13.20 -18.23 -35.03
CA PHE B 179 12.19 -17.78 -35.98
C PHE B 179 10.81 -17.73 -35.32
N ARG B 180 9.96 -16.86 -35.85
CA ARG B 180 8.57 -16.76 -35.40
C ARG B 180 7.58 -16.66 -36.55
N VAL B 181 6.51 -17.44 -36.45
CA VAL B 181 5.37 -17.31 -37.35
C VAL B 181 4.18 -17.12 -36.42
N THR B 182 3.56 -15.94 -36.50
CA THR B 182 2.49 -15.56 -35.57
C THR B 182 1.30 -14.91 -36.30
N ASP B 183 0.09 -15.23 -35.82
CA ASP B 183 -1.13 -14.54 -36.24
C ASP B 183 -1.43 -14.62 -37.74
N MET B 184 -0.84 -15.59 -38.43
CA MET B 184 -0.98 -15.70 -39.87
C MET B 184 -2.30 -16.38 -40.22
N GLY B 185 -2.70 -16.20 -41.48
CA GLY B 185 -3.72 -17.01 -42.13
C GLY B 185 -3.09 -17.69 -43.35
N PHE B 186 -3.26 -19.01 -43.46
CA PHE B 186 -2.85 -19.76 -44.67
C PHE B 186 -4.08 -20.48 -45.21
N VAL B 187 -4.24 -20.48 -46.53
CA VAL B 187 -5.43 -21.08 -47.15
C VAL B 187 -5.11 -21.57 -48.56
N TYR B 188 -5.63 -22.74 -48.90
CA TYR B 188 -5.53 -23.30 -50.26
C TYR B 188 -4.10 -23.46 -50.80
N LEU B 189 -3.19 -23.86 -49.91
CA LEU B 189 -1.84 -24.20 -50.26
C LEU B 189 -1.67 -25.70 -50.09
N GLU B 190 -0.97 -26.36 -51.01
CA GLU B 190 -0.62 -27.76 -50.79
C GLU B 190 0.19 -27.95 -49.50
N ASN B 191 1.08 -27.01 -49.23
CA ASN B 191 1.85 -26.96 -47.97
C ASN B 191 1.82 -25.53 -47.42
N ALA B 192 1.29 -25.35 -46.21
CA ALA B 192 1.26 -23.99 -45.64
C ALA B 192 2.64 -23.56 -45.21
N LEU B 193 3.24 -24.35 -44.34
CA LEU B 193 4.45 -23.94 -43.62
C LEU B 193 5.36 -25.11 -43.45
N THR B 194 6.53 -25.04 -44.09
CA THR B 194 7.53 -26.10 -44.00
C THR B 194 8.85 -25.51 -43.53
N ILE B 195 9.32 -25.96 -42.37
CA ILE B 195 10.54 -25.39 -41.78
C ILE B 195 11.53 -26.52 -41.50
N HIS B 196 12.69 -26.45 -42.15
CA HIS B 196 13.76 -27.44 -41.97
C HIS B 196 14.77 -26.94 -40.95
N LYS B 197 15.33 -27.85 -40.16
CA LYS B 197 16.53 -27.58 -39.35
C LYS B 197 16.34 -26.41 -38.37
N ALA B 198 15.20 -26.43 -37.70
CA ALA B 198 14.74 -25.33 -36.85
C ALA B 198 15.15 -25.48 -35.39
N ASP B 199 15.81 -24.45 -34.84
CA ASP B 199 16.10 -24.39 -33.41
C ASP B 199 15.31 -23.23 -32.78
N ALA B 200 14.70 -23.50 -31.63
CA ALA B 200 14.03 -22.44 -30.84
C ALA B 200 13.03 -21.63 -31.65
N LEU B 201 12.26 -22.36 -32.45
CA LEU B 201 11.25 -21.81 -33.31
C LEU B 201 9.96 -21.72 -32.53
N SER B 202 9.18 -20.67 -32.82
CA SER B 202 7.84 -20.55 -32.26
C SER B 202 6.82 -20.35 -33.37
N ILE B 203 5.89 -21.29 -33.49
CA ILE B 203 4.74 -21.18 -34.39
C ILE B 203 3.52 -20.99 -33.50
N HIS B 204 3.02 -19.76 -33.46
CA HIS B 204 2.10 -19.33 -32.42
C HIS B 204 0.89 -18.57 -32.94
N HIS B 205 -0.29 -19.06 -32.57
CA HIS B 205 -1.56 -18.37 -32.79
C HIS B 205 -1.86 -18.04 -34.26
N ASN B 206 -1.63 -19.02 -35.12
CA ASN B 206 -1.94 -18.92 -36.53
C ASN B 206 -3.23 -19.65 -36.85
N PHE B 207 -3.80 -19.33 -38.01
CA PHE B 207 -4.95 -20.01 -38.57
C PHE B 207 -4.51 -20.66 -39.87
N ILE B 208 -4.40 -21.99 -39.87
CA ILE B 208 -3.73 -22.73 -40.96
C ILE B 208 -4.72 -23.80 -41.37
N ALA B 209 -5.50 -23.51 -42.41
CA ALA B 209 -6.63 -24.37 -42.77
C ALA B 209 -6.85 -24.47 -44.27
N GLU B 210 -7.49 -25.58 -44.65
CA GLU B 210 -7.74 -25.90 -46.05
C GLU B 210 -6.43 -25.90 -46.84
N CYS B 211 -5.40 -26.47 -46.23
CA CYS B 211 -4.11 -26.67 -46.86
C CYS B 211 -3.85 -28.16 -46.85
N GLY B 212 -3.15 -28.67 -47.87
CA GLY B 212 -2.90 -30.11 -47.96
C GLY B 212 -2.18 -30.63 -46.75
N SER B 213 -1.07 -29.99 -46.44
CA SER B 213 -0.37 -30.14 -45.17
C SER B 213 -0.22 -28.76 -44.57
N CYS B 214 -0.34 -28.65 -43.24
CA CYS B 214 -0.26 -27.37 -42.57
C CYS B 214 1.15 -27.09 -42.06
N ILE B 215 1.53 -27.66 -40.91
CA ILE B 215 2.84 -27.42 -40.30
C ILE B 215 3.73 -28.66 -40.44
N GLU B 216 4.88 -28.49 -41.10
CA GLU B 216 5.87 -29.55 -41.19
C GLU B 216 7.23 -29.06 -40.72
N LEU B 217 7.77 -29.71 -39.70
CA LEU B 217 9.10 -29.44 -39.20
C LEU B 217 10.01 -30.59 -39.66
N ARG B 218 10.87 -30.30 -40.62
CA ARG B 218 11.66 -31.34 -41.28
C ARG B 218 13.14 -31.30 -40.95
N GLY B 219 13.82 -32.38 -41.31
CA GLY B 219 15.26 -32.52 -41.15
C GLY B 219 15.64 -32.87 -39.73
N TRP B 220 15.61 -31.87 -38.87
CA TRP B 220 15.83 -32.03 -37.45
C TRP B 220 15.45 -30.71 -36.77
N GLY B 221 15.53 -30.70 -35.45
CA GLY B 221 15.38 -29.45 -34.69
C GLY B 221 15.37 -29.63 -33.19
N GLN B 222 15.38 -28.52 -32.48
CA GLN B 222 15.48 -28.54 -31.04
C GLN B 222 14.75 -27.37 -30.40
N ALA B 223 14.19 -27.63 -29.22
CA ALA B 223 13.67 -26.58 -28.36
C ALA B 223 12.64 -25.66 -29.03
N SER B 224 11.78 -26.23 -29.86
CA SER B 224 10.80 -25.45 -30.60
C SER B 224 9.39 -25.61 -30.01
N LYS B 225 8.47 -24.80 -30.46
CA LYS B 225 7.10 -24.88 -29.97
C LYS B 225 6.06 -24.50 -30.99
N ILE B 226 4.98 -25.27 -30.95
CA ILE B 226 3.83 -25.09 -31.83
C ILE B 226 2.67 -24.93 -30.87
N THR B 227 2.22 -23.70 -30.71
CA THR B 227 1.23 -23.35 -29.69
C THR B 227 0.07 -22.50 -30.17
N ASP B 228 -1.12 -22.82 -29.67
CA ASP B 228 -2.31 -21.97 -29.82
C ASP B 228 -2.78 -21.78 -31.26
N ASN B 229 -2.54 -22.77 -32.12
CA ASN B 229 -2.92 -22.68 -33.53
C ASN B 229 -4.28 -23.33 -33.78
N LEU B 230 -4.96 -22.81 -34.80
CA LEU B 230 -6.15 -23.44 -35.36
C LEU B 230 -5.69 -24.07 -36.68
N VAL B 231 -5.85 -25.39 -36.78
CA VAL B 231 -5.24 -26.15 -37.88
C VAL B 231 -6.23 -27.13 -38.49
N GLY B 232 -6.35 -27.12 -39.82
CA GLY B 232 -7.08 -28.17 -40.56
C GLY B 232 -6.44 -28.48 -41.90
N ALA B 233 -6.08 -29.73 -42.12
CA ALA B 233 -5.32 -30.13 -43.31
C ALA B 233 -6.19 -30.95 -44.29
N GLY B 234 -5.53 -31.60 -45.26
CA GLY B 234 -6.22 -32.49 -46.22
C GLY B 234 -5.86 -33.94 -46.03
N PRO B 235 -6.68 -34.85 -46.60
CA PRO B 235 -6.60 -36.29 -46.22
C PRO B 235 -5.34 -37.06 -46.59
N ARG B 236 -4.47 -36.48 -47.42
CA ARG B 236 -3.18 -37.08 -47.76
C ARG B 236 -2.02 -36.33 -47.10
N GLY B 237 -2.33 -35.36 -46.24
CA GLY B 237 -1.30 -34.51 -45.66
C GLY B 237 -1.28 -34.50 -44.15
N HIS B 238 -0.35 -33.73 -43.61
CA HIS B 238 -0.14 -33.60 -42.18
C HIS B 238 -0.78 -32.34 -41.63
N SER B 239 -1.33 -32.44 -40.42
CA SER B 239 -1.76 -31.24 -39.69
C SER B 239 -0.52 -30.61 -39.02
N ILE B 240 0.08 -31.38 -38.09
CA ILE B 240 1.37 -31.05 -37.45
C ILE B 240 2.27 -32.26 -37.66
N TYR B 241 3.42 -32.03 -38.28
CA TYR B 241 4.42 -33.07 -38.54
C TYR B 241 5.76 -32.60 -38.05
N ALA B 242 6.50 -33.48 -37.37
CA ALA B 242 7.87 -33.21 -36.99
C ALA B 242 8.72 -34.45 -37.19
N GLU B 243 9.94 -34.26 -37.67
CA GLU B 243 10.90 -35.35 -37.74
C GLU B 243 12.24 -34.98 -37.11
N ASN B 244 12.76 -35.90 -36.31
CA ASN B 244 14.07 -35.78 -35.66
C ASN B 244 14.20 -34.52 -34.81
N HIS B 245 13.10 -34.12 -34.19
CA HIS B 245 13.09 -33.03 -33.23
C HIS B 245 13.31 -33.58 -31.83
N GLY B 246 14.00 -32.78 -31.02
CA GLY B 246 14.14 -32.99 -29.59
C GLY B 246 13.56 -31.77 -28.87
N GLY B 247 12.91 -31.99 -27.74
CA GLY B 247 12.43 -30.87 -26.93
C GLY B 247 11.37 -29.99 -27.57
N LEU B 248 10.52 -30.58 -28.40
CA LEU B 248 9.42 -29.88 -29.06
C LEU B 248 8.21 -29.85 -28.12
N LEU B 249 7.57 -28.70 -28.01
CA LEU B 249 6.34 -28.55 -27.23
C LEU B 249 5.17 -28.25 -28.18
N VAL B 250 4.19 -29.14 -28.20
CA VAL B 250 3.00 -28.97 -29.05
C VAL B 250 1.83 -28.89 -28.10
N THR B 251 1.31 -27.68 -27.92
CA THR B 251 0.28 -27.47 -26.90
C THR B 251 -0.72 -26.38 -27.27
N ALA B 252 -1.91 -26.50 -26.71
CA ALA B 252 -3.01 -25.54 -26.88
C ALA B 252 -3.45 -25.31 -28.33
N ASN B 253 -3.28 -26.32 -29.19
CA ASN B 253 -3.75 -26.22 -30.56
C ASN B 253 -5.15 -26.81 -30.63
N ASN B 254 -5.96 -26.26 -31.50
CA ASN B 254 -7.25 -26.83 -31.83
C ASN B 254 -7.10 -27.31 -33.27
N VAL B 255 -6.94 -28.63 -33.41
CA VAL B 255 -6.73 -29.27 -34.69
C VAL B 255 -8.06 -29.94 -35.12
N PHE B 256 -8.56 -29.52 -36.27
CA PHE B 256 -9.83 -30.05 -36.79
C PHE B 256 -9.53 -30.79 -38.09
N PRO B 257 -10.54 -31.47 -38.66
CA PRO B 257 -10.27 -32.22 -39.89
C PRO B 257 -9.77 -31.35 -41.07
N ARG B 258 -9.19 -31.94 -42.12
CA ARG B 258 -9.24 -33.37 -42.40
C ARG B 258 -7.90 -33.94 -42.83
N GLY B 259 -6.85 -33.64 -42.06
CA GLY B 259 -5.55 -34.24 -42.28
C GLY B 259 -5.57 -35.75 -42.18
N ALA B 260 -4.60 -36.41 -42.82
CA ALA B 260 -4.37 -37.84 -42.59
C ALA B 260 -4.15 -38.13 -41.10
N SER B 261 -3.51 -37.19 -40.41
CA SER B 261 -3.33 -37.24 -38.95
C SER B 261 -3.43 -35.84 -38.39
N SER B 262 -3.51 -35.77 -37.07
CA SER B 262 -3.46 -34.51 -36.31
C SER B 262 -2.02 -34.15 -35.90
N VAL B 263 -1.29 -35.13 -35.40
CA VAL B 263 0.12 -34.95 -35.02
C VAL B 263 0.86 -36.20 -35.46
N HIS B 264 1.92 -36.02 -36.22
CA HIS B 264 2.72 -37.11 -36.74
C HIS B 264 4.19 -36.83 -36.40
N PHE B 265 4.80 -37.72 -35.63
CA PHE B 265 6.19 -37.65 -35.25
C PHE B 265 6.96 -38.81 -35.93
N LYS B 266 8.10 -38.48 -36.51
CA LYS B 266 9.08 -39.48 -36.98
C LYS B 266 10.42 -39.22 -36.30
N GLY B 267 10.84 -40.13 -35.44
CA GLY B 267 12.11 -40.00 -34.72
C GLY B 267 12.18 -38.80 -33.79
N VAL B 268 11.03 -38.44 -33.22
CA VAL B 268 10.94 -37.30 -32.30
C VAL B 268 11.16 -37.83 -30.91
N THR B 269 12.00 -37.14 -30.13
CA THR B 269 12.32 -37.58 -28.80
C THR B 269 12.19 -36.47 -27.78
N ARG B 270 11.93 -36.85 -26.53
CA ARG B 270 11.99 -35.94 -25.41
C ARG B 270 11.17 -34.68 -25.66
N SER B 271 9.95 -34.88 -26.17
CA SER B 271 9.04 -33.82 -26.57
C SER B 271 7.69 -34.01 -25.89
N SER B 272 6.80 -33.04 -26.07
CA SER B 272 5.52 -33.01 -25.36
C SER B 272 4.39 -32.64 -26.30
N VAL B 273 3.41 -33.53 -26.41
CA VAL B 273 2.15 -33.24 -27.11
C VAL B 273 1.06 -33.25 -26.05
N THR B 274 0.72 -32.07 -25.55
CA THR B 274 -0.03 -31.95 -24.32
C THR B 274 -1.06 -30.85 -24.46
N ASN B 275 -2.25 -31.10 -23.94
CA ASN B 275 -3.31 -30.10 -23.86
C ASN B 275 -3.72 -29.52 -25.24
N ASN B 276 -3.96 -30.42 -26.19
CA ASN B 276 -4.47 -30.05 -27.50
C ASN B 276 -5.87 -30.60 -27.61
N ARG B 277 -6.68 -29.95 -28.41
CA ARG B 277 -7.97 -30.51 -28.83
C ARG B 277 -7.78 -31.01 -30.26
N LEU B 278 -8.08 -32.28 -30.48
CA LEU B 278 -7.79 -32.97 -31.73
C LEU B 278 -9.07 -33.62 -32.25
N HIS B 279 -9.47 -33.29 -33.47
CA HIS B 279 -10.67 -33.84 -34.08
C HIS B 279 -10.31 -34.37 -35.46
N ALA B 280 -10.56 -35.65 -35.69
CA ALA B 280 -10.29 -36.27 -36.97
C ALA B 280 -11.53 -37.01 -37.46
N PHE B 281 -11.56 -37.26 -38.77
CA PHE B 281 -12.57 -38.15 -39.37
C PHE B 281 -12.02 -39.55 -39.69
N TYR B 282 -10.74 -39.80 -39.35
CA TYR B 282 -10.06 -41.05 -39.68
C TYR B 282 -9.24 -41.55 -38.49
N PRO B 283 -8.93 -42.86 -38.45
CA PRO B 283 -7.95 -43.35 -37.46
C PRO B 283 -6.54 -42.80 -37.70
N GLY B 284 -5.62 -43.11 -36.79
CA GLY B 284 -4.25 -42.63 -36.89
C GLY B 284 -4.11 -41.13 -36.64
N MET B 285 -4.73 -40.64 -35.57
CA MET B 285 -4.75 -39.21 -35.23
C MET B 285 -3.40 -38.71 -34.73
N VAL B 286 -2.80 -39.45 -33.82
CA VAL B 286 -1.48 -39.10 -33.30
C VAL B 286 -0.58 -40.30 -33.50
N ARG B 287 0.49 -40.10 -34.27
CA ARG B 287 1.39 -41.18 -34.68
C ARG B 287 2.78 -40.85 -34.18
N LEU B 288 3.29 -41.69 -33.29
CA LEU B 288 4.70 -41.66 -32.88
C LEU B 288 5.39 -42.82 -33.59
N GLU B 289 6.22 -42.49 -34.57
CA GLU B 289 6.85 -43.49 -35.45
C GLU B 289 8.36 -43.41 -35.44
N GLU B 290 8.97 -44.50 -35.91
CA GLU B 290 10.41 -44.60 -36.15
C GLU B 290 11.24 -44.15 -34.95
N ASN B 291 11.05 -44.86 -33.84
CA ASN B 291 11.75 -44.61 -32.59
C ASN B 291 11.49 -43.19 -32.05
N SER B 292 10.21 -42.85 -31.97
CA SER B 292 9.79 -41.63 -31.28
C SER B 292 9.67 -42.01 -29.82
N SER B 293 10.59 -41.51 -29.00
CA SER B 293 10.81 -42.04 -27.66
C SER B 293 10.84 -40.95 -26.59
N GLU B 294 10.49 -41.32 -25.35
CA GLU B 294 10.55 -40.40 -24.20
C GLU B 294 9.72 -39.13 -24.37
N ASN B 295 8.57 -39.27 -25.02
CA ASN B 295 7.65 -38.17 -25.22
C ASN B 295 6.51 -38.23 -24.24
N LEU B 296 5.97 -37.07 -23.88
CA LEU B 296 4.80 -36.97 -23.06
C LEU B 296 3.62 -36.68 -23.96
N VAL B 297 2.59 -37.50 -23.90
CA VAL B 297 1.32 -37.26 -24.60
C VAL B 297 0.25 -37.24 -23.53
N ALA B 298 -0.14 -36.02 -23.13
CA ALA B 298 -0.92 -35.84 -21.94
C ALA B 298 -2.05 -34.86 -22.11
N THR B 299 -3.15 -35.16 -21.43
CA THR B 299 -4.31 -34.27 -21.31
C THR B 299 -4.78 -33.63 -22.62
N ASN B 300 -4.74 -34.43 -23.69
CA ASN B 300 -5.32 -34.07 -24.97
C ASN B 300 -6.76 -34.58 -25.00
N HIS B 301 -7.61 -33.87 -25.73
CA HIS B 301 -8.95 -34.34 -26.02
C HIS B 301 -8.94 -34.83 -27.48
N PHE B 302 -9.15 -36.14 -27.67
CA PHE B 302 -9.25 -36.77 -29.00
C PHE B 302 -10.72 -37.02 -29.32
N LEU B 303 -11.17 -36.57 -30.50
CA LEU B 303 -12.45 -37.01 -31.07
C LEU B 303 -12.21 -37.58 -32.46
N ARG B 304 -12.62 -38.84 -32.67
CA ARG B 304 -12.69 -39.45 -34.00
C ARG B 304 -14.17 -39.73 -34.32
N ASP B 305 -14.67 -39.12 -35.39
CA ASP B 305 -16.04 -39.39 -35.84
C ASP B 305 -16.07 -39.46 -37.38
N HIS B 306 -17.27 -39.38 -37.98
CA HIS B 306 -17.40 -39.55 -39.42
C HIS B 306 -17.59 -38.21 -40.10
N GLU B 307 -16.86 -38.02 -41.20
CA GLU B 307 -17.07 -36.90 -42.12
C GLU B 307 -18.57 -36.73 -42.43
N PRO B 308 -19.14 -35.56 -42.11
CA PRO B 308 -20.56 -35.31 -42.38
C PRO B 308 -20.85 -34.60 -43.71
N TRP B 309 -19.82 -34.09 -44.40
CA TRP B 309 -20.03 -33.19 -45.55
C TRP B 309 -19.89 -33.94 -46.89
N THR B 310 -20.92 -33.88 -47.71
CA THR B 310 -21.05 -34.73 -48.90
C THR B 310 -19.84 -34.77 -49.82
N PRO B 311 -19.24 -33.62 -50.16
CA PRO B 311 -18.11 -33.65 -51.10
C PRO B 311 -16.92 -34.51 -50.65
N PHE B 312 -16.76 -34.74 -49.35
CA PHE B 312 -15.68 -35.58 -48.83
C PHE B 312 -16.15 -36.88 -48.15
N PHE B 313 -17.44 -37.21 -48.26
CA PHE B 313 -18.07 -38.27 -47.44
C PHE B 313 -17.36 -39.63 -47.52
N GLY B 314 -16.99 -40.04 -48.73
CA GLY B 314 -16.26 -41.28 -48.97
C GLY B 314 -14.73 -41.17 -49.07
N VAL B 315 -14.20 -39.96 -48.83
CA VAL B 315 -12.75 -39.71 -48.90
C VAL B 315 -12.15 -39.98 -47.52
N ASP B 316 -11.03 -40.70 -47.49
CA ASP B 316 -10.34 -40.97 -46.23
C ASP B 316 -8.83 -41.16 -46.38
N ASN B 317 -8.16 -41.56 -45.29
CA ASN B 317 -6.71 -41.70 -45.25
C ASN B 317 -6.20 -43.13 -45.44
N GLY B 318 -7.11 -44.04 -45.81
CA GLY B 318 -6.74 -45.43 -46.09
C GLY B 318 -6.38 -46.30 -44.91
N LEU B 319 -6.59 -45.84 -43.67
CA LEU B 319 -6.26 -46.63 -42.49
C LEU B 319 -7.51 -47.22 -41.86
N ASP B 320 -7.41 -48.47 -41.41
CA ASP B 320 -8.57 -49.17 -40.84
C ASP B 320 -8.67 -48.89 -39.33
N ASP B 321 -9.73 -49.39 -38.72
CA ASP B 321 -10.01 -49.09 -37.30
C ASP B 321 -9.16 -49.87 -36.29
N LEU B 322 -8.35 -50.82 -36.77
CA LEU B 322 -7.36 -51.47 -35.91
C LEU B 322 -6.09 -50.61 -35.71
N THR B 323 -5.98 -49.51 -36.46
CA THR B 323 -4.81 -48.64 -36.42
C THR B 323 -4.57 -48.01 -35.06
N GLY B 324 -5.66 -47.54 -34.45
CA GLY B 324 -5.59 -46.77 -33.22
C GLY B 324 -5.79 -45.30 -33.50
N LEU B 325 -6.33 -44.58 -32.53
CA LEU B 325 -6.33 -43.12 -32.58
C LEU B 325 -4.94 -42.59 -32.22
N LEU B 326 -4.28 -43.25 -31.28
CA LEU B 326 -2.91 -42.98 -30.91
C LEU B 326 -2.11 -44.25 -31.17
N SER B 327 -1.08 -44.14 -31.99
CA SER B 327 -0.22 -45.26 -32.35
C SER B 327 1.21 -44.92 -31.98
N ILE B 328 1.89 -45.81 -31.26
CA ILE B 328 3.24 -45.57 -30.75
C ILE B 328 4.20 -46.67 -31.17
N SER B 329 5.25 -46.25 -31.85
CA SER B 329 6.40 -47.08 -32.17
C SER B 329 7.65 -46.37 -31.61
N GLY B 330 8.08 -46.80 -30.45
CA GLY B 330 9.16 -46.13 -29.71
C GLY B 330 9.16 -46.50 -28.24
N ASN B 331 10.17 -46.02 -27.55
CA ASN B 331 10.48 -46.44 -26.18
C ASN B 331 10.17 -45.37 -25.15
N ASN B 332 9.74 -45.79 -23.97
CA ASN B 332 9.75 -44.94 -22.78
C ASN B 332 8.90 -43.66 -22.87
N ASN B 333 7.82 -43.71 -23.66
CA ASN B 333 6.88 -42.61 -23.74
C ASN B 333 5.94 -42.63 -22.53
N SER B 334 5.21 -41.54 -22.38
CA SER B 334 4.30 -41.31 -21.26
C SER B 334 2.96 -40.83 -21.83
N VAL B 335 1.92 -41.64 -21.68
CA VAL B 335 0.58 -41.35 -22.20
C VAL B 335 -0.36 -41.24 -21.00
N ILE B 336 -0.69 -40.01 -20.62
CA ILE B 336 -1.31 -39.74 -19.32
C ILE B 336 -2.48 -38.76 -19.42
N GLY B 337 -3.62 -39.14 -18.87
CA GLY B 337 -4.72 -38.20 -18.67
C GLY B 337 -5.42 -37.73 -19.93
N ASN B 338 -5.38 -38.52 -21.01
CA ASN B 338 -6.07 -38.16 -22.26
C ASN B 338 -7.53 -38.65 -22.22
N HIS B 339 -8.39 -37.91 -22.91
CA HIS B 339 -9.78 -38.30 -23.19
C HIS B 339 -9.86 -38.70 -24.65
N PHE B 340 -10.47 -39.85 -24.92
CA PHE B 340 -10.71 -40.33 -26.29
C PHE B 340 -12.22 -40.55 -26.48
N SER B 341 -12.82 -39.82 -27.42
CA SER B 341 -14.20 -40.06 -27.86
C SER B 341 -14.13 -40.71 -29.26
N GLU B 342 -14.67 -41.92 -29.36
CA GLU B 342 -14.65 -42.72 -30.59
C GLU B 342 -16.11 -42.87 -31.00
N VAL B 343 -16.46 -42.26 -32.12
CA VAL B 343 -17.85 -42.18 -32.57
C VAL B 343 -17.88 -42.74 -33.99
N VAL B 344 -18.37 -43.97 -34.15
CA VAL B 344 -18.35 -44.62 -35.46
C VAL B 344 -19.62 -45.39 -35.73
N ASP B 345 -19.85 -45.69 -37.00
CA ASP B 345 -20.94 -46.54 -37.43
C ASP B 345 -20.39 -47.95 -37.38
N ALA B 346 -20.94 -48.77 -36.49
CA ALA B 346 -20.49 -50.14 -36.31
C ALA B 346 -20.56 -50.97 -37.61
N ASN B 347 -21.53 -50.66 -38.47
CA ASN B 347 -21.66 -51.34 -39.76
C ASN B 347 -20.54 -50.99 -40.74
N GLU B 348 -19.91 -49.82 -40.55
CA GLU B 348 -18.79 -49.37 -41.39
C GLU B 348 -17.41 -49.56 -40.77
N ILE B 349 -17.29 -50.30 -39.67
CA ILE B 349 -15.98 -50.60 -39.06
C ILE B 349 -15.21 -51.51 -40.02
N ARG B 350 -13.94 -51.17 -40.24
CA ARG B 350 -13.02 -51.94 -41.10
C ARG B 350 -11.83 -52.43 -40.27
N PRO B 351 -11.42 -53.70 -40.42
CA PRO B 351 -12.12 -54.72 -41.21
C PRO B 351 -13.47 -55.14 -40.60
N GLU B 352 -14.32 -55.76 -41.41
CA GLU B 352 -15.63 -56.27 -40.92
C GLU B 352 -15.46 -57.11 -39.65
N GLY B 353 -16.29 -56.83 -38.66
CA GLY B 353 -16.28 -57.58 -37.39
C GLY B 353 -15.14 -57.27 -36.44
N ALA B 354 -14.36 -56.22 -36.71
CA ALA B 354 -13.24 -55.85 -35.84
C ALA B 354 -13.75 -54.99 -34.69
N THR B 355 -13.05 -55.08 -33.57
CA THR B 355 -13.27 -54.20 -32.41
C THR B 355 -12.29 -53.03 -32.59
N PRO B 356 -12.78 -51.79 -32.70
CA PRO B 356 -11.87 -50.66 -32.92
C PRO B 356 -10.83 -50.52 -31.80
N VAL B 357 -9.65 -50.03 -32.17
CA VAL B 357 -8.54 -49.84 -31.24
C VAL B 357 -8.33 -48.36 -30.97
N ILE B 358 -8.08 -48.00 -29.71
CA ILE B 358 -7.87 -46.60 -29.36
C ILE B 358 -6.39 -46.26 -29.23
N ILE B 359 -5.69 -46.90 -28.30
CA ILE B 359 -4.23 -46.74 -28.16
C ILE B 359 -3.56 -48.03 -28.63
N ARG B 360 -2.62 -47.91 -29.55
CA ARG B 360 -1.88 -49.07 -30.02
C ARG B 360 -0.39 -48.89 -29.81
N LEU B 361 0.24 -49.84 -29.12
CA LEU B 361 1.69 -49.90 -29.03
C LEU B 361 2.18 -50.99 -30.00
N THR B 362 2.71 -50.56 -31.13
CA THR B 362 3.20 -51.49 -32.19
C THR B 362 4.63 -51.96 -31.96
N ALA B 363 5.45 -51.14 -31.32
CA ALA B 363 6.85 -51.49 -31.05
C ALA B 363 7.43 -50.62 -29.95
N GLY B 364 8.51 -51.11 -29.35
CA GLY B 364 9.25 -50.40 -28.31
C GLY B 364 8.93 -50.90 -26.92
N THR B 365 9.72 -50.46 -25.95
CA THR B 365 9.56 -50.89 -24.57
C THR B 365 9.45 -49.72 -23.59
N GLY B 366 8.96 -50.03 -22.39
CA GLY B 366 8.93 -49.06 -21.31
C GLY B 366 7.93 -47.91 -21.42
N ASN B 367 6.93 -48.04 -22.31
CA ASN B 367 5.87 -47.03 -22.41
C ASN B 367 4.96 -47.11 -21.18
N PHE B 368 4.65 -45.94 -20.64
CA PHE B 368 3.81 -45.79 -19.44
C PHE B 368 2.51 -45.16 -19.90
N VAL B 369 1.42 -45.90 -19.79
CA VAL B 369 0.11 -45.46 -20.25
C VAL B 369 -0.77 -45.50 -19.02
N SER B 370 -1.24 -44.35 -18.55
CA SER B 370 -2.00 -44.28 -17.31
C SER B 370 -3.11 -43.24 -17.32
N THR B 371 -4.27 -43.64 -16.79
CA THR B 371 -5.33 -42.71 -16.39
C THR B 371 -5.91 -42.04 -17.65
N ASN B 372 -6.27 -42.86 -18.63
CA ASN B 372 -6.88 -42.41 -19.87
C ASN B 372 -8.33 -42.91 -19.88
N HIS B 373 -9.24 -42.08 -20.39
CA HIS B 373 -10.66 -42.39 -20.47
C HIS B 373 -11.05 -42.53 -21.94
N VAL B 374 -11.65 -43.68 -22.26
CA VAL B 374 -12.12 -44.00 -23.60
C VAL B 374 -13.64 -44.07 -23.53
N VAL B 375 -14.29 -43.35 -24.44
CA VAL B 375 -15.76 -43.37 -24.58
C VAL B 375 -16.01 -43.73 -26.04
N ALA B 376 -16.74 -44.83 -26.29
CA ALA B 376 -17.02 -45.26 -27.66
C ALA B 376 -18.51 -45.42 -27.88
N MET B 377 -18.98 -44.92 -29.02
CA MET B 377 -20.40 -44.94 -29.34
C MET B 377 -20.63 -45.34 -30.78
N ASP B 378 -21.77 -45.98 -31.00
CA ASP B 378 -22.21 -46.43 -32.31
C ASP B 378 -23.29 -45.45 -32.77
N VAL B 379 -23.05 -44.77 -33.90
CA VAL B 379 -24.00 -43.81 -34.47
C VAL B 379 -24.05 -43.99 -36.00
N ASP B 380 -25.23 -43.78 -36.60
CA ASP B 380 -25.37 -43.90 -38.07
C ASP B 380 -24.75 -42.71 -38.81
N ALA B 381 -24.10 -43.00 -39.94
CA ALA B 381 -23.24 -42.03 -40.63
C ALA B 381 -23.94 -40.74 -41.08
N ALA B 400 -27.66 -42.99 -29.63
CA ALA B 400 -26.26 -43.36 -29.51
C ALA B 400 -26.05 -44.47 -28.47
N ALA B 401 -25.65 -45.66 -28.93
CA ALA B 401 -25.42 -46.83 -28.07
C ALA B 401 -23.92 -46.99 -27.77
N ASP B 402 -23.60 -47.46 -26.57
CA ASP B 402 -22.22 -47.76 -26.19
C ASP B 402 -21.65 -48.87 -27.08
N LEU B 403 -20.39 -48.72 -27.48
CA LEU B 403 -19.73 -49.60 -28.44
C LEU B 403 -18.54 -50.24 -27.77
N ALA B 404 -18.38 -51.56 -27.90
CA ALA B 404 -17.21 -52.24 -27.35
C ALA B 404 -15.98 -51.82 -28.14
N VAL B 405 -14.91 -51.47 -27.42
CA VAL B 405 -13.63 -51.09 -28.02
C VAL B 405 -12.46 -51.70 -27.25
N THR B 406 -11.31 -51.72 -27.91
CA THR B 406 -10.06 -52.13 -27.29
C THR B 406 -9.37 -50.82 -26.94
N ALA B 407 -9.35 -50.48 -25.66
CA ALA B 407 -8.76 -49.22 -25.22
C ALA B 407 -7.27 -49.18 -25.47
N VAL B 408 -6.59 -50.30 -25.17
CA VAL B 408 -5.15 -50.41 -25.37
C VAL B 408 -4.83 -51.77 -26.00
N LEU B 409 -4.16 -51.73 -27.14
CA LEU B 409 -3.65 -52.92 -27.82
C LEU B 409 -2.13 -52.87 -27.79
N VAL B 410 -1.53 -53.83 -27.11
CA VAL B 410 -0.07 -53.97 -27.12
C VAL B 410 0.29 -55.15 -28.03
N ASP B 411 0.91 -54.85 -29.16
CA ASP B 411 1.37 -55.89 -30.08
C ASP B 411 2.51 -56.67 -29.44
N PRO B 412 2.73 -57.93 -29.89
CA PRO B 412 3.83 -58.72 -29.31
C PRO B 412 5.22 -58.08 -29.43
N GLY B 413 5.44 -57.32 -30.49
CA GLY B 413 6.69 -56.60 -30.69
C GLY B 413 6.97 -55.43 -29.76
N SER B 414 6.00 -55.05 -28.93
CA SER B 414 6.19 -54.06 -27.87
C SER B 414 6.01 -54.74 -26.53
N ALA B 415 6.95 -54.54 -25.62
CA ALA B 415 6.93 -55.25 -24.36
C ALA B 415 7.47 -54.40 -23.23
N ARG B 416 7.27 -54.89 -22.00
CA ARG B 416 7.75 -54.23 -20.78
C ARG B 416 7.14 -52.82 -20.63
N ASN B 417 5.87 -52.72 -20.99
CA ASN B 417 5.11 -51.49 -20.88
C ASN B 417 4.31 -51.58 -19.60
N THR B 418 3.82 -50.42 -19.15
CA THR B 418 3.01 -50.30 -17.95
C THR B 418 1.71 -49.62 -18.35
N ILE B 419 0.59 -50.32 -18.14
CA ILE B 419 -0.73 -49.85 -18.54
C ILE B 419 -1.63 -49.81 -17.31
N LEU B 420 -2.01 -48.60 -16.88
CA LEU B 420 -2.78 -48.40 -15.65
C LEU B 420 -4.05 -47.63 -15.91
N ASP B 421 -5.17 -48.11 -15.39
CA ASP B 421 -6.41 -47.33 -15.36
C ASP B 421 -6.72 -46.69 -16.72
N SER B 422 -6.55 -47.50 -17.77
CA SER B 422 -6.84 -47.08 -19.13
C SER B 422 -7.73 -48.09 -19.83
N GLY B 423 -8.51 -48.84 -19.05
CA GLY B 423 -9.45 -49.81 -19.59
C GLY B 423 -9.60 -51.02 -18.69
N SER B 424 -10.72 -51.72 -18.87
CA SER B 424 -10.97 -52.99 -18.21
C SER B 424 -10.02 -54.05 -18.76
N ASP B 425 -10.02 -55.21 -18.12
CA ASP B 425 -9.20 -56.31 -18.62
C ASP B 425 -9.53 -56.71 -20.06
N THR B 426 -10.82 -56.75 -20.42
CA THR B 426 -11.23 -57.06 -21.80
C THR B 426 -10.80 -55.97 -22.79
N GLN B 427 -10.86 -54.73 -22.32
CA GLN B 427 -10.44 -53.57 -23.11
C GLN B 427 -8.95 -53.42 -23.32
N VAL B 428 -8.13 -54.06 -22.48
CA VAL B 428 -6.68 -54.01 -22.62
C VAL B 428 -6.19 -55.34 -23.18
N VAL B 429 -5.77 -55.34 -24.44
CA VAL B 429 -5.30 -56.55 -25.10
C VAL B 429 -3.78 -56.50 -25.06
N ALA B 430 -3.20 -57.41 -24.28
CA ALA B 430 -1.77 -57.39 -23.98
C ALA B 430 -1.35 -58.62 -23.20
N ASP B 431 -0.11 -59.02 -23.42
CA ASP B 431 0.49 -60.15 -22.71
C ASP B 431 0.84 -59.72 -21.29
N ARG B 432 0.09 -60.25 -20.33
CA ARG B 432 0.29 -59.93 -18.92
C ARG B 432 1.64 -60.42 -18.36
N ALA B 433 2.29 -61.39 -19.01
CA ALA B 433 3.55 -61.95 -18.51
C ALA B 433 4.74 -61.00 -18.71
N VAL B 434 4.66 -60.13 -19.73
CA VAL B 434 5.76 -59.21 -20.09
C VAL B 434 5.35 -57.73 -20.13
N ASN B 435 4.18 -57.42 -19.56
CA ASN B 435 3.76 -56.02 -19.32
C ASN B 435 3.16 -55.94 -17.92
N ALA B 436 3.21 -54.74 -17.34
CA ALA B 436 2.53 -54.47 -16.07
C ALA B 436 1.16 -53.85 -16.36
N ILE B 437 0.10 -54.60 -16.09
CA ILE B 437 -1.26 -54.18 -16.41
C ILE B 437 -2.07 -54.03 -15.13
N ARG B 438 -2.62 -52.86 -14.91
CA ARG B 438 -3.67 -52.70 -13.91
C ARG B 438 -4.94 -52.25 -14.59
N ALA B 439 -5.94 -53.12 -14.57
CA ALA B 439 -7.23 -52.80 -15.15
C ALA B 439 -7.87 -51.72 -14.30
N THR B 440 -8.61 -50.82 -14.95
CA THR B 440 -9.47 -49.91 -14.24
C THR B 440 -10.42 -50.72 -13.32
N PRO B 441 -10.60 -50.27 -12.06
CA PRO B 441 -11.51 -50.99 -11.17
C PRO B 441 -12.93 -51.11 -11.75
N THR B 442 -13.58 -52.25 -11.50
CA THR B 442 -14.94 -52.51 -11.99
C THR B 442 -15.92 -51.90 -10.98
N VAL B 443 -17.16 -51.67 -11.40
CA VAL B 443 -18.18 -51.20 -10.45
C VAL B 443 -18.45 -52.29 -9.41
N GLY B 444 -18.89 -51.88 -8.23
CA GLY B 444 -19.26 -52.82 -7.18
C GLY B 444 -18.17 -53.06 -6.15
N PHE B 445 -18.27 -54.20 -5.48
CA PHE B 445 -17.44 -54.53 -4.34
C PHE B 445 -16.46 -55.63 -4.75
N SER C 3 -7.73 3.93 -49.36
CA SER C 3 -6.87 3.92 -50.57
C SER C 3 -5.92 2.71 -50.52
N ASN C 4 -5.05 2.70 -49.51
CA ASN C 4 -4.29 1.49 -49.13
C ASN C 4 -5.01 0.66 -48.04
N ASN C 5 -6.27 1.00 -47.73
CA ASN C 5 -7.11 0.27 -46.75
C ASN C 5 -6.64 0.40 -45.29
N ARG C 6 -5.92 1.46 -44.97
CA ARG C 6 -5.47 1.73 -43.61
C ARG C 6 -5.99 3.09 -43.17
N TYR C 7 -6.67 3.11 -42.04
CA TYR C 7 -7.31 4.31 -41.52
C TYR C 7 -6.86 4.54 -40.08
N ASP C 8 -6.76 5.82 -39.72
CA ASP C 8 -6.42 6.25 -38.37
C ASP C 8 -7.56 7.17 -37.95
N VAL C 9 -8.24 6.84 -36.85
CA VAL C 9 -9.43 7.62 -36.43
C VAL C 9 -9.15 9.09 -36.14
N THR C 10 -7.90 9.44 -35.82
CA THR C 10 -7.49 10.83 -35.59
C THR C 10 -7.09 11.57 -36.87
N GLU C 11 -7.13 10.89 -38.02
CA GLU C 11 -6.83 11.48 -39.33
C GLU C 11 -8.01 11.26 -40.29
N TRP C 12 -9.21 11.58 -39.82
CA TRP C 12 -10.42 11.42 -40.62
C TRP C 12 -11.02 12.81 -40.78
N PRO C 13 -11.43 13.17 -42.01
CA PRO C 13 -11.90 14.55 -42.25
C PRO C 13 -13.13 15.00 -41.46
N ALA C 14 -14.04 14.08 -41.15
CA ALA C 14 -15.36 14.40 -40.61
C ALA C 14 -15.49 13.95 -39.17
N GLY C 15 -16.27 14.72 -38.40
CA GLY C 15 -16.56 14.37 -37.03
C GLY C 15 -15.39 14.57 -36.09
N ASN C 16 -15.47 13.91 -34.94
CA ASN C 16 -14.51 14.09 -33.87
C ASN C 16 -14.49 12.79 -33.07
N PRO C 17 -13.38 12.03 -33.14
CA PRO C 17 -13.36 10.76 -32.38
C PRO C 17 -13.37 10.94 -30.84
N ALA C 18 -12.95 12.10 -30.35
CA ALA C 18 -13.07 12.41 -28.92
C ALA C 18 -14.52 12.42 -28.48
N LYS C 19 -15.41 12.92 -29.34
CA LYS C 19 -16.80 13.16 -29.01
C LYS C 19 -17.71 12.02 -29.45
N ASP C 20 -17.50 11.48 -30.65
CA ASP C 20 -18.22 10.30 -31.11
C ASP C 20 -17.39 9.50 -32.11
N ILE C 21 -16.56 8.60 -31.56
CA ILE C 21 -15.76 7.70 -32.40
C ILE C 21 -16.63 6.72 -33.18
N GLY C 22 -17.82 6.41 -32.68
CA GLY C 22 -18.72 5.52 -33.39
C GLY C 22 -19.14 6.04 -34.75
N GLU C 23 -19.47 7.33 -34.81
CA GLU C 23 -19.78 8.01 -36.08
C GLU C 23 -18.58 7.97 -37.04
N VAL C 24 -17.39 8.28 -36.51
CA VAL C 24 -16.13 8.24 -37.29
C VAL C 24 -15.89 6.83 -37.85
N ILE C 25 -15.98 5.80 -37.01
CA ILE C 25 -15.72 4.44 -37.48
C ILE C 25 -16.78 3.98 -38.51
N ASN C 26 -18.05 4.29 -38.25
CA ASN C 26 -19.11 3.97 -39.24
C ASN C 26 -18.86 4.68 -40.58
N SER C 27 -18.42 5.93 -40.54
CA SER C 27 -18.04 6.69 -41.75
C SER C 27 -16.90 5.98 -42.52
N ILE C 28 -15.91 5.48 -41.77
CA ILE C 28 -14.81 4.73 -42.37
C ILE C 28 -15.31 3.44 -43.01
N ILE C 29 -16.19 2.71 -42.31
CA ILE C 29 -16.76 1.47 -42.86
C ILE C 29 -17.53 1.73 -44.17
N ALA C 30 -18.32 2.80 -44.20
CA ALA C 30 -18.99 3.22 -45.44
C ALA C 30 -18.01 3.50 -46.59
N ASP C 31 -16.89 4.17 -46.27
CA ASP C 31 -15.82 4.39 -47.25
C ASP C 31 -15.25 3.07 -47.78
N ILE C 32 -15.02 2.11 -46.89
CA ILE C 32 -14.48 0.82 -47.28
C ILE C 32 -15.44 0.14 -48.28
N LYS C 33 -16.72 0.10 -47.91
CA LYS C 33 -17.75 -0.52 -48.74
C LYS C 33 -17.90 0.16 -50.10
N ALA C 34 -17.88 1.48 -50.09
CA ALA C 34 -17.96 2.28 -51.33
C ALA C 34 -16.84 1.91 -52.29
N ARG C 35 -15.63 1.72 -51.75
CA ARG C 35 -14.45 1.42 -52.54
C ARG C 35 -14.31 -0.05 -52.88
N GLN C 36 -14.89 -0.95 -52.06
CA GLN C 36 -14.78 -2.40 -52.25
C GLN C 36 -16.14 -3.05 -52.59
N GLY C 37 -16.70 -2.65 -53.73
CA GLY C 37 -18.06 -3.08 -54.14
C GLY C 37 -18.11 -4.35 -54.94
N ALA C 38 -16.98 -4.73 -55.54
CA ALA C 38 -16.91 -5.85 -56.46
C ALA C 38 -16.19 -7.02 -55.81
N ALA C 39 -16.83 -8.19 -55.81
CA ALA C 39 -16.33 -9.37 -55.10
C ALA C 39 -15.35 -10.24 -55.92
N ASP C 40 -15.28 -10.04 -57.23
CA ASP C 40 -14.45 -10.92 -58.07
C ASP C 40 -13.81 -10.18 -59.26
N VAL C 41 -12.78 -9.40 -58.92
CA VAL C 41 -11.97 -8.66 -59.88
C VAL C 41 -10.51 -9.06 -59.62
N ASP C 42 -9.87 -9.65 -60.64
CA ASP C 42 -8.49 -10.14 -60.57
C ASP C 42 -8.25 -11.03 -59.34
N ASP C 43 -9.16 -11.99 -59.15
CA ASP C 43 -9.11 -12.95 -58.02
C ASP C 43 -9.20 -12.32 -56.61
N GLY C 44 -9.86 -11.17 -56.52
CA GLY C 44 -10.04 -10.48 -55.24
C GLY C 44 -11.13 -9.43 -55.32
N GLY C 45 -11.03 -8.42 -54.46
CA GLY C 45 -11.88 -7.23 -54.54
C GLY C 45 -12.46 -6.68 -53.26
N LYS C 46 -12.61 -7.54 -52.25
CA LYS C 46 -13.12 -7.13 -50.93
C LYS C 46 -12.14 -7.59 -49.84
N PRO C 47 -10.88 -7.09 -49.88
CA PRO C 47 -9.90 -7.58 -48.89
C PRO C 47 -10.10 -7.02 -47.47
N GLY C 48 -10.99 -6.06 -47.27
CA GLY C 48 -11.18 -5.46 -45.96
C GLY C 48 -10.21 -4.34 -45.71
N ALA C 49 -9.95 -4.06 -44.44
CA ALA C 49 -9.23 -2.86 -44.04
C ALA C 49 -8.79 -2.95 -42.58
N VAL C 50 -7.96 -2.01 -42.17
CA VAL C 50 -7.54 -1.86 -40.78
C VAL C 50 -7.81 -0.45 -40.30
N ILE C 51 -8.41 -0.34 -39.11
CA ILE C 51 -8.73 0.94 -38.48
C ILE C 51 -7.93 1.05 -37.19
N TYR C 52 -7.05 2.04 -37.14
CA TYR C 52 -6.14 2.25 -36.03
C TYR C 52 -6.64 3.35 -35.09
N LEU C 53 -6.60 3.04 -33.79
CA LEU C 53 -6.91 3.97 -32.70
C LEU C 53 -5.63 4.27 -31.93
N PRO C 54 -5.00 5.43 -32.17
CA PRO C 54 -3.86 5.79 -31.32
C PRO C 54 -4.30 5.93 -29.85
N PRO C 55 -3.35 5.90 -28.89
CA PRO C 55 -3.76 6.11 -27.50
C PRO C 55 -4.53 7.43 -27.35
N GLY C 56 -5.59 7.40 -26.56
CA GLY C 56 -6.50 8.56 -26.43
C GLY C 56 -7.80 8.16 -25.80
N ASP C 57 -8.56 9.18 -25.38
CA ASP C 57 -9.90 9.00 -24.80
C ASP C 57 -10.94 9.32 -25.87
N TYR C 58 -11.67 8.30 -26.32
CA TYR C 58 -12.65 8.43 -27.38
C TYR C 58 -14.04 8.07 -26.89
N HIS C 59 -14.96 9.05 -26.84
CA HIS C 59 -16.34 8.78 -26.50
C HIS C 59 -17.05 8.16 -27.69
N LEU C 60 -17.80 7.08 -27.45
CA LEU C 60 -18.63 6.45 -28.45
C LEU C 60 -20.09 6.69 -28.08
N ARG C 61 -20.80 7.40 -28.96
CA ARG C 61 -22.24 7.70 -28.77
C ARG C 61 -23.15 7.05 -29.81
N THR C 62 -22.56 6.45 -30.84
CA THR C 62 -23.29 5.74 -31.89
C THR C 62 -22.67 4.37 -32.00
N GLN C 63 -23.50 3.33 -31.93
CA GLN C 63 -23.03 1.96 -32.08
C GLN C 63 -22.34 1.80 -33.44
N VAL C 64 -21.21 1.12 -33.42
CA VAL C 64 -20.50 0.73 -34.62
C VAL C 64 -21.10 -0.56 -35.16
N LEU C 65 -21.50 -0.56 -36.43
CA LEU C 65 -21.97 -1.77 -37.08
C LEU C 65 -20.90 -2.27 -38.04
N ILE C 66 -20.38 -3.46 -37.75
CA ILE C 66 -19.44 -4.16 -38.63
C ILE C 66 -20.18 -5.26 -39.38
N ASP C 67 -20.29 -5.09 -40.70
CA ASP C 67 -20.97 -6.04 -41.57
C ASP C 67 -20.11 -6.42 -42.78
N ILE C 68 -18.79 -6.29 -42.63
CA ILE C 68 -17.84 -6.71 -43.66
C ILE C 68 -16.83 -7.66 -43.07
N SER C 69 -16.36 -8.59 -43.89
CA SER C 69 -15.32 -9.53 -43.51
C SER C 69 -13.96 -8.86 -43.56
N PHE C 70 -13.04 -9.40 -42.77
CA PHE C 70 -11.62 -8.99 -42.79
C PHE C 70 -11.38 -7.56 -42.34
N LEU C 71 -12.20 -7.06 -41.42
CA LEU C 71 -11.97 -5.76 -40.82
C LEU C 71 -11.17 -5.96 -39.54
N ARG C 72 -10.08 -5.22 -39.41
CA ARG C 72 -9.30 -5.21 -38.17
C ARG C 72 -9.43 -3.83 -37.52
N ILE C 73 -9.77 -3.84 -36.23
CA ILE C 73 -9.78 -2.62 -35.42
C ILE C 73 -8.72 -2.85 -34.36
N GLU C 74 -7.73 -1.96 -34.33
CA GLU C 74 -6.53 -2.14 -33.51
C GLU C 74 -6.17 -0.87 -32.78
N GLY C 75 -5.53 -1.03 -31.62
CA GLY C 75 -5.00 0.10 -30.88
C GLY C 75 -3.59 -0.13 -30.38
N SER C 76 -3.18 0.72 -29.45
CA SER C 76 -1.84 0.69 -28.88
C SER C 76 -1.86 0.68 -27.35
N GLY C 77 -2.88 0.05 -26.76
CA GLY C 77 -2.91 -0.15 -25.32
C GLY C 77 -4.20 -0.69 -24.78
N HIS C 78 -4.12 -1.78 -23.99
CA HIS C 78 -5.29 -2.36 -23.34
C HIS C 78 -5.83 -1.47 -22.21
N GLY C 79 -4.96 -0.64 -21.65
CA GLY C 79 -5.39 0.51 -20.84
C GLY C 79 -6.16 0.25 -19.56
N PHE C 80 -6.00 -0.93 -18.97
CA PHE C 80 -6.76 -1.27 -17.77
C PHE C 80 -6.23 -0.56 -16.54
N THR C 81 -7.17 -0.01 -15.76
CA THR C 81 -6.93 0.31 -14.36
C THR C 81 -8.19 -0.08 -13.59
N SER C 82 -8.07 -0.35 -12.30
CA SER C 82 -9.23 -0.82 -11.53
C SER C 82 -10.20 0.31 -11.20
N SER C 83 -11.18 0.52 -12.06
CA SER C 83 -12.29 1.44 -11.74
C SER C 83 -13.03 1.02 -10.45
N SER C 84 -13.10 -0.29 -10.20
CA SER C 84 -13.70 -0.81 -8.96
C SER C 84 -13.00 -0.30 -7.71
N ILE C 85 -11.68 -0.39 -7.68
CA ILE C 85 -10.93 0.16 -6.55
C ILE C 85 -11.22 1.67 -6.46
N ARG C 86 -11.13 2.38 -7.58
CA ARG C 86 -11.26 3.84 -7.56
C ARG C 86 -12.64 4.29 -7.06
N PHE C 87 -13.71 3.67 -7.55
CA PHE C 87 -15.06 4.07 -7.14
C PHE C 87 -15.37 3.74 -5.67
N ASN C 88 -14.55 2.89 -5.03
CA ASN C 88 -14.66 2.63 -3.59
C ASN C 88 -13.65 3.42 -2.72
N VAL C 89 -12.80 4.23 -3.35
CA VAL C 89 -12.05 5.28 -2.65
C VAL C 89 -13.03 6.45 -2.43
N PRO C 90 -13.05 7.02 -1.20
CA PRO C 90 -13.91 8.18 -0.97
C PRO C 90 -13.73 9.26 -2.03
N GLU C 91 -14.85 9.76 -2.56
CA GLU C 91 -14.88 10.69 -3.68
C GLU C 91 -14.06 11.98 -3.47
N GLU C 92 -14.03 12.47 -2.24
CA GLU C 92 -13.26 13.68 -1.95
C GLU C 92 -11.74 13.49 -2.15
N GLU C 93 -11.26 12.24 -2.12
CA GLU C 93 -9.84 11.93 -2.33
C GLU C 93 -9.41 11.79 -3.81
N TRP C 94 -10.38 11.67 -4.73
CA TRP C 94 -10.07 11.47 -6.16
C TRP C 94 -9.09 12.48 -6.79
N PRO C 95 -9.22 13.80 -6.48
CA PRO C 95 -8.26 14.75 -7.05
C PRO C 95 -6.79 14.47 -6.74
N ASP C 96 -6.49 13.73 -5.67
CA ASP C 96 -5.12 13.44 -5.25
C ASP C 96 -4.52 12.17 -5.88
N LEU C 97 -5.33 11.38 -6.60
CA LEU C 97 -4.84 10.14 -7.20
C LEU C 97 -4.08 10.47 -8.48
N HIS C 98 -3.01 9.72 -8.79
CA HIS C 98 -2.23 9.98 -10.03
C HIS C 98 -3.12 9.99 -11.28
N GLU C 99 -4.04 9.03 -11.35
CA GLU C 99 -5.07 9.02 -12.39
C GLU C 99 -6.31 8.38 -11.85
N LEU C 100 -7.40 8.49 -12.59
CA LEU C 100 -8.66 7.86 -12.24
C LEU C 100 -9.09 6.81 -13.23
N TRP C 101 -9.09 7.19 -14.50
CA TRP C 101 -9.77 6.42 -15.53
C TRP C 101 -8.82 5.43 -16.22
N PRO C 102 -9.41 4.39 -16.83
CA PRO C 102 -8.63 3.62 -17.82
C PRO C 102 -8.05 4.51 -18.92
N GLY C 103 -7.06 3.97 -19.64
CA GLY C 103 -6.41 4.70 -20.72
C GLY C 103 -6.14 3.79 -21.91
N GLY C 104 -4.95 3.92 -22.48
CA GLY C 104 -4.61 3.20 -23.71
C GLY C 104 -5.41 3.76 -24.87
N SER C 105 -5.75 2.91 -25.82
CA SER C 105 -6.61 3.28 -26.94
C SER C 105 -8.05 3.05 -26.50
N ARG C 106 -8.62 4.08 -25.86
CA ARG C 106 -9.81 3.89 -25.02
C ARG C 106 -11.12 4.32 -25.66
N VAL C 107 -12.03 3.36 -25.81
CA VAL C 107 -13.36 3.60 -26.31
C VAL C 107 -14.33 3.62 -25.12
N ILE C 108 -14.86 4.81 -24.82
CA ILE C 108 -15.83 5.01 -23.73
C ILE C 108 -17.24 4.77 -24.28
N VAL C 109 -17.94 3.81 -23.72
CA VAL C 109 -19.24 3.42 -24.22
C VAL C 109 -20.28 4.33 -23.57
N ASP C 110 -20.72 5.36 -24.32
CA ASP C 110 -21.77 6.29 -23.86
C ASP C 110 -23.05 5.98 -24.63
N LEU C 111 -23.48 4.73 -24.57
CA LEU C 111 -24.77 4.33 -25.12
C LEU C 111 -25.74 4.14 -23.95
N PRO C 112 -27.04 4.46 -24.16
CA PRO C 112 -28.05 4.02 -23.18
C PRO C 112 -28.18 2.49 -23.13
N ALA C 113 -28.67 1.98 -22.00
CA ALA C 113 -28.93 0.54 -21.84
C ALA C 113 -29.84 0.00 -22.95
N GLY C 114 -29.53 -1.20 -23.46
CA GLY C 114 -30.18 -1.77 -24.65
C GLY C 114 -31.69 -1.77 -24.67
N ASP C 118 -33.08 -5.42 -26.89
CA ASP C 118 -32.09 -6.44 -26.58
C ASP C 118 -30.78 -5.77 -26.13
N SER C 119 -29.95 -6.54 -25.42
CA SER C 119 -28.61 -6.12 -25.03
C SER C 119 -27.69 -5.74 -26.22
N ALA C 120 -27.93 -6.32 -27.40
CA ALA C 120 -27.19 -5.94 -28.62
C ALA C 120 -27.22 -4.44 -28.90
N ALA C 121 -28.35 -3.78 -28.60
CA ALA C 121 -28.46 -2.33 -28.79
C ALA C 121 -27.53 -1.50 -27.89
N GLY C 122 -27.14 -2.06 -26.73
CA GLY C 122 -26.15 -1.44 -25.85
C GLY C 122 -24.68 -1.80 -26.15
N ALA C 123 -24.43 -2.52 -27.24
CA ALA C 123 -23.05 -2.89 -27.63
C ALA C 123 -22.37 -1.73 -28.35
N ALA C 124 -21.13 -1.43 -27.93
CA ALA C 124 -20.30 -0.43 -28.63
C ALA C 124 -19.98 -0.88 -30.05
N PHE C 125 -19.64 -2.16 -30.23
CA PHE C 125 -19.41 -2.76 -31.53
C PHE C 125 -20.35 -3.92 -31.74
N LEU C 126 -21.18 -3.83 -32.78
CA LEU C 126 -22.10 -4.89 -33.17
C LEU C 126 -21.59 -5.45 -34.47
N VAL C 127 -21.33 -6.75 -34.51
CA VAL C 127 -20.96 -7.42 -35.73
C VAL C 127 -22.18 -8.24 -36.15
N ALA C 128 -22.72 -7.91 -37.33
CA ALA C 128 -23.91 -8.60 -37.81
C ALA C 128 -24.00 -8.56 -39.32
N ARG C 129 -24.32 -9.71 -39.90
CA ARG C 129 -24.59 -9.84 -41.30
C ARG C 129 -25.27 -11.16 -41.52
N GLU C 130 -26.37 -11.16 -42.28
CA GLU C 130 -27.03 -12.41 -42.64
C GLU C 130 -26.69 -12.76 -44.08
N GLY C 131 -27.21 -13.88 -44.55
CA GLY C 131 -26.86 -14.38 -45.87
C GLY C 131 -25.55 -15.14 -45.81
N SER C 132 -24.94 -15.33 -46.96
CA SER C 132 -23.78 -16.21 -47.08
C SER C 132 -22.67 -15.51 -47.85
N PRO C 133 -21.40 -15.87 -47.62
CA PRO C 133 -20.98 -16.80 -46.56
C PRO C 133 -21.02 -16.14 -45.16
N ARG C 134 -20.68 -16.89 -44.12
CA ARG C 134 -20.53 -16.32 -42.78
C ARG C 134 -19.50 -15.22 -42.83
N ILE C 135 -19.78 -14.14 -42.14
CA ILE C 135 -18.80 -13.07 -41.94
C ILE C 135 -17.56 -13.71 -41.30
N SER C 136 -16.38 -13.32 -41.76
CA SER C 136 -15.16 -14.06 -41.44
C SER C 136 -13.98 -13.16 -41.13
N SER C 137 -13.14 -13.64 -40.20
CA SER C 137 -11.82 -13.05 -39.94
C SER C 137 -11.82 -11.57 -39.59
N VAL C 138 -12.85 -11.15 -38.84
CA VAL C 138 -12.83 -9.86 -38.17
C VAL C 138 -11.86 -10.00 -36.99
N GLU C 139 -11.08 -8.96 -36.75
CA GLU C 139 -10.03 -8.95 -35.71
C GLU C 139 -10.19 -7.71 -34.83
N PHE C 140 -10.24 -7.90 -33.52
CA PHE C 140 -10.14 -6.79 -32.55
C PHE C 140 -8.84 -6.97 -31.78
N SER C 141 -8.01 -5.93 -31.76
CA SER C 141 -6.67 -6.02 -31.14
C SER C 141 -6.19 -4.83 -30.33
N ASN C 142 -5.77 -5.10 -29.10
CA ASN C 142 -4.96 -4.18 -28.30
C ASN C 142 -5.56 -2.78 -28.14
N PHE C 143 -6.85 -2.74 -27.86
CA PHE C 143 -7.50 -1.51 -27.40
C PHE C 143 -8.40 -1.74 -26.20
N CYS C 144 -8.88 -0.63 -25.63
CA CYS C 144 -9.61 -0.64 -24.37
C CYS C 144 -11.06 -0.28 -24.63
N ILE C 145 -12.00 -1.01 -24.02
CA ILE C 145 -13.42 -0.66 -24.08
C ILE C 145 -13.92 -0.53 -22.65
N ASP C 146 -14.43 0.66 -22.33
CA ASP C 146 -14.70 1.09 -20.96
C ASP C 146 -16.16 1.53 -20.87
N GLY C 147 -16.96 0.84 -20.05
CA GLY C 147 -18.35 1.23 -19.85
C GLY C 147 -18.55 2.30 -18.77
N LEU C 148 -17.45 2.80 -18.22
CA LEU C 148 -17.40 4.02 -17.42
C LEU C 148 -17.97 3.90 -16.00
N HIS C 149 -19.26 3.58 -15.90
CA HIS C 149 -19.98 3.50 -14.61
C HIS C 149 -20.89 2.30 -14.57
N PHE C 150 -21.04 1.74 -13.37
CA PHE C 150 -22.16 0.87 -13.07
C PHE C 150 -23.23 1.72 -12.35
N THR C 151 -24.49 1.32 -12.49
CA THR C 151 -25.64 2.15 -12.03
C THR C 151 -26.54 1.41 -11.04
N ALA C 152 -27.36 2.18 -10.32
CA ALA C 152 -28.23 1.60 -9.29
C ALA C 152 -29.23 0.66 -9.92
N ASP C 153 -29.50 -0.48 -9.26
CA ASP C 153 -30.47 -1.46 -9.78
C ASP C 153 -31.40 -2.06 -8.70
N GLY C 154 -31.55 -1.36 -7.58
CA GLY C 154 -32.37 -1.85 -6.47
C GLY C 154 -31.87 -3.11 -5.79
N SER C 155 -30.56 -3.40 -5.89
CA SER C 155 -29.96 -4.58 -5.27
C SER C 155 -29.32 -4.29 -3.90
N GLY C 156 -29.55 -3.08 -3.35
CA GLY C 156 -28.94 -2.67 -2.07
C GLY C 156 -27.54 -2.08 -2.18
N ARG C 157 -26.71 -2.66 -3.06
CA ARG C 157 -25.30 -2.26 -3.22
C ARG C 157 -25.16 -0.82 -3.69
N HIS C 158 -23.98 -0.24 -3.46
CA HIS C 158 -23.64 1.08 -3.98
C HIS C 158 -23.71 0.99 -5.52
N PRO C 159 -24.18 2.05 -6.21
CA PRO C 159 -24.33 1.97 -7.67
C PRO C 159 -23.10 1.45 -8.44
N GLU C 160 -21.90 1.91 -8.06
CA GLU C 160 -20.68 1.49 -8.78
C GLU C 160 -20.25 0.04 -8.52
N ASN C 161 -20.92 -0.65 -7.59
CA ASN C 161 -20.67 -2.06 -7.29
C ASN C 161 -21.77 -3.01 -7.78
N THR C 162 -22.72 -2.53 -8.58
CA THR C 162 -23.80 -3.40 -9.02
C THR C 162 -23.42 -4.32 -10.20
N TYR C 163 -22.38 -3.94 -10.94
CA TYR C 163 -22.04 -4.57 -12.23
C TYR C 163 -23.16 -4.46 -13.29
N ALA C 164 -24.01 -3.44 -13.17
CA ALA C 164 -25.12 -3.24 -14.07
C ALA C 164 -25.05 -1.91 -14.80
N ASN C 165 -25.03 -1.97 -16.12
CA ASN C 165 -25.24 -0.77 -16.96
C ASN C 165 -25.86 -0.98 -18.32
N GLY C 166 -26.21 -2.22 -18.69
CA GLY C 166 -26.78 -2.52 -19.99
C GLY C 166 -25.83 -2.37 -21.19
N LYS C 167 -24.54 -2.18 -20.91
CA LYS C 167 -23.55 -1.94 -21.97
C LYS C 167 -22.77 -3.20 -22.27
N THR C 168 -22.44 -3.38 -23.56
CA THR C 168 -21.60 -4.49 -24.02
C THR C 168 -20.42 -3.91 -24.81
N GLY C 169 -19.26 -4.54 -24.72
CA GLY C 169 -18.08 -4.10 -25.46
C GLY C 169 -18.21 -4.48 -26.92
N ILE C 170 -18.24 -5.79 -27.15
CA ILE C 170 -18.37 -6.34 -28.50
C ILE C 170 -19.45 -7.39 -28.48
N HIS C 171 -20.41 -7.25 -29.37
CA HIS C 171 -21.50 -8.21 -29.54
C HIS C 171 -21.50 -8.73 -30.98
N VAL C 172 -21.34 -10.04 -31.17
CA VAL C 172 -21.39 -10.66 -32.49
C VAL C 172 -22.70 -11.44 -32.57
N ALA C 173 -23.60 -10.96 -33.42
CA ALA C 173 -24.97 -11.52 -33.47
C ALA C 173 -25.13 -12.63 -34.48
N SER C 174 -24.29 -12.66 -35.50
CA SER C 174 -24.44 -13.57 -36.62
C SER C 174 -23.37 -14.64 -36.63
N ALA C 175 -23.69 -15.76 -37.30
CA ALA C 175 -22.74 -16.83 -37.55
C ALA C 175 -21.44 -16.26 -38.12
N ASN C 176 -20.33 -16.73 -37.57
CA ASN C 176 -19.02 -16.15 -37.85
C ASN C 176 -17.93 -17.23 -37.84
N ASP C 177 -16.88 -17.00 -38.60
CA ASP C 177 -15.80 -17.96 -38.79
C ASP C 177 -14.46 -17.25 -38.65
N SER C 178 -13.53 -17.88 -37.94
CA SER C 178 -12.15 -17.40 -37.85
C SER C 178 -12.01 -15.98 -37.27
N PHE C 179 -12.90 -15.58 -36.35
CA PHE C 179 -12.77 -14.30 -35.66
C PHE C 179 -11.65 -14.33 -34.63
N ARG C 180 -11.05 -13.18 -34.35
CA ARG C 180 -10.03 -13.08 -33.29
C ARG C 180 -10.24 -11.86 -32.43
N VAL C 181 -10.13 -12.06 -31.13
CA VAL C 181 -10.12 -10.97 -30.17
C VAL C 181 -8.85 -11.16 -29.34
N THR C 182 -7.90 -10.24 -29.50
CA THR C 182 -6.58 -10.39 -28.88
C THR C 182 -6.06 -9.12 -28.22
N ASP C 183 -5.36 -9.28 -27.10
CA ASP C 183 -4.65 -8.18 -26.43
C ASP C 183 -5.55 -7.02 -25.98
N MET C 184 -6.84 -7.27 -25.84
CA MET C 184 -7.79 -6.22 -25.48
C MET C 184 -7.77 -5.96 -23.98
N GLY C 185 -8.32 -4.81 -23.62
CA GLY C 185 -8.70 -4.50 -22.24
C GLY C 185 -10.20 -4.20 -22.25
N PHE C 186 -10.95 -4.87 -21.38
CA PHE C 186 -12.37 -4.53 -21.17
C PHE C 186 -12.57 -4.20 -19.69
N VAL C 187 -13.36 -3.17 -19.40
CA VAL C 187 -13.55 -2.71 -18.02
C VAL C 187 -14.92 -2.01 -17.87
N TYR C 188 -15.61 -2.35 -16.78
CA TYR C 188 -16.85 -1.68 -16.37
C TYR C 188 -18.00 -1.75 -17.38
N LEU C 189 -18.14 -2.92 -17.99
CA LEU C 189 -19.21 -3.22 -18.92
C LEU C 189 -20.04 -4.33 -18.28
N GLU C 190 -21.37 -4.24 -18.40
CA GLU C 190 -22.21 -5.35 -17.94
C GLU C 190 -21.86 -6.67 -18.65
N ASN C 191 -21.54 -6.60 -19.95
CA ASN C 191 -21.05 -7.73 -20.73
C ASN C 191 -19.86 -7.30 -21.56
N ALA C 192 -18.71 -7.92 -21.36
CA ALA C 192 -17.52 -7.53 -22.12
C ALA C 192 -17.65 -7.98 -23.57
N LEU C 193 -17.84 -9.30 -23.74
CA LEU C 193 -17.70 -9.94 -25.04
C LEU C 193 -18.73 -11.06 -25.19
N THR C 194 -19.68 -10.87 -26.10
CA THR C 194 -20.72 -11.86 -26.38
C THR C 194 -20.70 -12.20 -27.85
N ILE C 195 -20.49 -13.48 -28.15
CA ILE C 195 -20.34 -13.94 -29.52
C ILE C 195 -21.29 -15.10 -29.75
N HIS C 196 -22.25 -14.89 -30.64
CA HIS C 196 -23.18 -15.94 -31.04
C HIS C 196 -22.63 -16.73 -32.23
N LYS C 197 -22.89 -18.03 -32.24
CA LYS C 197 -22.75 -18.88 -33.44
C LYS C 197 -21.33 -18.85 -34.02
N ALA C 198 -20.35 -19.01 -33.11
CA ALA C 198 -18.94 -18.87 -33.45
C ALA C 198 -18.32 -20.18 -33.93
N ASP C 199 -17.64 -20.14 -35.09
CA ASP C 199 -16.84 -21.26 -35.58
C ASP C 199 -15.38 -20.86 -35.64
N ALA C 200 -14.49 -21.71 -35.13
CA ALA C 200 -13.05 -21.49 -35.20
C ALA C 200 -12.62 -20.09 -34.74
N LEU C 201 -13.20 -19.68 -33.61
CA LEU C 201 -12.94 -18.41 -32.96
C LEU C 201 -11.75 -18.53 -31.99
N SER C 202 -10.93 -17.49 -31.94
CA SER C 202 -9.86 -17.40 -30.92
C SER C 202 -9.98 -16.13 -30.07
N ILE C 203 -10.18 -16.31 -28.77
CA ILE C 203 -10.16 -15.22 -27.81
C ILE C 203 -8.88 -15.43 -27.00
N HIS C 204 -7.87 -14.61 -27.26
CA HIS C 204 -6.50 -14.91 -26.83
C HIS C 204 -5.85 -13.69 -26.18
N HIS C 205 -5.26 -13.90 -25.00
CA HIS C 205 -4.39 -12.90 -24.35
C HIS C 205 -5.08 -11.55 -24.12
N ASN C 206 -6.32 -11.59 -23.68
CA ASN C 206 -7.03 -10.38 -23.29
C ASN C 206 -7.04 -10.20 -21.79
N PHE C 207 -7.34 -8.96 -21.38
CA PHE C 207 -7.54 -8.61 -19.97
C PHE C 207 -9.00 -8.17 -19.86
N ILE C 208 -9.83 -9.03 -19.28
CA ILE C 208 -11.29 -8.83 -19.27
C ILE C 208 -11.73 -8.85 -17.81
N ALA C 209 -11.86 -7.67 -17.24
CA ALA C 209 -12.05 -7.56 -15.77
C ALA C 209 -13.04 -6.48 -15.35
N GLU C 210 -13.64 -6.70 -14.18
CA GLU C 210 -14.60 -5.75 -13.60
C GLU C 210 -15.73 -5.49 -14.57
N CYS C 211 -16.17 -6.59 -15.18
CA CYS C 211 -17.34 -6.62 -16.05
C CYS C 211 -18.32 -7.59 -15.42
N GLY C 212 -19.62 -7.32 -15.56
CA GLY C 212 -20.65 -8.20 -15.00
C GLY C 212 -20.51 -9.64 -15.45
N SER C 213 -20.46 -9.81 -16.76
CA SER C 213 -20.04 -11.04 -17.41
C SER C 213 -18.90 -10.69 -18.36
N CYS C 214 -17.97 -11.63 -18.53
CA CYS C 214 -16.81 -11.38 -19.39
C CYS C 214 -17.00 -12.02 -20.76
N ILE C 215 -16.77 -13.31 -20.90
CA ILE C 215 -16.89 -14.01 -22.20
C ILE C 215 -18.12 -14.89 -22.23
N GLU C 216 -19.01 -14.66 -23.19
CA GLU C 216 -20.18 -15.52 -23.37
C GLU C 216 -20.24 -15.96 -24.81
N LEU C 217 -20.16 -17.27 -25.04
CA LEU C 217 -20.33 -17.85 -26.35
C LEU C 217 -21.73 -18.47 -26.43
N ARG C 218 -22.60 -17.83 -27.22
CA ARG C 218 -24.04 -18.13 -27.23
C ARG C 218 -24.51 -18.78 -28.51
N GLY C 219 -25.70 -19.38 -28.43
CA GLY C 219 -26.36 -20.02 -29.55
C GLY C 219 -25.83 -21.43 -29.75
N TRP C 220 -24.72 -21.50 -30.47
CA TRP C 220 -23.96 -22.72 -30.64
C TRP C 220 -22.56 -22.34 -31.15
N GLY C 221 -21.73 -23.34 -31.38
CA GLY C 221 -20.40 -23.10 -31.97
C GLY C 221 -19.56 -24.34 -32.04
N GLN C 222 -18.39 -24.20 -32.66
CA GLN C 222 -17.53 -25.32 -32.92
C GLN C 222 -16.07 -24.86 -33.05
N ALA C 223 -15.16 -25.73 -32.63
CA ALA C 223 -13.71 -25.61 -32.89
C ALA C 223 -13.09 -24.30 -32.46
N SER C 224 -13.55 -23.74 -31.34
CA SER C 224 -13.08 -22.45 -30.87
C SER C 224 -12.11 -22.57 -29.70
N LYS C 225 -11.44 -21.48 -29.36
CA LYS C 225 -10.54 -21.52 -28.22
C LYS C 225 -10.50 -20.21 -27.45
N ILE C 226 -10.39 -20.37 -26.13
CA ILE C 226 -10.29 -19.26 -25.20
C ILE C 226 -9.01 -19.52 -24.45
N THR C 227 -7.98 -18.74 -24.72
CA THR C 227 -6.66 -19.06 -24.21
C THR C 227 -5.91 -17.85 -23.70
N ASP C 228 -5.19 -18.05 -22.60
CA ASP C 228 -4.21 -17.09 -22.11
C ASP C 228 -4.83 -15.74 -21.70
N ASN C 229 -6.08 -15.77 -21.22
CA ASN C 229 -6.75 -14.54 -20.79
C ASN C 229 -6.64 -14.35 -19.29
N LEU C 230 -6.73 -13.10 -18.87
CA LEU C 230 -6.88 -12.72 -17.47
C LEU C 230 -8.33 -12.24 -17.33
N VAL C 231 -9.11 -12.89 -16.47
CA VAL C 231 -10.56 -12.73 -16.47
C VAL C 231 -11.09 -12.57 -15.04
N GLY C 232 -11.94 -11.57 -14.84
CA GLY C 232 -12.62 -11.38 -13.55
C GLY C 232 -13.97 -10.76 -13.78
N ALA C 233 -15.02 -11.44 -13.35
CA ALA C 233 -16.39 -11.00 -13.61
C ALA C 233 -17.09 -10.53 -12.32
N GLY C 234 -18.42 -10.46 -12.36
CA GLY C 234 -19.22 -10.03 -11.22
C GLY C 234 -20.14 -11.12 -10.70
N PRO C 235 -20.67 -10.94 -9.47
CA PRO C 235 -21.33 -12.05 -8.75
C PRO C 235 -22.65 -12.57 -9.32
N ARG C 236 -23.23 -11.88 -10.30
CA ARG C 236 -24.42 -12.37 -11.00
C ARG C 236 -24.11 -12.80 -12.44
N GLY C 237 -22.84 -12.81 -12.81
CA GLY C 237 -22.45 -13.03 -14.20
C GLY C 237 -21.45 -14.14 -14.41
N HIS C 238 -21.07 -14.31 -15.66
CA HIS C 238 -20.15 -15.36 -16.08
C HIS C 238 -18.76 -14.83 -16.31
N SER C 239 -17.75 -15.64 -15.97
CA SER C 239 -16.37 -15.35 -16.38
C SER C 239 -16.17 -15.89 -17.79
N ILE C 240 -16.31 -17.20 -17.93
CA ILE C 240 -16.33 -17.87 -19.23
C ILE C 240 -17.62 -18.70 -19.28
N TYR C 241 -18.43 -18.42 -20.29
CA TYR C 241 -19.70 -19.14 -20.52
C TYR C 241 -19.74 -19.60 -21.96
N ALA C 242 -20.20 -20.85 -22.17
CA ALA C 242 -20.48 -21.37 -23.49
C ALA C 242 -21.71 -22.26 -23.47
N GLU C 243 -22.51 -22.20 -24.54
CA GLU C 243 -23.67 -23.08 -24.72
C GLU C 243 -23.67 -23.71 -26.11
N ASN C 244 -24.00 -25.01 -26.16
CA ASN C 244 -24.11 -25.77 -27.41
C ASN C 244 -22.87 -25.66 -28.29
N HIS C 245 -21.70 -25.66 -27.64
CA HIS C 245 -20.41 -25.71 -28.31
C HIS C 245 -19.90 -27.12 -28.32
N GLY C 246 -19.22 -27.45 -29.41
CA GLY C 246 -18.48 -28.68 -29.53
C GLY C 246 -17.03 -28.31 -29.82
N GLY C 247 -16.10 -29.08 -29.28
CA GLY C 247 -14.69 -28.89 -29.59
C GLY C 247 -14.10 -27.56 -29.16
N LEU C 248 -14.57 -27.04 -28.04
CA LEU C 248 -14.06 -25.79 -27.46
C LEU C 248 -12.84 -26.13 -26.59
N LEU C 249 -11.78 -25.32 -26.71
CA LEU C 249 -10.58 -25.48 -25.89
C LEU C 249 -10.44 -24.26 -24.99
N VAL C 250 -10.51 -24.49 -23.69
CA VAL C 250 -10.39 -23.41 -22.72
C VAL C 250 -9.14 -23.71 -21.87
N THR C 251 -8.08 -22.94 -22.09
CA THR C 251 -6.80 -23.29 -21.48
C THR C 251 -5.89 -22.10 -21.23
N ALA C 252 -5.06 -22.23 -20.20
CA ALA C 252 -4.05 -21.24 -19.86
C ALA C 252 -4.63 -19.89 -19.44
N ASN C 253 -5.86 -19.90 -18.93
CA ASN C 253 -6.51 -18.68 -18.44
C ASN C 253 -6.25 -18.57 -16.94
N ASN C 254 -6.11 -17.33 -16.48
CA ASN C 254 -6.04 -17.02 -15.07
C ASN C 254 -7.33 -16.26 -14.76
N VAL C 255 -8.28 -16.97 -14.16
CA VAL C 255 -9.59 -16.47 -13.86
C VAL C 255 -9.62 -16.16 -12.35
N PHE C 256 -9.86 -14.91 -12.02
CA PHE C 256 -9.89 -14.47 -10.62
C PHE C 256 -11.32 -13.99 -10.31
N PRO C 257 -11.61 -13.65 -9.04
CA PRO C 257 -12.99 -13.29 -8.72
C PRO C 257 -13.47 -12.00 -9.45
N ARG C 258 -14.78 -11.73 -9.50
CA ARG C 258 -15.80 -12.38 -8.66
C ARG C 258 -17.04 -12.76 -9.43
N GLY C 259 -16.83 -13.50 -10.52
CA GLY C 259 -17.94 -14.10 -11.23
C GLY C 259 -18.73 -15.06 -10.36
N ALA C 260 -19.99 -15.26 -10.70
CA ALA C 260 -20.80 -16.34 -10.14
C ALA C 260 -20.13 -17.70 -10.33
N SER C 261 -19.45 -17.84 -11.48
CA SER C 261 -18.68 -19.02 -11.80
C SER C 261 -17.41 -18.60 -12.58
N SER C 262 -16.48 -19.55 -12.72
CA SER C 262 -15.26 -19.38 -13.54
C SER C 262 -15.49 -19.88 -14.95
N VAL C 263 -16.11 -21.05 -15.07
CA VAL C 263 -16.45 -21.65 -16.35
C VAL C 263 -17.83 -22.28 -16.22
N HIS C 264 -18.73 -21.94 -17.13
CA HIS C 264 -20.11 -22.39 -17.10
C HIS C 264 -20.49 -22.89 -18.47
N PHE C 265 -20.76 -24.18 -18.57
CA PHE C 265 -21.16 -24.83 -19.81
C PHE C 265 -22.62 -25.28 -19.73
N LYS C 266 -23.37 -25.03 -20.80
CA LYS C 266 -24.69 -25.63 -20.99
C LYS C 266 -24.74 -26.34 -22.34
N GLY C 267 -24.96 -27.65 -22.33
CA GLY C 267 -24.99 -28.43 -23.58
C GLY C 267 -23.69 -28.39 -24.35
N VAL C 268 -22.57 -28.27 -23.65
CA VAL C 268 -21.25 -28.25 -24.29
C VAL C 268 -20.70 -29.66 -24.30
N THR C 269 -20.21 -30.09 -25.46
CA THR C 269 -19.74 -31.45 -25.63
C THR C 269 -18.35 -31.50 -26.25
N ARG C 270 -17.64 -32.57 -25.96
CA ARG C 270 -16.40 -32.89 -26.66
C ARG C 270 -15.42 -31.73 -26.64
N SER C 271 -15.33 -31.12 -25.46
CA SER C 271 -14.54 -29.92 -25.23
C SER C 271 -13.54 -30.14 -24.09
N SER C 272 -12.66 -29.16 -23.90
CA SER C 272 -11.58 -29.32 -22.93
C SER C 272 -11.41 -28.06 -22.10
N VAL C 273 -11.46 -28.22 -20.78
CA VAL C 273 -11.21 -27.15 -19.84
C VAL C 273 -10.01 -27.60 -19.03
N THR C 274 -8.83 -27.16 -19.45
CA THR C 274 -7.59 -27.77 -19.03
C THR C 274 -6.51 -26.73 -18.77
N ASN C 275 -5.74 -26.95 -17.71
CA ASN C 275 -4.62 -26.09 -17.39
C ASN C 275 -4.99 -24.61 -17.23
N ASN C 276 -6.02 -24.35 -16.43
CA ASN C 276 -6.38 -23.00 -16.05
C ASN C 276 -6.10 -22.81 -14.58
N ARG C 277 -5.87 -21.57 -14.17
CA ARG C 277 -5.86 -21.22 -12.76
C ARG C 277 -7.19 -20.50 -12.49
N LEU C 278 -7.94 -21.02 -11.51
CA LEU C 278 -9.32 -20.56 -11.26
C LEU C 278 -9.44 -20.23 -9.79
N HIS C 279 -9.85 -19.00 -9.50
CA HIS C 279 -10.00 -18.54 -8.13
C HIS C 279 -11.37 -17.92 -8.01
N ALA C 280 -12.15 -18.41 -7.04
CA ALA C 280 -13.49 -17.91 -6.79
C ALA C 280 -13.71 -17.63 -5.31
N PHE C 281 -14.66 -16.72 -5.02
CA PHE C 281 -15.11 -16.49 -3.66
C PHE C 281 -16.42 -17.24 -3.31
N TYR C 282 -16.93 -18.05 -4.25
CA TYR C 282 -18.21 -18.74 -4.07
C TYR C 282 -18.12 -20.17 -4.62
N PRO C 283 -19.02 -21.08 -4.18
CA PRO C 283 -19.16 -22.39 -4.83
C PRO C 283 -19.63 -22.25 -6.27
N GLY C 284 -19.60 -23.35 -7.01
CA GLY C 284 -20.08 -23.39 -8.39
C GLY C 284 -19.09 -22.76 -9.35
N MET C 285 -17.82 -23.08 -9.18
CA MET C 285 -16.74 -22.46 -9.98
C MET C 285 -16.78 -22.98 -11.41
N VAL C 286 -16.91 -24.28 -11.55
CA VAL C 286 -16.99 -24.89 -12.87
C VAL C 286 -18.28 -25.70 -12.93
N ARG C 287 -19.15 -25.32 -13.86
CA ARG C 287 -20.47 -25.91 -14.01
C ARG C 287 -20.64 -26.52 -15.38
N LEU C 288 -20.85 -27.83 -15.42
CA LEU C 288 -21.16 -28.54 -16.64
C LEU C 288 -22.63 -28.91 -16.51
N GLU C 289 -23.49 -28.28 -17.31
CA GLU C 289 -24.93 -28.39 -17.16
C GLU C 289 -25.63 -28.82 -18.44
N GLU C 290 -26.87 -29.28 -18.31
CA GLU C 290 -27.75 -29.55 -19.44
C GLU C 290 -27.08 -30.41 -20.52
N ASN C 291 -26.76 -31.65 -20.15
CA ASN C 291 -26.15 -32.65 -21.04
C ASN C 291 -24.80 -32.17 -21.58
N SER C 292 -23.94 -31.72 -20.67
CA SER C 292 -22.58 -31.36 -21.02
C SER C 292 -21.75 -32.63 -20.87
N SER C 293 -21.32 -33.19 -21.99
CA SER C 293 -20.86 -34.56 -22.05
C SER C 293 -19.55 -34.68 -22.82
N GLU C 294 -18.80 -35.73 -22.52
CA GLU C 294 -17.53 -36.05 -23.19
C GLU C 294 -16.50 -34.92 -23.15
N ASN C 295 -16.50 -34.18 -22.06
CA ASN C 295 -15.56 -33.10 -21.83
C ASN C 295 -14.41 -33.54 -20.93
N LEU C 296 -13.24 -32.98 -21.20
CA LEU C 296 -12.04 -33.18 -20.37
C LEU C 296 -11.88 -31.96 -19.48
N VAL C 297 -11.81 -32.19 -18.17
CA VAL C 297 -11.54 -31.13 -17.21
C VAL C 297 -10.29 -31.58 -16.46
N ALA C 298 -9.14 -31.06 -16.85
CA ALA C 298 -7.86 -31.62 -16.43
C ALA C 298 -6.84 -30.57 -15.99
N THR C 299 -6.04 -30.95 -14.98
CA THR C 299 -4.88 -30.18 -14.54
C THR C 299 -5.14 -28.68 -14.37
N ASN C 300 -6.29 -28.37 -13.79
CA ASN C 300 -6.66 -27.01 -13.41
C ASN C 300 -6.32 -26.85 -11.95
N HIS C 301 -6.00 -25.62 -11.56
CA HIS C 301 -5.83 -25.29 -10.17
C HIS C 301 -7.07 -24.51 -9.73
N PHE C 302 -7.86 -25.09 -8.84
CA PHE C 302 -9.05 -24.44 -8.27
C PHE C 302 -8.71 -23.90 -6.90
N LEU C 303 -9.05 -22.64 -6.61
CA LEU C 303 -9.06 -22.10 -5.25
C LEU C 303 -10.43 -21.50 -4.96
N ARG C 304 -11.08 -21.94 -3.89
CA ARG C 304 -12.30 -21.29 -3.39
C ARG C 304 -11.98 -20.80 -1.99
N ASP C 305 -12.15 -19.50 -1.79
CA ASP C 305 -12.02 -18.92 -0.46
C ASP C 305 -13.04 -17.81 -0.24
N HIS C 306 -12.89 -17.03 0.83
CA HIS C 306 -13.92 -16.05 1.18
C HIS C 306 -13.47 -14.68 0.67
N GLU C 307 -14.42 -13.92 0.12
CA GLU C 307 -14.18 -12.52 -0.22
C GLU C 307 -13.52 -11.81 0.97
N PRO C 308 -12.36 -11.14 0.75
CA PRO C 308 -11.70 -10.39 1.83
C PRO C 308 -11.86 -8.86 1.76
N TRP C 309 -12.47 -8.33 0.70
CA TRP C 309 -12.56 -6.89 0.50
C TRP C 309 -13.91 -6.40 1.03
N THR C 310 -13.88 -5.44 1.94
CA THR C 310 -15.08 -4.99 2.66
C THR C 310 -16.30 -4.61 1.81
N PRO C 311 -16.11 -3.83 0.72
CA PRO C 311 -17.29 -3.49 -0.10
C PRO C 311 -18.14 -4.70 -0.57
N PHE C 312 -17.51 -5.86 -0.76
CA PHE C 312 -18.22 -7.05 -1.23
C PHE C 312 -18.33 -8.18 -0.20
N PHE C 313 -17.96 -7.92 1.06
CA PHE C 313 -17.78 -9.01 2.05
C PHE C 313 -19.02 -9.90 2.22
N GLY C 314 -20.20 -9.27 2.24
CA GLY C 314 -21.47 -10.01 2.36
C GLY C 314 -22.18 -10.35 1.06
N VAL C 315 -21.53 -10.13 -0.09
CA VAL C 315 -22.14 -10.32 -1.41
C VAL C 315 -21.73 -11.70 -1.90
N ASP C 316 -22.67 -12.43 -2.52
CA ASP C 316 -22.36 -13.78 -3.01
C ASP C 316 -23.24 -14.19 -4.20
N ASN C 317 -23.04 -15.39 -4.72
CA ASN C 317 -23.71 -15.86 -5.94
C ASN C 317 -24.97 -16.69 -5.66
N GLY C 318 -25.42 -16.71 -4.41
CA GLY C 318 -26.65 -17.40 -4.03
C GLY C 318 -26.53 -18.89 -3.79
N LEU C 319 -25.34 -19.48 -4.01
CA LEU C 319 -25.16 -20.93 -3.92
C LEU C 319 -24.47 -21.34 -2.63
N ASP C 320 -24.92 -22.46 -2.06
CA ASP C 320 -24.38 -22.94 -0.80
C ASP C 320 -23.23 -23.92 -1.02
N ASP C 321 -22.64 -24.36 0.07
CA ASP C 321 -21.41 -25.16 0.04
C ASP C 321 -21.61 -26.63 -0.33
N LEU C 322 -22.87 -27.07 -0.44
CA LEU C 322 -23.20 -28.38 -1.00
C LEU C 322 -23.19 -28.38 -2.54
N THR C 323 -23.12 -27.21 -3.16
CA THR C 323 -23.12 -27.09 -4.61
C THR C 323 -21.99 -27.85 -5.27
N GLY C 324 -20.79 -27.74 -4.70
CA GLY C 324 -19.57 -28.25 -5.33
C GLY C 324 -18.78 -27.11 -5.97
N LEU C 325 -17.47 -27.25 -6.01
CA LEU C 325 -16.62 -26.34 -6.78
C LEU C 325 -16.71 -26.70 -8.25
N LEU C 326 -16.81 -28.01 -8.53
CA LEU C 326 -17.01 -28.55 -9.87
C LEU C 326 -18.29 -29.36 -9.83
N SER C 327 -19.28 -28.98 -10.65
CA SER C 327 -20.57 -29.66 -10.70
C SER C 327 -20.82 -30.16 -12.10
N ILE C 328 -21.24 -31.42 -12.22
CA ILE C 328 -21.37 -32.07 -13.51
C ILE C 328 -22.74 -32.72 -13.67
N SER C 329 -23.44 -32.29 -14.73
CA SER C 329 -24.67 -32.91 -15.20
C SER C 329 -24.46 -33.25 -16.68
N GLY C 330 -24.12 -34.52 -16.93
CA GLY C 330 -23.86 -35.02 -18.27
C GLY C 330 -23.08 -36.32 -18.23
N ASN C 331 -22.87 -36.90 -19.41
CA ASN C 331 -22.33 -38.24 -19.52
C ASN C 331 -20.86 -38.23 -19.96
N ASN C 332 -20.11 -39.22 -19.50
CA ASN C 332 -18.85 -39.59 -20.15
C ASN C 332 -17.76 -38.51 -20.14
N ASN C 333 -17.81 -37.65 -19.13
CA ASN C 333 -16.77 -36.64 -18.95
C ASN C 333 -15.54 -37.26 -18.27
N SER C 334 -14.44 -36.49 -18.30
CA SER C 334 -13.16 -36.91 -17.76
C SER C 334 -12.62 -35.79 -16.85
N VAL C 335 -12.49 -36.08 -15.57
CA VAL C 335 -11.98 -35.11 -14.58
C VAL C 335 -10.67 -35.65 -14.00
N ILE C 336 -9.54 -35.15 -14.49
CA ILE C 336 -8.25 -35.79 -14.25
C ILE C 336 -7.19 -34.78 -13.80
N GLY C 337 -6.52 -35.09 -12.70
CA GLY C 337 -5.29 -34.36 -12.35
C GLY C 337 -5.47 -32.93 -11.88
N ASN C 338 -6.64 -32.59 -11.33
CA ASN C 338 -6.89 -31.24 -10.84
C ASN C 338 -6.47 -31.09 -9.39
N HIS C 339 -6.15 -29.86 -9.00
CA HIS C 339 -5.90 -29.48 -7.63
C HIS C 339 -7.06 -28.60 -7.15
N PHE C 340 -7.61 -28.93 -5.99
CA PHE C 340 -8.65 -28.13 -5.34
C PHE C 340 -8.20 -27.69 -3.97
N SER C 341 -8.11 -26.37 -3.76
CA SER C 341 -7.92 -25.79 -2.43
C SER C 341 -9.24 -25.14 -1.96
N GLU C 342 -9.77 -25.69 -0.87
CA GLU C 342 -11.02 -25.22 -0.25
C GLU C 342 -10.60 -24.56 1.07
N VAL C 343 -10.67 -23.24 1.12
CA VAL C 343 -10.05 -22.46 2.20
C VAL C 343 -11.16 -21.58 2.74
N VAL C 344 -11.85 -22.08 3.75
CA VAL C 344 -13.02 -21.39 4.30
C VAL C 344 -13.08 -21.47 5.82
N ASP C 345 -13.85 -20.55 6.40
CA ASP C 345 -14.14 -20.50 7.83
C ASP C 345 -15.32 -21.42 8.09
N ALA C 346 -15.13 -22.42 8.94
CA ALA C 346 -16.19 -23.39 9.26
C ALA C 346 -17.48 -22.72 9.72
N ASN C 347 -17.34 -21.64 10.50
CA ASN C 347 -18.52 -20.90 10.97
C ASN C 347 -19.30 -20.24 9.84
N GLU C 348 -18.64 -19.97 8.70
CA GLU C 348 -19.28 -19.34 7.53
C GLU C 348 -19.86 -20.31 6.48
N ILE C 349 -19.71 -21.62 6.70
CA ILE C 349 -20.28 -22.63 5.81
C ILE C 349 -21.80 -22.54 5.82
N ARG C 350 -22.42 -22.75 4.65
CA ARG C 350 -23.87 -22.78 4.48
C ARG C 350 -24.29 -24.03 3.71
N PRO C 351 -25.36 -24.73 4.11
CA PRO C 351 -26.10 -24.47 5.36
C PRO C 351 -25.28 -24.80 6.61
N GLU C 352 -25.69 -24.26 7.76
CA GLU C 352 -24.95 -24.45 9.01
C GLU C 352 -24.70 -25.93 9.27
N GLY C 353 -23.47 -26.26 9.63
CA GLY C 353 -23.08 -27.64 9.90
C GLY C 353 -22.93 -28.56 8.69
N ALA C 354 -23.01 -28.04 7.47
CA ALA C 354 -22.82 -28.86 6.28
C ALA C 354 -21.35 -29.19 6.08
N THR C 355 -21.10 -30.31 5.40
CA THR C 355 -19.75 -30.71 4.98
C THR C 355 -19.63 -30.26 3.51
N PRO C 356 -18.72 -29.30 3.21
CA PRO C 356 -18.60 -28.78 1.84
C PRO C 356 -18.28 -29.85 0.81
N VAL C 357 -18.84 -29.70 -0.39
CA VAL C 357 -18.66 -30.64 -1.49
C VAL C 357 -17.67 -30.02 -2.49
N ILE C 358 -16.73 -30.83 -2.97
CA ILE C 358 -15.73 -30.34 -3.94
C ILE C 358 -16.17 -30.65 -5.37
N ILE C 359 -16.31 -31.94 -5.68
CA ILE C 359 -16.78 -32.40 -6.98
C ILE C 359 -18.14 -33.05 -6.78
N ARG C 360 -19.14 -32.61 -7.53
CA ARG C 360 -20.50 -33.17 -7.44
C ARG C 360 -20.98 -33.66 -8.78
N LEU C 361 -21.38 -34.93 -8.85
CA LEU C 361 -21.97 -35.49 -10.08
C LEU C 361 -23.47 -35.59 -9.82
N THR C 362 -24.24 -34.68 -10.43
CA THR C 362 -25.67 -34.55 -10.16
C THR C 362 -26.50 -35.42 -11.07
N ALA C 363 -26.02 -35.64 -12.29
CA ALA C 363 -26.72 -36.51 -13.24
C ALA C 363 -25.77 -36.98 -14.31
N GLY C 364 -26.11 -38.08 -14.95
CA GLY C 364 -25.32 -38.62 -16.04
C GLY C 364 -24.56 -39.88 -15.68
N THR C 365 -24.08 -40.57 -16.71
CA THR C 365 -23.38 -41.82 -16.52
C THR C 365 -22.00 -41.81 -17.16
N GLY C 366 -21.13 -42.69 -16.66
CA GLY C 366 -19.83 -42.93 -17.31
C GLY C 366 -18.75 -41.87 -17.11
N ASN C 367 -18.94 -41.00 -16.12
CA ASN C 367 -17.93 -39.98 -15.81
C ASN C 367 -16.72 -40.65 -15.15
N PHE C 368 -15.54 -40.24 -15.59
CA PHE C 368 -14.27 -40.76 -15.11
C PHE C 368 -13.57 -39.65 -14.32
N VAL C 369 -13.45 -39.83 -13.00
CA VAL C 369 -12.84 -38.85 -12.10
C VAL C 369 -11.62 -39.53 -11.50
N SER C 370 -10.42 -39.06 -11.86
CA SER C 370 -9.20 -39.72 -11.39
C SER C 370 -8.09 -38.77 -11.03
N THR C 371 -7.43 -39.06 -9.91
CA THR C 371 -6.15 -38.42 -9.57
C THR C 371 -6.33 -36.91 -9.34
N ASN C 372 -7.22 -36.57 -8.41
CA ASN C 372 -7.48 -35.18 -8.06
C ASN C 372 -7.11 -35.02 -6.61
N HIS C 373 -6.40 -33.94 -6.29
CA HIS C 373 -5.96 -33.68 -4.92
C HIS C 373 -6.83 -32.60 -4.34
N VAL C 374 -7.49 -32.92 -3.23
CA VAL C 374 -8.29 -31.95 -2.48
C VAL C 374 -7.56 -31.56 -1.19
N VAL C 375 -7.37 -30.26 -1.01
CA VAL C 375 -6.79 -29.69 0.21
C VAL C 375 -7.85 -28.78 0.82
N ALA C 376 -8.23 -29.05 2.07
CA ALA C 376 -9.28 -28.26 2.71
C ALA C 376 -8.76 -27.79 4.07
N MET C 377 -8.96 -26.50 4.33
CA MET C 377 -8.46 -25.81 5.52
C MET C 377 -9.54 -24.95 6.13
N ASP C 378 -9.58 -24.92 7.46
CA ASP C 378 -10.44 -24.06 8.24
C ASP C 378 -9.63 -22.81 8.57
N VAL C 379 -9.91 -21.74 7.86
CA VAL C 379 -9.20 -20.49 8.07
C VAL C 379 -10.16 -19.37 8.32
N ASP C 380 -9.75 -18.40 9.10
CA ASP C 380 -10.47 -17.18 9.08
C ASP C 380 -9.75 -16.03 8.46
N ALA C 381 -10.11 -15.84 7.21
CA ALA C 381 -9.81 -14.67 6.50
C ALA C 381 -10.84 -13.66 6.99
N ALA C 382 -10.34 -12.57 7.48
CA ALA C 382 -11.17 -11.53 7.92
C ALA C 382 -11.16 -10.69 6.67
N SER C 383 -11.54 -9.45 6.80
CA SER C 383 -11.58 -8.56 5.69
C SER C 383 -10.80 -7.29 5.93
N SER C 384 -10.66 -6.52 4.88
CA SER C 384 -9.99 -5.26 4.91
C SER C 384 -10.60 -4.34 3.87
N ASP C 385 -10.54 -3.04 4.12
CA ASP C 385 -10.99 -2.02 3.16
C ASP C 385 -10.05 -1.85 1.97
N SER C 386 -8.79 -2.28 2.12
CA SER C 386 -7.75 -2.14 1.09
C SER C 386 -7.72 -3.39 0.19
N CYS C 387 -8.09 -3.24 -1.09
CA CYS C 387 -8.31 -4.38 -2.01
C CYS C 387 -7.08 -5.28 -2.23
N PHE C 388 -6.04 -4.75 -2.87
CA PHE C 388 -4.90 -5.59 -3.27
C PHE C 388 -4.14 -6.15 -2.05
N GLU C 389 -4.07 -5.36 -0.97
CA GLU C 389 -3.54 -5.84 0.31
C GLU C 389 -4.32 -7.07 0.81
N ALA C 390 -5.63 -6.92 0.95
CA ALA C 390 -6.51 -8.02 1.35
C ALA C 390 -6.36 -9.23 0.43
N GLN C 391 -6.33 -8.98 -0.88
CA GLN C 391 -6.26 -10.05 -1.89
C GLN C 391 -4.99 -10.89 -1.78
N VAL C 392 -3.83 -10.23 -1.71
CA VAL C 392 -2.52 -10.90 -1.67
C VAL C 392 -2.31 -11.64 -0.33
N ASP C 393 -2.67 -11.00 0.78
CA ASP C 393 -2.53 -11.59 2.13
C ASP C 393 -3.31 -12.90 2.28
N ALA C 394 -4.54 -12.93 1.78
CA ALA C 394 -5.39 -14.13 1.86
C ALA C 394 -4.91 -15.27 0.93
N LEU C 395 -4.41 -14.92 -0.26
CA LEU C 395 -3.78 -15.91 -1.16
C LEU C 395 -2.53 -16.58 -0.53
N LEU C 396 -1.74 -15.81 0.22
CA LEU C 396 -0.52 -16.33 0.85
C LEU C 396 -0.73 -17.01 2.22
N ALA C 397 -1.93 -16.85 2.81
CA ALA C 397 -2.22 -17.38 4.16
C ALA C 397 -2.60 -18.87 4.09
N THR C 398 -1.63 -19.73 4.40
CA THR C 398 -1.83 -21.20 4.44
C THR C 398 -1.74 -21.74 5.89
N GLU C 399 -2.05 -20.89 6.88
CA GLU C 399 -1.88 -21.20 8.29
C GLU C 399 -3.21 -21.68 8.88
N ALA C 400 -3.41 -23.00 9.00
CA ALA C 400 -4.72 -23.53 9.42
C ALA C 400 -4.81 -25.00 9.89
N ALA C 401 -5.95 -25.31 10.51
CA ALA C 401 -6.38 -26.66 10.85
C ALA C 401 -7.18 -27.29 9.69
N ASP C 402 -7.20 -28.62 9.64
CA ASP C 402 -7.94 -29.34 8.59
C ASP C 402 -9.46 -29.10 8.68
N LEU C 403 -10.12 -29.18 7.53
CA LEU C 403 -11.55 -29.01 7.40
C LEU C 403 -12.07 -30.25 6.70
N ALA C 404 -13.06 -30.91 7.29
CA ALA C 404 -13.63 -32.11 6.67
C ALA C 404 -14.46 -31.68 5.46
N VAL C 405 -14.21 -32.36 4.34
CA VAL C 405 -14.97 -32.13 3.12
C VAL C 405 -15.37 -33.44 2.45
N THR C 406 -16.34 -33.32 1.55
CA THR C 406 -16.74 -34.41 0.68
C THR C 406 -16.07 -34.13 -0.65
N ALA C 407 -15.02 -34.88 -0.95
CA ALA C 407 -14.22 -34.67 -2.17
C ALA C 407 -15.06 -34.94 -3.43
N VAL C 408 -15.82 -36.03 -3.41
CA VAL C 408 -16.70 -36.38 -4.51
C VAL C 408 -18.05 -36.83 -3.98
N LEU C 409 -19.12 -36.19 -4.45
CA LEU C 409 -20.48 -36.57 -4.14
C LEU C 409 -21.14 -37.00 -5.44
N VAL C 410 -21.60 -38.25 -5.49
CA VAL C 410 -22.35 -38.77 -6.63
C VAL C 410 -23.80 -38.87 -6.20
N ASP C 411 -24.64 -38.03 -6.81
CA ASP C 411 -26.07 -38.09 -6.51
C ASP C 411 -26.67 -39.37 -7.09
N PRO C 412 -27.82 -39.80 -6.52
CA PRO C 412 -28.49 -41.01 -7.05
C PRO C 412 -28.86 -40.89 -8.52
N GLY C 413 -29.12 -39.68 -9.00
CA GLY C 413 -29.34 -39.43 -10.42
C GLY C 413 -28.16 -39.66 -11.37
N SER C 414 -26.99 -39.98 -10.83
CA SER C 414 -25.79 -40.26 -11.61
C SER C 414 -25.26 -41.63 -11.22
N ALA C 415 -24.81 -42.41 -12.20
CA ALA C 415 -24.35 -43.78 -11.94
C ALA C 415 -23.38 -44.25 -12.99
N ARG C 416 -22.79 -45.43 -12.77
CA ARG C 416 -21.79 -46.00 -13.67
C ARG C 416 -20.59 -45.07 -13.88
N ASN C 417 -20.22 -44.35 -12.84
CA ASN C 417 -19.06 -43.48 -12.88
C ASN C 417 -17.88 -44.25 -12.30
N THR C 418 -16.69 -43.74 -12.58
CA THR C 418 -15.45 -44.31 -12.07
C THR C 418 -14.75 -43.20 -11.30
N ILE C 419 -14.49 -43.44 -10.01
CA ILE C 419 -13.88 -42.45 -9.12
C ILE C 419 -12.62 -43.08 -8.53
N LEU C 420 -11.45 -42.58 -8.93
CA LEU C 420 -10.16 -43.16 -8.53
C LEU C 420 -9.29 -42.09 -7.90
N ASP C 421 -8.71 -42.39 -6.73
CA ASP C 421 -7.68 -41.53 -6.13
C ASP C 421 -8.04 -40.06 -6.12
N SER C 422 -9.27 -39.79 -5.72
CA SER C 422 -9.79 -38.42 -5.63
C SER C 422 -10.37 -38.15 -4.25
N GLY C 423 -9.99 -38.98 -3.27
CA GLY C 423 -10.49 -38.87 -1.91
C GLY C 423 -10.46 -40.20 -1.17
N SER C 424 -10.38 -40.13 0.16
CA SER C 424 -10.52 -41.32 1.00
C SER C 424 -11.96 -41.85 0.92
N ASP C 425 -12.20 -43.04 1.45
CA ASP C 425 -13.58 -43.58 1.44
C ASP C 425 -14.61 -42.66 2.08
N THR C 426 -14.28 -42.06 3.22
CA THR C 426 -15.22 -41.15 3.91
C THR C 426 -15.46 -39.88 3.09
N GLN C 427 -14.45 -39.47 2.31
CA GLN C 427 -14.55 -38.30 1.46
C GLN C 427 -15.35 -38.51 0.17
N VAL C 428 -15.57 -39.77 -0.24
CA VAL C 428 -16.31 -40.07 -1.46
C VAL C 428 -17.67 -40.60 -1.04
N VAL C 429 -18.71 -39.80 -1.29
CA VAL C 429 -20.07 -40.16 -0.93
C VAL C 429 -20.74 -40.58 -2.21
N ALA C 430 -20.96 -41.89 -2.32
CA ALA C 430 -21.42 -42.50 -3.56
C ALA C 430 -21.87 -43.94 -3.33
N ASP C 431 -22.78 -44.38 -4.18
CA ASP C 431 -23.28 -45.75 -4.15
C ASP C 431 -22.21 -46.68 -4.74
N ARG C 432 -21.59 -47.48 -3.88
CA ARG C 432 -20.54 -48.41 -4.31
C ARG C 432 -21.03 -49.55 -5.21
N ALA C 433 -22.32 -49.87 -5.14
CA ALA C 433 -22.91 -50.93 -5.98
C ALA C 433 -22.88 -50.61 -7.47
N VAL C 434 -22.99 -49.33 -7.81
CA VAL C 434 -23.21 -48.91 -9.19
C VAL C 434 -22.15 -47.99 -9.78
N ASN C 435 -21.11 -47.68 -9.01
CA ASN C 435 -19.96 -46.91 -9.47
C ASN C 435 -18.70 -47.70 -9.13
N ALA C 436 -17.63 -47.44 -9.87
CA ALA C 436 -16.32 -48.05 -9.62
C ALA C 436 -15.54 -47.07 -8.78
N ILE C 437 -15.27 -47.42 -7.52
CA ILE C 437 -14.61 -46.51 -6.60
C ILE C 437 -13.29 -47.11 -6.08
N ARG C 438 -12.23 -46.33 -6.20
CA ARG C 438 -10.97 -46.62 -5.50
C ARG C 438 -10.61 -45.42 -4.64
N ALA C 439 -10.61 -45.66 -3.33
CA ALA C 439 -10.20 -44.67 -2.35
C ALA C 439 -8.73 -44.35 -2.55
N THR C 440 -8.37 -43.07 -2.37
CA THR C 440 -6.98 -42.69 -2.27
C THR C 440 -6.39 -43.47 -1.08
N PRO C 441 -5.27 -44.19 -1.28
CA PRO C 441 -4.55 -44.79 -0.15
C PRO C 441 -4.25 -43.78 0.97
N THR C 442 -4.44 -44.22 2.22
CA THR C 442 -4.17 -43.37 3.39
C THR C 442 -3.31 -44.16 4.38
N VAL C 443 -2.82 -43.46 5.39
CA VAL C 443 -2.05 -44.08 6.47
C VAL C 443 -2.73 -43.87 7.81
N SER D 3 -8.42 53.90 20.57
CA SER D 3 -9.30 54.04 19.36
C SER D 3 -9.27 52.81 18.47
N ASN D 4 -8.07 52.36 18.09
CA ASN D 4 -7.90 51.02 17.53
C ASN D 4 -7.91 49.90 18.61
N ASN D 5 -8.23 50.23 19.88
CA ASN D 5 -8.37 49.25 20.96
C ASN D 5 -7.07 48.56 21.43
N ARG D 6 -5.92 49.20 21.17
CA ARG D 6 -4.64 48.75 21.68
C ARG D 6 -4.08 49.85 22.60
N TYR D 7 -3.73 49.47 23.82
CA TYR D 7 -3.18 50.38 24.80
C TYR D 7 -1.85 49.86 25.30
N ASP D 8 -0.97 50.79 25.66
CA ASP D 8 0.30 50.51 26.32
C ASP D 8 0.26 51.30 27.63
N VAL D 9 0.45 50.60 28.75
CA VAL D 9 0.36 51.23 30.08
C VAL D 9 1.38 52.36 30.30
N THR D 10 2.51 52.31 29.60
CA THR D 10 3.53 53.39 29.67
C THR D 10 3.25 54.57 28.75
N GLU D 11 2.21 54.49 27.90
CA GLU D 11 1.82 55.57 26.99
C GLU D 11 0.50 56.24 27.35
N TRP D 12 -0.28 55.62 28.23
CA TRP D 12 -1.58 56.16 28.64
C TRP D 12 -1.39 57.50 29.39
N PRO D 13 -1.99 58.61 28.86
CA PRO D 13 -1.76 59.94 29.47
C PRO D 13 -2.05 60.06 30.97
N ALA D 14 -3.19 59.53 31.41
CA ALA D 14 -3.56 59.52 32.84
C ALA D 14 -2.83 58.42 33.63
N GLY D 15 -2.44 58.73 34.86
CA GLY D 15 -1.78 57.75 35.72
C GLY D 15 -0.32 57.42 35.39
N ASN D 16 0.37 56.89 36.39
CA ASN D 16 1.77 56.50 36.34
C ASN D 16 1.85 55.02 36.73
N PRO D 17 2.22 54.13 35.78
CA PRO D 17 2.18 52.70 36.10
C PRO D 17 3.26 52.23 37.08
N ALA D 18 4.36 52.97 37.18
CA ALA D 18 5.37 52.69 38.22
C ALA D 18 4.78 52.83 39.63
N LYS D 19 3.91 53.83 39.81
CA LYS D 19 3.33 54.17 41.10
C LYS D 19 2.10 53.30 41.38
N ASP D 20 1.13 53.32 40.45
CA ASP D 20 -0.11 52.52 40.55
C ASP D 20 -0.65 52.09 39.18
N ILE D 21 -0.12 51.00 38.65
CA ILE D 21 -0.63 50.41 37.39
C ILE D 21 -2.10 50.00 37.49
N GLY D 22 -2.55 49.64 38.68
CA GLY D 22 -3.97 49.36 38.93
C GLY D 22 -4.86 50.48 38.46
N GLU D 23 -4.50 51.70 38.86
CA GLU D 23 -5.22 52.91 38.47
C GLU D 23 -5.17 53.12 36.94
N VAL D 24 -4.00 52.89 36.36
CA VAL D 24 -3.83 53.03 34.90
C VAL D 24 -4.75 52.07 34.14
N ILE D 25 -4.71 50.80 34.52
CA ILE D 25 -5.51 49.78 33.82
C ILE D 25 -7.00 50.05 34.00
N ASN D 26 -7.42 50.42 35.21
CA ASN D 26 -8.82 50.79 35.45
C ASN D 26 -9.26 51.96 34.60
N SER D 27 -8.40 52.96 34.45
CA SER D 27 -8.66 54.11 33.58
C SER D 27 -8.83 53.70 32.11
N ILE D 28 -7.98 52.79 31.66
CA ILE D 28 -8.09 52.25 30.30
C ILE D 28 -9.42 51.49 30.15
N ILE D 29 -9.76 50.65 31.12
CA ILE D 29 -11.02 49.90 31.07
C ILE D 29 -12.23 50.87 30.96
N ALA D 30 -12.21 51.96 31.72
CA ALA D 30 -13.27 52.97 31.63
C ALA D 30 -13.34 53.58 30.24
N ASP D 31 -12.18 53.84 29.62
CA ASP D 31 -12.14 54.35 28.26
C ASP D 31 -12.72 53.36 27.24
N ILE D 32 -12.43 52.07 27.40
CA ILE D 32 -12.97 51.04 26.50
C ILE D 32 -14.50 51.03 26.59
N LYS D 33 -15.02 51.02 27.81
CA LYS D 33 -16.49 51.03 28.01
C LYS D 33 -17.14 52.29 27.44
N ALA D 34 -16.45 53.42 27.62
CA ALA D 34 -16.94 54.71 27.11
C ALA D 34 -17.11 54.72 25.60
N ARG D 35 -16.14 54.11 24.89
CA ARG D 35 -16.18 54.03 23.43
C ARG D 35 -17.02 52.87 22.87
N GLN D 36 -17.14 51.79 23.62
CA GLN D 36 -17.86 50.59 23.17
C GLN D 36 -19.18 50.44 23.92
N GLY D 37 -20.11 51.36 23.64
CA GLY D 37 -21.42 51.41 24.31
C GLY D 37 -22.52 50.62 23.65
N ALA D 38 -22.49 50.49 22.32
CA ALA D 38 -23.54 49.79 21.57
C ALA D 38 -23.16 48.33 21.29
N ALA D 39 -24.08 47.41 21.59
CA ALA D 39 -23.83 45.97 21.47
C ALA D 39 -24.10 45.42 20.07
N ASP D 40 -24.86 46.13 19.24
CA ASP D 40 -25.33 45.59 17.98
C ASP D 40 -25.44 46.66 16.92
N VAL D 41 -24.27 47.15 16.50
CA VAL D 41 -24.15 48.08 15.40
C VAL D 41 -23.26 47.43 14.33
N ASP D 42 -23.79 47.31 13.12
CA ASP D 42 -23.13 46.62 12.00
C ASP D 42 -22.54 45.27 12.43
N ASP D 43 -23.38 44.44 13.06
CA ASP D 43 -23.00 43.09 13.50
C ASP D 43 -21.85 43.02 14.51
N GLY D 44 -21.67 44.06 15.33
CA GLY D 44 -20.63 44.09 16.35
C GLY D 44 -20.85 45.23 17.33
N GLY D 45 -19.77 45.68 17.97
CA GLY D 45 -19.82 46.92 18.79
C GLY D 45 -19.04 46.91 20.10
N LYS D 46 -18.85 45.72 20.68
CA LYS D 46 -18.08 45.57 21.90
C LYS D 46 -16.97 44.54 21.70
N PRO D 47 -16.01 44.83 20.80
CA PRO D 47 -14.98 43.83 20.48
C PRO D 47 -13.91 43.65 21.55
N GLY D 48 -13.87 44.52 22.56
CA GLY D 48 -12.86 44.46 23.58
C GLY D 48 -11.59 45.21 23.19
N ALA D 49 -10.47 44.78 23.78
CA ALA D 49 -9.21 45.50 23.69
C ALA D 49 -8.02 44.66 24.17
N VAL D 50 -6.84 45.20 23.92
CA VAL D 50 -5.63 44.63 24.45
C VAL D 50 -4.86 45.73 25.16
N ILE D 51 -4.31 45.37 26.32
CA ILE D 51 -3.50 46.26 27.14
C ILE D 51 -2.13 45.63 27.28
N TYR D 52 -1.11 46.37 26.84
CA TYR D 52 0.25 45.88 26.81
C TYR D 52 1.08 46.47 27.96
N LEU D 53 1.78 45.60 28.67
CA LEU D 53 2.75 45.97 29.71
C LEU D 53 4.16 45.70 29.20
N PRO D 54 4.93 46.75 28.87
CA PRO D 54 6.33 46.49 28.52
C PRO D 54 7.08 45.97 29.74
N PRO D 55 8.25 45.36 29.57
CA PRO D 55 9.01 44.93 30.74
C PRO D 55 9.32 46.12 31.68
N GLY D 56 9.22 45.89 32.98
CA GLY D 56 9.32 46.99 33.95
C GLY D 56 8.75 46.63 35.31
N ASP D 57 9.01 47.50 36.29
CA ASP D 57 8.55 47.32 37.66
C ASP D 57 7.36 48.22 37.89
N TYR D 58 6.18 47.62 38.01
CA TYR D 58 4.93 48.36 38.12
C TYR D 58 4.28 48.03 39.46
N HIS D 59 4.16 49.01 40.33
CA HIS D 59 3.46 48.83 41.61
C HIS D 59 1.97 48.91 41.36
N LEU D 60 1.22 47.95 41.89
CA LEU D 60 -0.24 47.98 41.85
C LEU D 60 -0.76 48.21 43.27
N ARG D 61 -1.43 49.34 43.47
CA ARG D 61 -2.00 49.74 44.76
C ARG D 61 -3.52 49.76 44.77
N THR D 62 -4.15 49.71 43.60
CA THR D 62 -5.59 49.65 43.42
C THR D 62 -5.91 48.36 42.66
N GLN D 63 -6.87 47.59 43.16
CA GLN D 63 -7.33 46.39 42.46
C GLN D 63 -7.89 46.73 41.08
N VAL D 64 -7.54 45.93 40.07
CA VAL D 64 -8.10 46.07 38.74
C VAL D 64 -9.38 45.25 38.67
N LEU D 65 -10.46 45.87 38.20
CA LEU D 65 -11.74 45.20 38.02
C LEU D 65 -11.98 45.04 36.53
N ILE D 66 -11.98 43.79 36.08
CA ILE D 66 -12.29 43.46 34.69
C ILE D 66 -13.72 42.96 34.64
N ASP D 67 -14.57 43.70 33.94
CA ASP D 67 -15.99 43.37 33.80
C ASP D 67 -16.46 43.51 32.34
N ILE D 68 -15.53 43.34 31.39
CA ILE D 68 -15.86 43.33 29.96
C ILE D 68 -15.28 42.05 29.34
N SER D 69 -15.99 41.51 28.35
CA SER D 69 -15.52 40.33 27.62
C SER D 69 -14.43 40.75 26.63
N PHE D 70 -13.60 39.78 26.24
CA PHE D 70 -12.61 39.98 25.18
C PHE D 70 -11.50 41.01 25.50
N LEU D 71 -11.13 41.10 26.77
CA LEU D 71 -9.99 41.92 27.16
C LEU D 71 -8.79 41.02 27.30
N ARG D 72 -7.70 41.42 26.65
CA ARG D 72 -6.42 40.76 26.76
C ARG D 72 -5.44 41.69 27.45
N ILE D 73 -4.81 41.17 28.49
CA ILE D 73 -3.73 41.87 29.18
C ILE D 73 -2.47 41.05 28.95
N GLU D 74 -1.49 41.67 28.31
CA GLU D 74 -0.31 40.97 27.84
C GLU D 74 0.97 41.70 28.20
N GLY D 75 2.03 40.93 28.42
CA GLY D 75 3.37 41.47 28.65
C GLY D 75 4.41 40.81 27.78
N SER D 76 5.68 41.06 28.13
CA SER D 76 6.83 40.54 27.42
C SER D 76 7.83 39.89 28.36
N GLY D 77 7.33 39.22 29.39
CA GLY D 77 8.22 38.48 30.27
C GLY D 77 7.55 37.91 31.50
N HIS D 78 7.65 36.59 31.69
CA HIS D 78 7.15 35.93 32.89
C HIS D 78 7.97 36.25 34.15
N GLY D 79 9.23 36.59 33.96
CA GLY D 79 10.02 37.31 34.96
C GLY D 79 10.31 36.64 36.28
N PHE D 80 10.24 35.31 36.32
CA PHE D 80 10.46 34.58 37.56
C PHE D 80 11.93 34.54 38.01
N THR D 81 12.13 34.78 39.30
CA THR D 81 13.34 34.36 40.00
C THR D 81 12.93 33.88 41.39
N SER D 82 13.76 33.07 42.02
CA SER D 82 13.42 32.50 43.31
C SER D 82 13.63 33.50 44.44
N SER D 83 12.58 34.27 44.74
CA SER D 83 12.58 35.10 45.94
C SER D 83 12.80 34.25 47.21
N SER D 84 12.35 32.99 47.19
CA SER D 84 12.56 32.06 48.31
C SER D 84 14.03 31.85 48.60
N ILE D 85 14.79 31.54 47.57
CA ILE D 85 16.24 31.39 47.71
C ILE D 85 16.88 32.69 48.20
N ARG D 86 16.48 33.82 47.62
CA ARG D 86 17.10 35.11 47.97
C ARG D 86 16.83 35.54 49.41
N PHE D 87 15.59 35.41 49.87
CA PHE D 87 15.23 35.75 51.24
C PHE D 87 15.89 34.86 52.30
N ASN D 88 16.37 33.67 51.90
CA ASN D 88 17.13 32.80 52.81
C ASN D 88 18.67 32.87 52.62
N VAL D 89 19.14 33.67 51.65
CA VAL D 89 20.56 34.05 51.59
C VAL D 89 20.80 35.07 52.71
N PRO D 90 21.95 34.95 53.44
CA PRO D 90 22.26 35.96 54.46
C PRO D 90 22.18 37.40 53.91
N GLU D 91 21.57 38.30 54.66
CA GLU D 91 21.31 39.66 54.19
C GLU D 91 22.59 40.45 53.79
N GLU D 92 23.70 40.20 54.47
CA GLU D 92 24.98 40.85 54.15
C GLU D 92 25.56 40.45 52.79
N GLU D 93 25.15 39.29 52.26
CA GLU D 93 25.53 38.86 50.91
C GLU D 93 24.67 39.44 49.77
N TRP D 94 23.56 40.11 50.09
CA TRP D 94 22.62 40.61 49.07
C TRP D 94 23.23 41.63 48.08
N PRO D 95 24.01 42.61 48.58
CA PRO D 95 24.68 43.52 47.64
C PRO D 95 25.59 42.87 46.60
N ASP D 96 26.08 41.65 46.86
CA ASP D 96 26.85 40.88 45.86
C ASP D 96 26.00 40.12 44.83
N LEU D 97 24.69 40.04 45.04
CA LEU D 97 23.81 39.34 44.10
C LEU D 97 23.54 40.19 42.85
N HIS D 98 23.53 39.55 41.68
CA HIS D 98 23.30 40.24 40.41
C HIS D 98 21.96 40.96 40.40
N GLU D 99 20.92 40.30 40.92
CA GLU D 99 19.63 40.93 41.18
C GLU D 99 18.96 40.32 42.40
N LEU D 100 17.95 41.01 42.91
CA LEU D 100 17.23 40.61 44.12
C LEU D 100 15.75 40.31 43.91
N TRP D 101 15.18 40.73 42.77
CA TRP D 101 13.73 40.70 42.62
C TRP D 101 13.37 40.05 41.30
N PRO D 102 12.12 39.56 41.20
CA PRO D 102 11.58 39.19 39.90
C PRO D 102 11.60 40.38 38.93
N GLY D 103 11.39 40.08 37.65
CA GLY D 103 11.36 41.11 36.61
C GLY D 103 10.32 40.80 35.55
N GLY D 104 10.71 40.99 34.30
CA GLY D 104 9.79 40.87 33.17
C GLY D 104 8.78 42.00 33.22
N SER D 105 7.54 41.70 32.81
CA SER D 105 6.48 42.68 32.82
C SER D 105 5.82 42.52 34.19
N ARG D 106 6.38 43.22 35.18
CA ARG D 106 6.18 42.87 36.59
C ARG D 106 5.14 43.72 37.27
N VAL D 107 4.05 43.08 37.70
CA VAL D 107 3.04 43.71 38.53
C VAL D 107 3.32 43.37 39.99
N ILE D 108 3.73 44.38 40.76
CA ILE D 108 3.99 44.24 42.20
C ILE D 108 2.68 44.50 42.93
N VAL D 109 2.18 43.48 43.62
CA VAL D 109 0.88 43.56 44.29
C VAL D 109 1.09 44.21 45.66
N ASP D 110 0.79 45.50 45.74
CA ASP D 110 0.89 46.29 46.99
C ASP D 110 -0.50 46.52 47.54
N LEU D 111 -1.26 45.46 47.72
CA LEU D 111 -2.58 45.54 48.32
C LEU D 111 -2.48 45.03 49.75
N PRO D 112 -3.30 45.58 50.66
CA PRO D 112 -3.46 44.93 51.97
C PRO D 112 -4.11 43.55 51.88
N ALA D 113 -3.82 42.68 52.84
CA ALA D 113 -4.32 41.29 52.88
C ALA D 113 -5.84 41.17 52.69
N SER D 119 -11.25 37.11 50.66
CA SER D 119 -9.93 37.11 50.05
C SER D 119 -9.88 37.67 48.61
N ALA D 120 -11.05 38.04 48.05
CA ALA D 120 -11.09 38.68 46.73
C ALA D 120 -10.45 40.07 46.74
N ALA D 121 -10.60 40.80 47.85
CA ALA D 121 -10.02 42.15 47.98
C ALA D 121 -8.48 42.20 47.95
N GLY D 122 -7.82 41.08 48.19
CA GLY D 122 -6.37 40.97 48.07
C GLY D 122 -5.87 40.61 46.67
N ALA D 123 -6.77 40.57 45.68
CA ALA D 123 -6.45 40.11 44.32
C ALA D 123 -6.04 41.29 43.45
N ALA D 124 -4.91 41.18 42.77
CA ALA D 124 -4.46 42.24 41.86
C ALA D 124 -5.48 42.47 40.75
N PHE D 125 -5.94 41.37 40.13
CA PHE D 125 -6.97 41.38 39.11
C PHE D 125 -8.15 40.57 39.60
N LEU D 126 -9.30 41.21 39.58
CA LEU D 126 -10.56 40.61 39.93
C LEU D 126 -11.43 40.68 38.68
N VAL D 127 -11.83 39.51 38.18
CA VAL D 127 -12.76 39.44 37.07
C VAL D 127 -14.13 39.09 37.63
N ALA D 128 -15.09 39.95 37.38
CA ALA D 128 -16.42 39.80 37.94
C ALA D 128 -17.44 40.56 37.12
N ARG D 129 -18.51 39.87 36.75
CA ARG D 129 -19.67 40.50 36.14
C ARG D 129 -20.82 39.56 36.32
N GLU D 130 -21.97 40.10 36.73
CA GLU D 130 -23.18 39.30 36.85
C GLU D 130 -24.13 39.59 35.69
N GLY D 131 -25.16 38.76 35.57
CA GLY D 131 -26.11 38.85 34.47
C GLY D 131 -25.57 38.06 33.28
N SER D 132 -26.21 38.26 32.12
CA SER D 132 -25.94 37.43 30.95
C SER D 132 -25.40 38.25 29.79
N PRO D 133 -24.64 37.64 28.87
CA PRO D 133 -24.12 36.27 28.99
C PRO D 133 -22.95 36.21 29.96
N ARG D 134 -22.42 35.02 30.20
CA ARG D 134 -21.20 34.86 30.95
C ARG D 134 -20.09 35.71 30.32
N ILE D 135 -19.30 36.35 31.17
CA ILE D 135 -18.10 37.05 30.71
C ILE D 135 -17.18 36.05 30.00
N SER D 136 -16.65 36.43 28.83
CA SER D 136 -16.02 35.45 27.95
C SER D 136 -14.69 35.89 27.35
N SER D 137 -13.80 34.93 27.17
CA SER D 137 -12.59 35.11 26.34
C SER D 137 -11.69 36.26 26.79
N VAL D 138 -11.58 36.41 28.11
CA VAL D 138 -10.56 37.24 28.72
C VAL D 138 -9.26 36.44 28.65
N GLU D 139 -8.16 37.14 28.33
CA GLU D 139 -6.87 36.51 28.15
C GLU D 139 -5.84 37.22 29.01
N PHE D 140 -5.05 36.48 29.76
CA PHE D 140 -3.85 37.01 30.43
C PHE D 140 -2.65 36.28 29.86
N SER D 141 -1.67 37.03 29.38
CA SER D 141 -0.54 36.42 28.69
C SER D 141 0.81 37.06 29.03
N ASN D 142 1.73 36.22 29.47
CA ASN D 142 3.17 36.53 29.48
C ASN D 142 3.56 37.79 30.27
N PHE D 143 2.99 37.95 31.45
CA PHE D 143 3.48 38.94 32.40
C PHE D 143 3.70 38.31 33.75
N CYS D 144 4.20 39.10 34.69
CA CYS D 144 4.62 38.61 35.99
C CYS D 144 3.75 39.25 37.06
N ILE D 145 3.26 38.45 37.99
CA ILE D 145 2.54 38.96 39.16
C ILE D 145 3.30 38.50 40.40
N ASP D 146 3.72 39.47 41.20
CA ASP D 146 4.68 39.27 42.28
C ASP D 146 4.05 39.82 43.56
N GLY D 147 3.85 38.95 44.55
CA GLY D 147 3.34 39.40 45.85
C GLY D 147 4.42 39.90 46.79
N LEU D 148 5.68 39.92 46.33
CA LEU D 148 6.81 40.57 46.99
C LEU D 148 7.37 39.91 48.26
N HIS D 149 6.54 39.77 49.30
CA HIS D 149 6.98 39.26 50.60
C HIS D 149 5.91 38.37 51.20
N PHE D 150 6.35 37.37 51.96
CA PHE D 150 5.48 36.66 52.91
C PHE D 150 5.64 37.27 54.31
N THR D 151 4.57 37.21 55.11
CA THR D 151 4.53 37.83 56.44
C THR D 151 4.33 36.77 57.54
N ALA D 152 4.50 37.18 58.80
CA ALA D 152 4.42 36.26 59.94
C ALA D 152 2.99 35.74 60.15
N ASP D 153 2.87 34.48 60.56
CA ASP D 153 1.55 33.83 60.72
C ASP D 153 1.33 32.95 61.98
N GLY D 154 2.37 32.34 62.52
CA GLY D 154 2.23 31.47 63.70
C GLY D 154 3.50 30.69 64.01
N HIS D 158 10.46 31.52 59.89
CA HIS D 158 10.82 32.86 59.45
C HIS D 158 9.70 33.44 58.57
N PRO D 159 9.39 34.74 58.71
CA PRO D 159 8.31 35.38 57.94
C PRO D 159 8.34 35.17 56.41
N GLU D 160 9.51 35.13 55.80
CA GLU D 160 9.62 34.95 54.34
C GLU D 160 9.39 33.51 53.87
N ASN D 161 9.33 32.56 54.81
CA ASN D 161 9.09 31.15 54.52
C ASN D 161 7.68 30.66 54.89
N THR D 162 6.75 31.58 55.18
CA THR D 162 5.42 31.19 55.65
C THR D 162 4.42 30.86 54.54
N TYR D 163 4.63 31.44 53.36
CA TYR D 163 3.68 31.40 52.24
C TYR D 163 2.35 32.11 52.55
N ALA D 164 2.38 33.10 53.44
CA ALA D 164 1.19 33.87 53.79
C ALA D 164 1.39 35.36 53.55
N ASN D 165 0.50 35.97 52.77
CA ASN D 165 0.35 37.42 52.69
C ASN D 165 -1.05 37.95 52.34
N GLY D 166 -2.05 37.08 52.22
CA GLY D 166 -3.40 37.50 51.79
C GLY D 166 -3.56 37.98 50.35
N LYS D 167 -2.53 37.81 49.50
CA LYS D 167 -2.58 38.36 48.14
C LYS D 167 -2.92 37.28 47.12
N THR D 168 -3.68 37.67 46.10
CA THR D 168 -4.01 36.79 44.98
C THR D 168 -3.57 37.45 43.68
N GLY D 169 -3.04 36.66 42.74
CA GLY D 169 -2.69 37.18 41.44
C GLY D 169 -3.92 37.54 40.63
N ILE D 170 -4.67 36.52 40.24
CA ILE D 170 -5.88 36.70 39.46
C ILE D 170 -7.01 35.92 40.13
N HIS D 171 -8.13 36.59 40.35
CA HIS D 171 -9.30 36.01 40.98
C HIS D 171 -10.50 36.24 40.05
N VAL D 172 -11.06 35.16 39.53
CA VAL D 172 -12.25 35.24 38.69
C VAL D 172 -13.44 34.77 39.56
N ALA D 173 -14.36 35.69 39.83
CA ALA D 173 -15.45 35.46 40.76
C ALA D 173 -16.73 34.97 40.09
N SER D 174 -16.90 35.29 38.81
CA SER D 174 -18.14 35.04 38.11
C SER D 174 -18.03 33.91 37.10
N ALA D 175 -19.17 33.33 36.74
CA ALA D 175 -19.24 32.32 35.69
C ALA D 175 -18.59 32.86 34.42
N ASN D 176 -17.74 32.05 33.81
CA ASN D 176 -16.88 32.49 32.72
C ASN D 176 -16.73 31.40 31.68
N ASP D 177 -16.50 31.84 30.45
CA ASP D 177 -16.43 30.94 29.31
C ASP D 177 -15.21 31.28 28.47
N SER D 178 -14.43 30.27 28.08
CA SER D 178 -13.34 30.45 27.12
C SER D 178 -12.21 31.39 27.57
N PHE D 179 -11.95 31.47 28.89
CA PHE D 179 -10.83 32.27 29.40
C PHE D 179 -9.51 31.58 29.10
N ARG D 180 -8.45 32.39 29.03
CA ARG D 180 -7.09 31.87 28.89
C ARG D 180 -6.15 32.53 29.85
N VAL D 181 -5.31 31.71 30.48
CA VAL D 181 -4.17 32.20 31.22
C VAL D 181 -2.98 31.46 30.65
N THR D 182 -2.10 32.20 29.97
CA THR D 182 -0.97 31.59 29.26
C THR D 182 0.35 32.32 29.48
N ASP D 183 1.44 31.56 29.50
CA ASP D 183 2.80 32.12 29.53
C ASP D 183 3.11 33.04 30.73
N MET D 184 2.32 32.94 31.80
CA MET D 184 2.46 33.84 32.95
C MET D 184 3.60 33.41 33.86
N GLY D 185 4.00 34.36 34.70
CA GLY D 185 4.84 34.11 35.87
C GLY D 185 4.04 34.59 37.07
N PHE D 186 3.95 33.74 38.10
CA PHE D 186 3.35 34.12 39.38
C PHE D 186 4.36 33.78 40.46
N VAL D 187 4.60 34.70 41.40
CA VAL D 187 5.62 34.45 42.44
C VAL D 187 5.25 35.18 43.75
N TYR D 188 5.52 34.52 44.87
CA TYR D 188 5.27 35.07 46.21
C TYR D 188 3.86 35.61 46.47
N LEU D 189 2.87 34.91 45.93
CA LEU D 189 1.48 35.18 46.20
C LEU D 189 0.92 34.07 47.10
N GLU D 190 0.06 34.39 48.05
CA GLU D 190 -0.60 33.35 48.85
C GLU D 190 -1.47 32.46 47.94
N ASN D 191 -2.15 33.07 46.98
CA ASN D 191 -2.90 32.36 45.93
C ASN D 191 -2.55 32.95 44.56
N ALA D 192 -1.93 32.17 43.69
CA ALA D 192 -1.61 32.68 42.35
C ALA D 192 -2.88 32.96 41.54
N LEU D 193 -3.70 31.93 41.36
CA LEU D 193 -4.77 31.92 40.39
C LEU D 193 -5.96 31.16 40.95
N THR D 194 -7.07 31.88 41.12
CA THR D 194 -8.31 31.33 41.66
C THR D 194 -9.47 31.63 40.69
N ILE D 195 -10.04 30.58 40.10
CA ILE D 195 -11.10 30.75 39.10
C ILE D 195 -12.36 29.98 39.48
N HIS D 196 -13.43 30.72 39.72
CA HIS D 196 -14.74 30.15 40.02
C HIS D 196 -15.55 29.91 38.75
N LYS D 197 -16.29 28.80 38.72
CA LYS D 197 -17.36 28.60 37.75
C LYS D 197 -16.89 28.71 36.30
N ALA D 198 -15.78 28.02 36.02
CA ALA D 198 -15.11 28.09 34.73
C ALA D 198 -15.66 27.08 33.73
N ASP D 199 -16.02 27.54 32.53
CA ASP D 199 -16.37 26.67 31.41
C ASP D 199 -15.35 26.84 30.31
N ALA D 200 -14.78 25.74 29.84
CA ALA D 200 -13.89 25.75 28.67
C ALA D 200 -12.68 26.69 28.83
N LEU D 201 -12.09 26.61 30.03
CA LEU D 201 -10.93 27.42 30.42
C LEU D 201 -9.66 26.71 30.03
N SER D 202 -8.65 27.49 29.64
CA SER D 202 -7.33 26.94 29.39
C SER D 202 -6.27 27.66 30.21
N ILE D 203 -5.62 26.93 31.10
CA ILE D 203 -4.47 27.42 31.86
C ILE D 203 -3.30 26.66 31.29
N HIS D 204 -2.51 27.36 30.47
CA HIS D 204 -1.55 26.72 29.58
C HIS D 204 -0.19 27.39 29.64
N HIS D 205 0.84 26.60 29.93
CA HIS D 205 2.23 27.01 29.79
C HIS D 205 2.64 28.17 30.69
N ASN D 206 2.20 28.13 31.94
CA ASN D 206 2.51 29.16 32.93
C ASN D 206 3.63 28.67 33.85
N PHE D 207 4.27 29.61 34.53
CA PHE D 207 5.21 29.33 35.60
C PHE D 207 4.64 29.88 36.90
N ILE D 208 4.19 28.98 37.77
CA ILE D 208 3.41 29.35 38.96
C ILE D 208 4.11 28.72 40.15
N ALA D 209 4.97 29.47 40.82
CA ALA D 209 5.88 28.90 41.81
C ALA D 209 6.10 29.82 43.00
N GLU D 210 6.47 29.21 44.13
CA GLU D 210 6.67 29.94 45.39
C GLU D 210 5.44 30.76 45.72
N CYS D 211 4.29 30.10 45.54
CA CYS D 211 3.00 30.64 45.89
C CYS D 211 2.38 29.65 46.88
N GLY D 212 1.61 30.15 47.83
CA GLY D 212 1.04 29.29 48.88
C GLY D 212 0.16 28.21 48.26
N SER D 213 -0.81 28.68 47.47
CA SER D 213 -1.55 27.84 46.53
C SER D 213 -1.35 28.38 45.12
N CYS D 214 -1.28 27.48 44.14
CA CYS D 214 -1.06 27.88 42.76
C CYS D 214 -2.37 28.02 41.98
N ILE D 215 -2.94 26.91 41.48
CA ILE D 215 -4.18 26.94 40.69
C ILE D 215 -5.33 26.30 41.48
N GLU D 216 -6.41 27.06 41.62
CA GLU D 216 -7.62 26.58 42.28
C GLU D 216 -8.83 26.87 41.38
N LEU D 217 -9.53 25.82 40.97
CA LEU D 217 -10.79 25.94 40.24
C LEU D 217 -11.91 25.65 41.22
N ARG D 218 -12.65 26.69 41.59
CA ARG D 218 -13.64 26.61 42.67
C ARG D 218 -15.07 26.67 42.14
N GLY D 219 -16.01 26.31 43.02
CA GLY D 219 -17.43 26.35 42.73
C GLY D 219 -17.83 25.14 41.92
N TRP D 220 -17.69 25.28 40.60
CA TRP D 220 -17.94 24.19 39.66
C TRP D 220 -17.29 24.53 38.32
N GLY D 221 -17.41 23.63 37.35
CA GLY D 221 -16.95 23.94 35.99
C GLY D 221 -17.01 22.78 35.04
N GLN D 222 -16.67 23.03 33.79
CA GLN D 222 -16.80 22.01 32.73
C GLN D 222 -15.80 22.24 31.61
N ALA D 223 -15.32 21.15 31.02
CA ALA D 223 -14.61 21.17 29.74
C ALA D 223 -13.36 22.04 29.75
N SER D 224 -12.65 22.07 30.89
CA SER D 224 -11.50 22.94 31.03
C SER D 224 -10.23 22.14 30.94
N LYS D 225 -9.11 22.86 30.86
CA LYS D 225 -7.83 22.19 30.81
C LYS D 225 -6.71 22.97 31.48
N ILE D 226 -5.83 22.23 32.14
CA ILE D 226 -4.65 22.74 32.81
C ILE D 226 -3.49 21.96 32.22
N THR D 227 -2.73 22.60 31.33
CA THR D 227 -1.71 21.90 30.55
C THR D 227 -0.38 22.61 30.47
N ASP D 228 0.71 21.83 30.50
CA ASP D 228 2.04 22.35 30.21
C ASP D 228 2.58 23.40 31.19
N ASN D 229 2.11 23.36 32.43
CA ASN D 229 2.53 24.32 33.47
C ASN D 229 3.66 23.79 34.32
N LEU D 230 4.49 24.71 34.81
CA LEU D 230 5.48 24.45 35.84
C LEU D 230 4.92 25.03 37.14
N VAL D 231 4.80 24.18 38.16
CA VAL D 231 4.00 24.49 39.34
C VAL D 231 4.71 24.04 40.62
N GLY D 232 4.82 24.95 41.58
CA GLY D 232 5.42 24.66 42.89
C GLY D 232 4.73 25.48 43.96
N ALA D 233 4.06 24.81 44.91
CA ALA D 233 3.25 25.51 45.90
C ALA D 233 3.91 25.42 47.29
N GLY D 234 3.17 25.81 48.32
CA GLY D 234 3.64 25.73 49.71
C GLY D 234 2.93 24.64 50.51
N PRO D 235 3.52 24.24 51.67
CA PRO D 235 3.09 23.04 52.43
C PRO D 235 1.67 23.04 53.00
N ARG D 236 1.00 24.20 53.02
CA ARG D 236 -0.39 24.30 53.47
C ARG D 236 -1.38 24.61 52.34
N GLY D 237 -0.92 24.64 51.09
CA GLY D 237 -1.80 25.00 49.97
C GLY D 237 -1.81 23.96 48.86
N HIS D 238 -2.53 24.31 47.81
CA HIS D 238 -2.72 23.44 46.64
C HIS D 238 -1.80 23.78 45.48
N SER D 239 -1.36 22.77 44.74
CA SER D 239 -0.66 23.00 43.48
C SER D 239 -1.72 23.16 42.39
N ILE D 240 -2.50 22.10 42.18
CA ILE D 240 -3.65 22.13 41.28
C ILE D 240 -4.82 21.60 42.08
N TYR D 241 -5.86 22.41 42.20
CA TYR D 241 -7.04 22.04 42.93
C TYR D 241 -8.25 22.29 42.05
N ALA D 242 -9.23 21.40 42.14
CA ALA D 242 -10.47 21.58 41.44
C ALA D 242 -11.59 20.95 42.25
N GLU D 243 -12.75 21.61 42.28
CA GLU D 243 -13.93 21.05 42.91
C GLU D 243 -15.14 21.13 41.98
N ASN D 244 -15.94 20.06 41.96
CA ASN D 244 -17.18 19.99 41.19
C ASN D 244 -17.00 20.33 39.70
N HIS D 245 -15.89 19.88 39.15
CA HIS D 245 -15.60 20.04 37.73
C HIS D 245 -15.94 18.72 37.01
N GLY D 246 -16.49 18.84 35.82
CA GLY D 246 -16.63 17.70 34.88
C GLY D 246 -15.77 17.94 33.67
N GLY D 247 -15.18 16.88 33.13
CA GLY D 247 -14.47 16.98 31.84
C GLY D 247 -13.20 17.80 31.87
N LEU D 248 -12.51 17.77 33.01
CA LEU D 248 -11.26 18.51 33.18
C LEU D 248 -10.13 17.65 32.67
N LEU D 249 -9.21 18.28 31.93
CA LEU D 249 -8.01 17.62 31.47
C LEU D 249 -6.80 18.27 32.13
N VAL D 250 -6.08 17.50 32.94
CA VAL D 250 -4.85 17.95 33.61
C VAL D 250 -3.72 17.13 33.03
N THR D 251 -2.89 17.74 32.21
CA THR D 251 -1.86 16.98 31.51
C THR D 251 -0.60 17.78 31.14
N ALA D 252 0.51 17.06 31.03
CA ALA D 252 1.81 17.63 30.66
C ALA D 252 2.34 18.70 31.62
N ASN D 253 1.92 18.65 32.88
CA ASN D 253 2.41 19.58 33.90
C ASN D 253 3.60 18.96 34.61
N ASN D 254 4.51 19.82 35.03
CA ASN D 254 5.63 19.43 35.86
C ASN D 254 5.41 20.13 37.20
N VAL D 255 4.93 19.35 38.17
CA VAL D 255 4.56 19.85 39.48
C VAL D 255 5.71 19.42 40.39
N PHE D 256 6.34 20.40 41.01
CA PHE D 256 7.44 20.16 41.92
C PHE D 256 7.01 20.62 43.32
N PRO D 257 7.83 20.34 44.36
CA PRO D 257 7.42 20.76 45.70
C PRO D 257 7.19 22.28 45.84
N ARG D 258 6.56 22.74 46.91
CA ARG D 258 6.31 21.95 48.13
C ARG D 258 4.87 22.09 48.60
N GLY D 259 3.92 21.99 47.67
CA GLY D 259 2.50 21.98 47.99
C GLY D 259 2.10 20.82 48.90
N ALA D 260 1.02 21.02 49.65
CA ALA D 260 0.40 19.95 50.46
C ALA D 260 0.11 18.72 49.60
N SER D 261 -0.35 18.98 48.38
CA SER D 261 -0.57 17.98 47.37
C SER D 261 -0.18 18.51 46.00
N SER D 262 -0.07 17.59 45.04
CA SER D 262 0.20 17.93 43.64
C SER D 262 -1.11 18.17 42.86
N VAL D 263 -2.08 17.27 43.03
CA VAL D 263 -3.42 17.44 42.44
C VAL D 263 -4.46 17.04 43.47
N HIS D 264 -5.40 17.92 43.73
CA HIS D 264 -6.44 17.70 44.73
C HIS D 264 -7.80 17.95 44.10
N PHE D 265 -8.61 16.88 44.04
CA PHE D 265 -9.97 16.94 43.52
C PHE D 265 -11.02 16.73 44.64
N LYS D 266 -12.05 17.57 44.67
CA LYS D 266 -13.26 17.33 45.47
C LYS D 266 -14.49 17.32 44.57
N GLY D 267 -15.21 16.21 44.54
CA GLY D 267 -16.37 16.06 43.66
C GLY D 267 -16.04 16.28 42.18
N VAL D 268 -14.85 15.89 41.75
CA VAL D 268 -14.47 16.01 40.33
C VAL D 268 -14.86 14.72 39.62
N THR D 269 -15.60 14.84 38.52
CA THR D 269 -16.05 13.65 37.78
C THR D 269 -15.63 13.66 36.33
N ARG D 270 -15.46 12.47 35.77
CA ARG D 270 -15.32 12.33 34.31
C ARG D 270 -14.20 13.21 33.75
N SER D 271 -13.06 13.17 34.44
CA SER D 271 -11.91 14.00 34.14
C SER D 271 -10.66 13.13 34.00
N SER D 272 -9.57 13.75 33.60
CA SER D 272 -8.34 13.03 33.34
C SER D 272 -7.14 13.76 33.95
N VAL D 273 -6.40 13.05 34.79
CA VAL D 273 -5.12 13.50 35.32
C VAL D 273 -4.11 12.55 34.75
N THR D 274 -3.53 12.94 33.62
CA THR D 274 -2.77 12.04 32.78
C THR D 274 -1.48 12.69 32.28
N ASN D 275 -0.40 11.92 32.27
CA ASN D 275 0.88 12.32 31.70
C ASN D 275 1.48 13.59 32.35
N ASN D 276 1.51 13.58 33.68
CA ASN D 276 2.13 14.66 34.46
C ASN D 276 3.35 14.10 35.19
N ARG D 277 4.34 14.97 35.42
CA ARG D 277 5.42 14.68 36.33
C ARG D 277 5.06 15.34 37.64
N LEU D 278 5.03 14.54 38.71
CA LEU D 278 4.65 15.01 40.02
C LEU D 278 5.78 14.67 41.00
N HIS D 279 6.17 15.67 41.80
CA HIS D 279 7.23 15.53 42.78
C HIS D 279 6.78 16.22 44.06
N ALA D 280 6.78 15.46 45.16
CA ALA D 280 6.38 15.96 46.45
C ALA D 280 7.39 15.54 47.52
N PHE D 281 7.40 16.28 48.61
CA PHE D 281 8.22 15.92 49.77
C PHE D 281 7.37 15.23 50.84
N TYR D 282 6.05 15.16 50.63
CA TYR D 282 5.12 14.61 51.59
C TYR D 282 4.20 13.58 50.91
N PRO D 283 3.49 12.76 51.71
CA PRO D 283 2.44 11.91 51.13
C PRO D 283 1.20 12.73 50.72
N GLY D 284 0.24 12.04 50.10
CA GLY D 284 -1.00 12.66 49.67
C GLY D 284 -0.82 13.51 48.42
N MET D 285 -0.08 12.99 47.44
CA MET D 285 0.27 13.72 46.21
C MET D 285 -0.92 13.98 45.29
N VAL D 286 -1.73 12.94 45.08
CA VAL D 286 -2.96 13.08 44.32
C VAL D 286 -4.11 12.59 45.18
N ARG D 287 -5.07 13.46 45.40
CA ARG D 287 -6.20 13.19 46.26
C ARG D 287 -7.47 13.35 45.45
N LEU D 288 -8.19 12.25 45.27
CA LEU D 288 -9.55 12.24 44.73
C LEU D 288 -10.50 12.04 45.89
N GLU D 289 -11.27 13.08 46.20
CA GLU D 289 -12.09 13.11 47.42
C GLU D 289 -13.52 13.46 47.11
N GLU D 290 -14.40 13.15 48.07
CA GLU D 290 -15.79 13.58 48.09
C GLU D 290 -16.55 13.26 46.80
N ASN D 291 -16.64 11.95 46.53
CA ASN D 291 -17.27 11.40 45.32
C ASN D 291 -16.57 11.89 44.03
N SER D 292 -15.25 11.71 43.96
CA SER D 292 -14.51 11.95 42.73
C SER D 292 -14.50 10.66 41.92
N SER D 293 -15.34 10.63 40.89
CA SER D 293 -15.73 9.39 40.21
C SER D 293 -15.46 9.43 38.71
N GLU D 294 -15.21 8.24 38.14
CA GLU D 294 -15.05 8.06 36.68
C GLU D 294 -13.89 8.89 36.09
N ASN D 295 -12.82 9.01 36.86
CA ASN D 295 -11.67 9.77 36.42
C ASN D 295 -10.60 8.84 35.94
N LEU D 296 -9.84 9.30 34.95
CA LEU D 296 -8.67 8.60 34.48
C LEU D 296 -7.43 9.23 35.13
N VAL D 297 -6.69 8.42 35.87
CA VAL D 297 -5.38 8.81 36.38
C VAL D 297 -4.36 7.88 35.74
N ALA D 298 -3.68 8.38 34.70
CA ALA D 298 -2.87 7.53 33.85
C ALA D 298 -1.53 8.11 33.48
N THR D 299 -0.55 7.24 33.33
CA THR D 299 0.81 7.53 32.84
C THR D 299 1.48 8.78 33.48
N ASN D 300 1.24 8.95 34.78
CA ASN D 300 1.92 9.99 35.57
C ASN D 300 3.18 9.41 36.20
N HIS D 301 4.21 10.24 36.34
CA HIS D 301 5.39 9.89 37.11
C HIS D 301 5.26 10.55 38.48
N PHE D 302 5.16 9.74 39.52
CA PHE D 302 5.11 10.21 40.90
C PHE D 302 6.50 10.03 41.52
N LEU D 303 6.99 11.05 42.21
CA LEU D 303 8.14 10.93 43.10
C LEU D 303 7.77 11.52 44.44
N ARG D 304 7.90 10.75 45.51
CA ARG D 304 7.86 11.28 46.86
C ARG D 304 9.23 11.02 47.45
N ASP D 305 9.92 12.07 47.89
CA ASP D 305 11.18 11.92 48.62
C ASP D 305 11.26 12.92 49.79
N HIS D 306 12.46 13.20 50.31
CA HIS D 306 12.60 14.07 51.47
C HIS D 306 13.10 15.46 51.07
N GLU D 307 12.48 16.49 51.64
CA GLU D 307 12.97 17.87 51.55
C GLU D 307 14.48 17.92 51.86
N PRO D 308 15.30 18.42 50.91
CA PRO D 308 16.74 18.51 51.16
C PRO D 308 17.22 19.86 51.71
N TRP D 309 16.38 20.90 51.66
CA TRP D 309 16.83 22.28 51.88
C TRP D 309 16.52 22.72 53.31
N THR D 310 17.58 23.04 54.06
CA THR D 310 17.52 23.25 55.52
C THR D 310 16.34 24.10 56.05
N PRO D 311 16.05 25.27 55.44
CA PRO D 311 14.96 26.11 55.96
C PRO D 311 13.55 25.48 56.01
N PHE D 312 13.31 24.43 55.21
CA PHE D 312 12.03 23.70 55.24
C PHE D 312 12.14 22.25 55.77
N PHE D 313 13.34 21.83 56.18
CA PHE D 313 13.54 20.57 56.89
C PHE D 313 12.75 20.64 58.20
N GLY D 314 11.87 19.68 58.42
CA GLY D 314 10.95 19.69 59.57
C GLY D 314 9.55 20.19 59.26
N VAL D 315 9.40 20.95 58.17
CA VAL D 315 8.08 21.39 57.69
C VAL D 315 7.49 20.27 56.82
N ASP D 316 6.24 19.90 57.11
CA ASP D 316 5.52 18.90 56.33
C ASP D 316 4.03 19.28 56.19
N ASN D 317 3.26 18.45 55.49
CA ASN D 317 1.81 18.69 55.31
C ASN D 317 0.96 18.04 56.41
N GLY D 318 1.59 17.34 57.34
CA GLY D 318 0.90 16.75 58.48
C GLY D 318 0.20 15.42 58.22
N LEU D 319 0.62 14.72 57.16
CA LEU D 319 0.02 13.43 56.81
C LEU D 319 1.09 12.34 56.89
N ASP D 320 0.68 11.17 57.38
CA ASP D 320 1.61 10.06 57.60
C ASP D 320 1.79 9.19 56.35
N ASP D 321 2.71 8.23 56.44
CA ASP D 321 3.04 7.36 55.33
C ASP D 321 1.99 6.30 54.97
N LEU D 322 0.96 6.13 55.81
CA LEU D 322 -0.20 5.30 55.45
C LEU D 322 -1.20 6.02 54.55
N THR D 323 -1.05 7.34 54.37
CA THR D 323 -1.98 8.14 53.55
C THR D 323 -2.10 7.67 52.11
N GLY D 324 -0.97 7.32 51.50
CA GLY D 324 -0.89 7.00 50.08
C GLY D 324 -0.35 8.19 49.32
N LEU D 325 0.41 7.92 48.26
CA LEU D 325 0.78 8.97 47.31
C LEU D 325 -0.46 9.35 46.47
N LEU D 326 -1.23 8.33 46.07
CA LEU D 326 -2.52 8.51 45.41
C LEU D 326 -3.63 7.98 46.33
N SER D 327 -4.56 8.86 46.70
CA SER D 327 -5.70 8.50 47.55
C SER D 327 -7.00 8.74 46.82
N ILE D 328 -7.86 7.71 46.79
CA ILE D 328 -9.12 7.74 46.04
C ILE D 328 -10.31 7.42 46.94
N SER D 329 -11.23 8.37 47.00
CA SER D 329 -12.55 8.18 47.60
C SER D 329 -13.60 8.50 46.54
N GLY D 330 -14.11 7.46 45.89
CA GLY D 330 -15.11 7.63 44.82
C GLY D 330 -15.21 6.42 43.93
N ASN D 331 -16.16 6.47 43.02
CA ASN D 331 -16.56 5.30 42.22
C ASN D 331 -15.96 5.26 40.80
N ASN D 332 -15.63 4.06 40.35
CA ASN D 332 -15.45 3.78 38.91
C ASN D 332 -14.29 4.52 38.24
N ASN D 333 -13.25 4.88 39.02
CA ASN D 333 -12.09 5.57 38.48
C ASN D 333 -11.21 4.56 37.78
N SER D 334 -10.23 5.05 37.02
CA SER D 334 -9.31 4.23 36.27
C SER D 334 -7.88 4.70 36.52
N VAL D 335 -7.09 3.87 37.18
CA VAL D 335 -5.71 4.19 37.55
C VAL D 335 -4.79 3.26 36.76
N ILE D 336 -4.21 3.78 35.68
CA ILE D 336 -3.52 2.94 34.70
C ILE D 336 -2.15 3.49 34.30
N GLY D 337 -1.14 2.63 34.38
CA GLY D 337 0.19 2.90 33.79
C GLY D 337 1.05 3.94 34.49
N ASN D 338 0.84 4.16 35.78
CA ASN D 338 1.59 5.15 36.55
C ASN D 338 2.89 4.55 37.10
N HIS D 339 3.90 5.43 37.25
CA HIS D 339 5.14 5.09 37.92
C HIS D 339 5.13 5.77 39.28
N PHE D 340 5.54 5.02 40.31
CA PHE D 340 5.65 5.55 41.67
C PHE D 340 7.05 5.27 42.17
N SER D 341 7.79 6.34 42.47
CA SER D 341 9.09 6.26 43.16
C SER D 341 8.88 6.74 44.59
N GLU D 342 9.10 5.83 45.55
CA GLU D 342 8.94 6.08 46.99
C GLU D 342 10.31 6.09 47.63
N VAL D 343 10.78 7.27 48.04
CA VAL D 343 12.05 7.39 48.75
C VAL D 343 11.73 7.93 50.14
N VAL D 344 12.00 7.13 51.16
CA VAL D 344 11.75 7.53 52.56
C VAL D 344 12.86 7.00 53.44
N ASP D 345 13.08 7.68 54.56
CA ASP D 345 13.98 7.20 55.60
C ASP D 345 13.18 6.22 56.44
N ALA D 346 13.56 4.94 56.40
CA ALA D 346 12.88 3.86 57.13
C ALA D 346 12.68 4.17 58.62
N ASN D 347 13.67 4.83 59.23
CA ASN D 347 13.59 5.23 60.63
C ASN D 347 12.61 6.38 60.87
N GLU D 348 12.42 7.26 59.88
CA GLU D 348 11.48 8.39 59.98
C GLU D 348 10.01 8.07 59.59
N ILE D 349 9.70 6.83 59.18
CA ILE D 349 8.34 6.48 58.74
C ILE D 349 7.36 6.69 59.90
N ARG D 350 6.30 7.45 59.62
CA ARG D 350 5.24 7.71 60.60
C ARG D 350 3.96 6.99 60.14
N PRO D 351 3.16 6.43 61.06
CA PRO D 351 3.52 6.20 62.46
C PRO D 351 4.52 5.04 62.57
N GLU D 352 5.14 4.87 63.73
CA GLU D 352 6.18 3.85 63.90
C GLU D 352 5.68 2.43 63.56
N GLY D 353 6.53 1.66 62.88
CA GLY D 353 6.22 0.29 62.50
C GLY D 353 5.42 0.11 61.21
N ALA D 354 4.88 1.20 60.67
CA ALA D 354 3.99 1.13 59.50
C ALA D 354 4.78 0.80 58.25
N THR D 355 4.08 0.20 57.29
CA THR D 355 4.59 -0.04 55.96
C THR D 355 3.98 1.06 55.07
N PRO D 356 4.81 1.82 54.33
CA PRO D 356 4.26 2.89 53.50
C PRO D 356 3.28 2.43 52.42
N VAL D 357 2.21 3.20 52.26
CA VAL D 357 1.14 2.94 51.28
C VAL D 357 1.39 3.81 50.03
N ILE D 358 1.27 3.23 48.83
CA ILE D 358 1.41 3.98 47.57
C ILE D 358 0.04 4.39 47.04
N ILE D 359 -0.78 3.42 46.60
CA ILE D 359 -2.17 3.71 46.19
C ILE D 359 -3.13 3.25 47.28
N ARG D 360 -4.06 4.13 47.65
CA ARG D 360 -5.05 3.83 48.67
C ARG D 360 -6.47 4.12 48.21
N LEU D 361 -7.33 3.10 48.31
CA LEU D 361 -8.76 3.24 48.06
C LEU D 361 -9.48 3.30 49.41
N THR D 362 -9.98 4.48 49.77
CA THR D 362 -10.65 4.67 51.06
C THR D 362 -12.14 4.41 51.01
N ALA D 363 -12.77 4.76 49.89
CA ALA D 363 -14.21 4.57 49.71
C ALA D 363 -14.58 4.49 48.24
N GLY D 364 -15.80 4.03 47.97
CA GLY D 364 -16.32 3.87 46.62
C GLY D 364 -16.08 2.49 46.02
N THR D 365 -16.78 2.22 44.92
CA THR D 365 -16.72 0.93 44.23
C THR D 365 -16.38 1.03 42.75
N GLY D 366 -15.94 -0.08 42.18
CA GLY D 366 -15.73 -0.21 40.74
C GLY D 366 -14.46 0.42 40.17
N ASN D 367 -13.50 0.74 41.06
CA ASN D 367 -12.27 1.39 40.63
C ASN D 367 -11.37 0.34 39.99
N PHE D 368 -10.80 0.71 38.83
CA PHE D 368 -9.98 -0.17 38.04
C PHE D 368 -8.54 0.32 38.15
N VAL D 369 -7.69 -0.49 38.78
CA VAL D 369 -6.31 -0.13 39.04
C VAL D 369 -5.44 -1.15 38.37
N SER D 370 -4.68 -0.73 37.36
CA SER D 370 -3.97 -1.66 36.52
C SER D 370 -2.63 -1.17 36.01
N THR D 371 -1.65 -2.06 36.03
CA THR D 371 -0.37 -1.90 35.34
C THR D 371 0.42 -0.69 35.88
N ASN D 372 0.59 -0.66 37.20
CA ASN D 372 1.31 0.42 37.89
C ASN D 372 2.61 -0.15 38.46
N HIS D 373 3.70 0.60 38.35
CA HIS D 373 5.00 0.16 38.85
C HIS D 373 5.33 0.96 40.09
N VAL D 374 5.61 0.25 41.19
CA VAL D 374 6.05 0.87 42.44
C VAL D 374 7.53 0.50 42.64
N VAL D 375 8.34 1.50 42.97
CA VAL D 375 9.73 1.26 43.36
C VAL D 375 9.97 2.09 44.62
N ALA D 376 10.27 1.38 45.72
CA ALA D 376 10.49 1.98 47.02
C ALA D 376 11.95 1.77 47.45
N MET D 377 12.53 2.80 48.06
CA MET D 377 13.89 2.75 48.60
C MET D 377 14.01 3.38 49.98
N ASP D 378 15.02 2.92 50.73
CA ASP D 378 15.36 3.43 52.05
C ASP D 378 16.64 4.24 51.92
N VAL D 379 16.54 5.55 52.09
CA VAL D 379 17.73 6.44 52.14
C VAL D 379 17.58 7.40 53.32
N ASP D 380 18.71 7.84 53.89
CA ASP D 380 18.70 8.69 55.09
C ASP D 380 18.07 10.07 54.85
N ASP D 402 16.47 -1.87 48.95
CA ASP D 402 15.07 -1.59 48.66
C ASP D 402 14.18 -1.77 49.89
N LEU D 403 13.04 -1.09 49.86
CA LEU D 403 12.08 -1.03 50.97
C LEU D 403 10.80 -1.79 50.63
N ALA D 404 10.21 -2.45 51.63
CA ALA D 404 8.92 -3.12 51.49
C ALA D 404 7.81 -2.08 51.67
N VAL D 405 6.84 -2.10 50.75
CA VAL D 405 5.72 -1.15 50.76
C VAL D 405 4.41 -1.82 50.37
N THR D 406 3.30 -1.22 50.80
CA THR D 406 1.97 -1.63 50.37
C THR D 406 1.57 -0.85 49.09
N ALA D 407 1.86 -1.46 47.95
CA ALA D 407 1.57 -0.84 46.63
C ALA D 407 0.12 -0.38 46.52
N VAL D 408 -0.81 -1.28 46.84
CA VAL D 408 -2.23 -0.95 46.82
C VAL D 408 -2.87 -1.40 48.12
N LEU D 409 -3.61 -0.50 48.76
CA LEU D 409 -4.33 -0.78 50.00
C LEU D 409 -5.79 -0.43 49.81
N VAL D 410 -6.65 -1.45 49.80
CA VAL D 410 -8.08 -1.25 49.70
C VAL D 410 -8.63 -1.31 51.11
N ASP D 411 -9.10 -0.17 51.63
CA ASP D 411 -9.87 -0.15 52.88
C ASP D 411 -11.12 -1.02 52.70
N PRO D 412 -11.67 -1.57 53.81
CA PRO D 412 -12.90 -2.35 53.70
C PRO D 412 -14.13 -1.52 53.27
N GLY D 413 -14.10 -0.20 53.46
CA GLY D 413 -15.15 0.68 52.98
C GLY D 413 -15.18 0.93 51.46
N SER D 414 -14.20 0.37 50.74
CA SER D 414 -14.19 0.35 49.28
C SER D 414 -14.16 -1.10 48.83
N ALA D 415 -15.12 -1.49 47.98
CA ALA D 415 -15.22 -2.86 47.50
C ALA D 415 -15.52 -2.91 46.00
N ARG D 416 -15.44 -4.10 45.43
CA ARG D 416 -15.79 -4.35 44.03
C ARG D 416 -14.85 -3.60 43.09
N ASN D 417 -13.57 -3.53 43.46
CA ASN D 417 -12.54 -2.88 42.66
C ASN D 417 -11.78 -3.97 41.94
N THR D 418 -11.04 -3.57 40.92
CA THR D 418 -10.25 -4.48 40.13
C THR D 418 -8.79 -4.00 40.18
N ILE D 419 -7.91 -4.84 40.72
CA ILE D 419 -6.50 -4.51 40.89
C ILE D 419 -5.63 -5.52 40.14
N LEU D 420 -5.00 -5.06 39.07
CA LEU D 420 -4.26 -5.92 38.17
C LEU D 420 -2.83 -5.43 38.05
N ASP D 421 -1.87 -6.33 38.24
CA ASP D 421 -0.45 -6.04 38.02
C ASP D 421 -0.02 -4.69 38.58
N SER D 422 -0.45 -4.39 39.81
CA SER D 422 -0.04 -3.19 40.53
C SER D 422 0.59 -3.54 41.89
N GLY D 423 1.33 -4.67 41.91
CA GLY D 423 1.94 -5.21 43.13
C GLY D 423 1.77 -6.71 43.28
N SER D 424 2.72 -7.34 43.98
CA SER D 424 2.60 -8.74 44.37
C SER D 424 1.47 -8.89 45.40
N ASP D 425 1.10 -10.14 45.68
CA ASP D 425 0.05 -10.42 46.67
C ASP D 425 0.37 -9.81 48.03
N THR D 426 1.64 -9.88 48.45
CA THR D 426 2.08 -9.26 49.70
C THR D 426 1.94 -7.72 49.62
N GLN D 427 2.32 -7.15 48.47
CA GLN D 427 2.17 -5.69 48.24
C GLN D 427 0.73 -5.21 48.15
N VAL D 428 -0.19 -6.06 47.67
CA VAL D 428 -1.61 -5.69 47.60
C VAL D 428 -2.37 -6.17 48.84
N VAL D 429 -2.86 -5.23 49.64
CA VAL D 429 -3.62 -5.54 50.86
C VAL D 429 -5.08 -5.23 50.58
N ALA D 430 -5.89 -6.28 50.43
CA ALA D 430 -7.29 -6.16 50.02
C ALA D 430 -8.07 -7.45 50.25
N ASP D 431 -9.36 -7.31 50.59
CA ASP D 431 -10.27 -8.45 50.70
C ASP D 431 -10.51 -9.11 49.33
N ARG D 432 -9.80 -10.21 49.06
CA ARG D 432 -9.95 -10.99 47.82
C ARG D 432 -11.37 -11.51 47.50
N ALA D 433 -12.21 -11.66 48.51
CA ALA D 433 -13.58 -12.14 48.31
C ALA D 433 -14.46 -11.14 47.54
N VAL D 434 -14.25 -9.84 47.76
CA VAL D 434 -15.08 -8.78 47.15
C VAL D 434 -14.31 -7.80 46.23
N ASN D 435 -13.11 -8.20 45.79
CA ASN D 435 -12.31 -7.44 44.81
C ASN D 435 -11.63 -8.44 43.90
N ALA D 436 -11.42 -8.04 42.64
CA ALA D 436 -10.74 -8.89 41.66
C ALA D 436 -9.25 -8.53 41.60
N ILE D 437 -8.41 -9.35 42.22
CA ILE D 437 -6.97 -9.10 42.31
C ILE D 437 -6.23 -10.07 41.41
N ARG D 438 -5.35 -9.53 40.57
CA ARG D 438 -4.31 -10.33 39.95
C ARG D 438 -2.97 -9.74 40.41
N ALA D 439 -2.15 -10.59 41.00
CA ALA D 439 -0.83 -10.20 41.45
C ALA D 439 0.11 -10.08 40.26
N THR D 440 1.03 -9.13 40.34
CA THR D 440 2.12 -9.06 39.38
C THR D 440 2.91 -10.36 39.50
N PRO D 441 3.06 -11.12 38.40
CA PRO D 441 3.93 -12.29 38.43
C PRO D 441 5.29 -11.96 39.05
N THR D 442 5.80 -12.85 39.90
CA THR D 442 7.04 -12.62 40.63
C THR D 442 8.10 -13.67 40.27
N VAL D 443 9.36 -13.36 40.58
CA VAL D 443 10.44 -14.35 40.55
C VAL D 443 11.68 -13.81 41.30
N SER E 3 13.55 53.61 26.83
CA SER E 3 13.45 53.62 28.33
C SER E 3 12.18 52.96 28.90
N ASN E 4 11.26 52.53 28.04
CA ASN E 4 10.21 51.58 28.48
C ASN E 4 10.64 50.11 28.32
N ASN E 5 11.92 49.87 28.00
CA ASN E 5 12.53 48.54 27.93
C ASN E 5 12.04 47.67 26.75
N ARG E 6 11.49 48.29 25.72
CA ARG E 6 11.16 47.57 24.48
C ARG E 6 12.03 48.16 23.37
N TYR E 7 12.68 47.26 22.62
CA TYR E 7 13.57 47.62 21.53
C TYR E 7 13.13 46.90 20.26
N ASP E 8 13.37 47.53 19.13
CA ASP E 8 13.13 46.95 17.82
C ASP E 8 14.46 47.10 17.09
N VAL E 9 15.03 45.98 16.61
CA VAL E 9 16.35 46.01 15.95
C VAL E 9 16.43 46.87 14.69
N THR E 10 15.29 47.13 14.06
CA THR E 10 15.21 48.03 12.90
C THR E 10 15.00 49.51 13.26
N GLU E 11 14.85 49.81 14.56
CA GLU E 11 14.74 51.18 15.07
C GLU E 11 15.82 51.39 16.13
N TRP E 12 17.06 51.08 15.77
CA TRP E 12 18.21 51.29 16.67
C TRP E 12 19.15 52.25 15.95
N PRO E 13 19.69 53.26 16.67
CA PRO E 13 20.53 54.26 15.97
C PRO E 13 21.86 53.77 15.38
N ALA E 14 22.45 52.73 15.98
CA ALA E 14 23.81 52.28 15.64
C ALA E 14 23.77 50.98 14.87
N GLY E 15 24.65 50.87 13.87
CA GLY E 15 24.80 49.63 13.13
C GLY E 15 23.73 49.37 12.09
N ASN E 16 23.65 48.12 11.68
CA ASN E 16 22.74 47.71 10.62
C ASN E 16 22.40 46.25 10.89
N PRO E 17 21.14 45.97 11.29
CA PRO E 17 20.81 44.59 11.58
C PRO E 17 20.85 43.67 10.35
N ALA E 18 20.71 44.21 9.13
CA ALA E 18 20.85 43.40 7.91
C ALA E 18 22.27 42.83 7.76
N LYS E 19 23.28 43.62 8.15
CA LYS E 19 24.68 43.25 7.99
C LYS E 19 25.29 42.57 9.22
N ASP E 20 24.98 43.08 10.42
CA ASP E 20 25.40 42.45 11.67
C ASP E 20 24.42 42.76 12.83
N ILE E 21 23.39 41.93 12.93
CA ILE E 21 22.41 42.04 14.02
C ILE E 21 23.03 41.68 15.38
N GLY E 22 24.09 40.88 15.38
CA GLY E 22 24.80 40.59 16.62
C GLY E 22 25.28 41.85 17.32
N GLU E 23 25.94 42.73 16.55
CA GLU E 23 26.40 44.03 17.04
C GLU E 23 25.22 44.86 17.55
N VAL E 24 24.14 44.90 16.76
CA VAL E 24 22.93 45.65 17.14
C VAL E 24 22.39 45.15 18.49
N ILE E 25 22.24 43.83 18.63
CA ILE E 25 21.68 43.27 19.85
C ILE E 25 22.60 43.46 21.07
N ASN E 26 23.91 43.29 20.87
CA ASN E 26 24.87 43.58 21.95
C ASN E 26 24.82 45.04 22.38
N SER E 27 24.66 45.96 21.43
CA SER E 27 24.54 47.39 21.74
C SER E 27 23.28 47.67 22.58
N ILE E 28 22.16 47.04 22.19
CA ILE E 28 20.93 47.09 22.96
C ILE E 28 21.13 46.54 24.38
N ILE E 29 21.78 45.38 24.50
CA ILE E 29 22.06 44.79 25.80
C ILE E 29 22.89 45.73 26.70
N ALA E 30 23.91 46.36 26.12
CA ALA E 30 24.72 47.34 26.86
C ALA E 30 23.87 48.51 27.37
N ASP E 31 22.96 49.01 26.53
CA ASP E 31 22.00 50.05 26.94
C ASP E 31 21.09 49.62 28.09
N ILE E 32 20.58 48.39 28.01
CA ILE E 32 19.77 47.84 29.11
C ILE E 32 20.59 47.87 30.41
N LYS E 33 21.80 47.31 30.36
CA LYS E 33 22.66 47.25 31.56
C LYS E 33 23.02 48.65 32.11
N ALA E 34 23.30 49.59 31.22
CA ALA E 34 23.62 50.97 31.59
C ALA E 34 22.47 51.62 32.35
N ARG E 35 21.25 51.39 31.89
CA ARG E 35 20.06 51.99 32.51
C ARG E 35 19.58 51.23 33.76
N GLN E 36 19.85 49.92 33.83
CA GLN E 36 19.40 49.10 34.96
C GLN E 36 20.58 48.67 35.85
N GLY E 37 21.24 49.63 36.47
CA GLY E 37 22.48 49.38 37.24
C GLY E 37 22.31 48.96 38.71
N ALA E 38 21.20 49.36 39.33
CA ALA E 38 20.93 49.11 40.75
C ALA E 38 19.85 48.04 40.94
N ALA E 39 20.10 47.08 41.84
CA ALA E 39 19.23 45.90 42.04
C ALA E 39 18.09 46.09 43.06
N ASP E 40 18.04 47.24 43.74
CA ASP E 40 16.94 47.54 44.68
C ASP E 40 16.64 49.04 44.77
N VAL E 41 15.93 49.53 43.75
CA VAL E 41 15.29 50.85 43.77
C VAL E 41 13.78 50.59 43.81
N ASP E 42 13.16 50.85 44.96
CA ASP E 42 11.71 50.74 45.16
C ASP E 42 11.21 49.31 44.88
N ASP E 43 11.86 48.33 45.51
CA ASP E 43 11.53 46.90 45.34
C ASP E 43 11.78 46.36 43.90
N GLY E 44 12.70 46.98 43.17
CA GLY E 44 12.97 46.57 41.78
C GLY E 44 14.31 47.07 41.26
N GLY E 45 14.36 47.33 39.94
CA GLY E 45 15.49 48.02 39.32
C GLY E 45 16.08 47.34 38.11
N LYS E 46 16.00 46.01 38.07
CA LYS E 46 16.54 45.23 36.94
C LYS E 46 15.47 44.32 36.31
N PRO E 47 14.36 44.91 35.84
CA PRO E 47 13.28 44.10 35.24
C PRO E 47 13.61 43.43 33.89
N GLY E 48 14.73 43.81 33.25
CA GLY E 48 15.10 43.29 31.94
C GLY E 48 14.40 44.03 30.81
N ALA E 49 14.22 43.36 29.69
CA ALA E 49 13.77 44.02 28.47
C ALA E 49 13.29 43.04 27.42
N VAL E 50 12.68 43.58 26.37
CA VAL E 50 12.27 42.78 25.21
C VAL E 50 12.90 43.38 23.95
N ILE E 51 13.48 42.52 23.11
CA ILE E 51 14.10 42.94 21.85
C ILE E 51 13.31 42.26 20.73
N TYR E 52 12.74 43.06 19.84
CA TYR E 52 11.86 42.57 18.78
C TYR E 52 12.55 42.59 17.43
N LEU E 53 12.41 41.50 16.69
CA LEU E 53 12.94 41.36 15.34
C LEU E 53 11.77 41.27 14.38
N PRO E 54 11.49 42.34 13.62
CA PRO E 54 10.46 42.19 12.61
C PRO E 54 10.86 41.15 11.57
N PRO E 55 9.90 40.68 10.76
CA PRO E 55 10.32 39.76 9.70
C PRO E 55 11.37 40.41 8.78
N GLY E 56 12.41 39.65 8.44
CA GLY E 56 13.53 40.21 7.71
C GLY E 56 14.71 39.26 7.70
N ASP E 57 15.69 39.55 6.85
CA ASP E 57 16.90 38.76 6.71
C ASP E 57 18.04 39.50 7.40
N TYR E 58 18.50 38.95 8.52
CA TYR E 58 19.50 39.58 9.35
C TYR E 58 20.76 38.72 9.47
N HIS E 59 21.87 39.20 8.92
CA HIS E 59 23.14 38.52 9.10
C HIS E 59 23.70 38.81 10.48
N LEU E 60 24.15 37.76 11.15
CA LEU E 60 24.81 37.86 12.45
C LEU E 60 26.27 37.51 12.23
N ARG E 61 27.15 38.48 12.43
CA ARG E 61 28.61 38.29 12.33
C ARG E 61 29.33 38.36 13.67
N THR E 62 28.64 38.79 14.73
CA THR E 62 29.19 38.86 16.08
C THR E 62 28.25 38.10 17.02
N GLN E 63 28.81 37.21 17.84
CA GLN E 63 28.03 36.48 18.83
C GLN E 63 27.32 37.45 19.77
N VAL E 64 26.06 37.15 20.06
CA VAL E 64 25.30 37.88 21.08
C VAL E 64 25.59 37.24 22.42
N LEU E 65 25.98 38.04 23.40
CA LEU E 65 26.20 37.57 24.76
C LEU E 65 25.07 38.11 25.62
N ILE E 66 24.25 37.19 26.14
CA ILE E 66 23.18 37.52 27.06
C ILE E 66 23.64 37.15 28.46
N ASP E 67 23.74 38.15 29.32
CA ASP E 67 24.26 37.96 30.68
C ASP E 67 23.41 38.75 31.69
N ILE E 68 22.12 38.88 31.38
CA ILE E 68 21.15 39.52 32.26
C ILE E 68 19.92 38.64 32.33
N SER E 69 19.22 38.68 33.47
CA SER E 69 17.96 37.97 33.64
C SER E 69 16.82 38.74 32.98
N PHE E 70 15.75 38.02 32.64
CA PHE E 70 14.50 38.61 32.17
C PHE E 70 14.63 39.31 30.81
N LEU E 71 15.53 38.84 29.96
CA LEU E 71 15.62 39.32 28.59
C LEU E 71 14.79 38.41 27.71
N ARG E 72 13.87 39.00 26.95
CA ARG E 72 13.14 38.31 25.91
C ARG E 72 13.62 38.79 24.57
N ILE E 73 13.92 37.85 23.67
CA ILE E 73 14.15 38.15 22.27
C ILE E 73 13.05 37.46 21.49
N GLU E 74 12.32 38.23 20.68
CA GLU E 74 11.11 37.74 20.01
C GLU E 74 11.06 38.19 18.55
N GLY E 75 10.38 37.40 17.72
CA GLY E 75 10.12 37.77 16.34
C GLY E 75 8.68 37.53 15.95
N SER E 76 8.46 37.55 14.63
CA SER E 76 7.15 37.33 14.03
C SER E 76 7.20 36.27 12.92
N GLY E 77 8.02 35.25 13.09
CA GLY E 77 7.95 34.11 12.21
C GLY E 77 9.06 33.10 12.41
N HIS E 78 8.67 31.83 12.54
CA HIS E 78 9.63 30.75 12.67
C HIS E 78 10.33 30.45 11.33
N GLY E 79 9.72 30.85 10.22
CA GLY E 79 10.39 30.98 8.92
C GLY E 79 11.01 29.75 8.28
N PHE E 80 10.63 28.56 8.71
CA PHE E 80 11.23 27.33 8.17
C PHE E 80 10.87 27.04 6.72
N THR E 81 11.91 26.70 5.94
CA THR E 81 11.73 26.00 4.67
C THR E 81 12.83 24.94 4.58
N SER E 82 12.59 23.89 3.81
CA SER E 82 13.56 22.79 3.72
C SER E 82 14.74 23.15 2.81
N SER E 83 15.79 23.68 3.43
CA SER E 83 17.05 23.91 2.73
C SER E 83 17.66 22.59 2.23
N SER E 84 17.42 21.51 2.97
CA SER E 84 17.81 20.17 2.53
C SER E 84 17.22 19.83 1.17
N ILE E 85 15.91 20.00 1.03
CA ILE E 85 15.27 19.71 -0.25
C ILE E 85 15.87 20.60 -1.35
N ARG E 86 15.99 21.90 -1.07
CA ARG E 86 16.42 22.86 -2.08
C ARG E 86 17.85 22.62 -2.56
N PHE E 87 18.78 22.35 -1.65
CA PHE E 87 20.18 22.07 -2.01
C PHE E 87 20.39 20.74 -2.73
N ASN E 88 19.36 19.87 -2.73
CA ASN E 88 19.36 18.63 -3.52
C ASN E 88 18.52 18.72 -4.80
N VAL E 89 17.93 19.90 -5.05
CA VAL E 89 17.35 20.21 -6.35
C VAL E 89 18.51 20.66 -7.25
N PRO E 90 18.58 20.16 -8.51
CA PRO E 90 19.61 20.64 -9.45
C PRO E 90 19.67 22.15 -9.54
N GLU E 91 20.88 22.68 -9.48
CA GLU E 91 21.13 24.11 -9.36
C GLU E 91 20.53 24.94 -10.50
N GLU E 92 20.48 24.38 -11.71
CA GLU E 92 19.88 25.06 -12.88
C GLU E 92 18.35 25.29 -12.76
N GLU E 93 17.69 24.50 -11.92
CA GLU E 93 16.25 24.66 -11.63
C GLU E 93 15.92 25.71 -10.54
N TRP E 94 16.94 26.18 -9.81
CA TRP E 94 16.75 27.18 -8.73
C TRP E 94 16.03 28.47 -9.15
N PRO E 95 16.40 29.07 -10.32
CA PRO E 95 15.66 30.27 -10.77
C PRO E 95 14.14 30.14 -10.92
N ASP E 96 13.63 28.93 -11.14
CA ASP E 96 12.20 28.67 -11.23
C ASP E 96 11.47 28.53 -9.89
N LEU E 97 12.22 28.36 -8.80
CA LEU E 97 11.63 28.17 -7.47
C LEU E 97 11.09 29.49 -6.92
N HIS E 98 9.97 29.43 -6.20
CA HIS E 98 9.30 30.65 -5.70
C HIS E 98 10.17 31.38 -4.68
N GLU E 99 10.82 30.61 -3.82
CA GLU E 99 11.86 31.12 -2.93
C GLU E 99 12.92 30.05 -2.72
N LEU E 100 14.06 30.47 -2.20
CA LEU E 100 15.18 29.56 -1.94
C LEU E 100 15.52 29.39 -0.49
N TRP E 101 15.32 30.43 0.31
CA TRP E 101 15.86 30.50 1.64
C TRP E 101 14.76 30.50 2.71
N PRO E 102 15.11 30.10 3.95
CA PRO E 102 14.20 30.37 5.08
C PRO E 102 13.88 31.86 5.19
N GLY E 103 12.91 32.18 6.05
CA GLY E 103 12.39 33.54 6.17
C GLY E 103 11.96 33.84 7.60
N GLY E 104 10.85 34.56 7.73
CA GLY E 104 10.38 35.00 9.04
C GLY E 104 11.32 36.03 9.62
N SER E 105 11.46 36.03 10.94
CA SER E 105 12.41 36.88 11.63
C SER E 105 13.73 36.12 11.70
N ARG E 106 14.53 36.26 10.64
CA ARG E 106 15.60 35.32 10.32
C ARG E 106 16.98 35.82 10.72
N VAL E 107 17.62 35.11 11.65
CA VAL E 107 19.00 35.37 12.01
C VAL E 107 19.89 34.38 11.27
N ILE E 108 20.68 34.89 10.33
CA ILE E 108 21.64 34.09 9.57
C ILE E 108 22.97 34.07 10.33
N VAL E 109 23.42 32.88 10.71
CA VAL E 109 24.58 32.73 11.55
C VAL E 109 25.82 32.68 10.65
N ASP E 110 26.46 33.85 10.46
CA ASP E 110 27.71 33.96 9.68
C ASP E 110 28.88 34.04 10.66
N LEU E 111 29.01 33.03 11.51
CA LEU E 111 30.17 32.89 12.39
C LEU E 111 31.08 31.77 11.86
N PRO E 112 32.40 31.87 12.13
CA PRO E 112 33.28 30.70 11.93
C PRO E 112 33.00 29.58 12.94
N ALA E 113 33.34 28.36 12.55
CA ALA E 113 33.14 27.15 13.36
C ALA E 113 33.90 27.18 14.70
N SER E 119 32.96 24.81 21.30
CA SER E 119 31.94 25.03 20.28
C SER E 119 30.96 26.15 20.62
N ALA E 120 30.93 26.59 21.88
CA ALA E 120 30.16 27.78 22.28
C ALA E 120 30.51 29.03 21.46
N ALA E 121 31.74 29.09 20.93
CA ALA E 121 32.19 30.19 20.09
C ALA E 121 31.48 30.30 18.74
N GLY E 122 30.91 29.20 18.25
CA GLY E 122 30.08 29.19 17.04
C GLY E 122 28.58 29.40 17.27
N ALA E 123 28.19 29.75 18.51
CA ALA E 123 26.79 29.98 18.85
C ALA E 123 26.37 31.40 18.50
N ALA E 124 25.24 31.55 17.80
CA ALA E 124 24.70 32.88 17.51
C ALA E 124 24.37 33.65 18.79
N PHE E 125 23.75 32.94 19.73
CA PHE E 125 23.39 33.48 21.05
C PHE E 125 24.02 32.63 22.14
N LEU E 126 24.86 33.27 22.95
CA LEU E 126 25.49 32.63 24.10
C LEU E 126 24.89 33.27 25.33
N VAL E 127 24.31 32.45 26.20
CA VAL E 127 23.84 32.91 27.51
C VAL E 127 24.85 32.41 28.54
N ALA E 128 25.43 33.36 29.28
CA ALA E 128 26.44 33.03 30.28
C ALA E 128 26.52 34.11 31.36
N ARG E 129 26.54 33.67 32.61
CA ARG E 129 26.76 34.54 33.77
C ARG E 129 27.06 33.63 34.96
N GLU E 130 28.15 33.92 35.66
CA GLU E 130 28.50 33.16 36.86
C GLU E 130 28.15 33.99 38.08
N GLY E 131 28.39 33.45 39.27
CA GLY E 131 27.92 34.07 40.50
C GLY E 131 26.45 33.78 40.74
N SER E 132 25.85 34.52 41.67
CA SER E 132 24.50 34.27 42.13
C SER E 132 23.63 35.50 41.94
N PRO E 133 22.30 35.35 41.83
CA PRO E 133 21.63 34.05 41.67
C PRO E 133 21.85 33.50 40.24
N ARG E 134 21.29 32.33 39.96
CA ARG E 134 21.32 31.82 38.58
C ARG E 134 20.61 32.83 37.68
N ILE E 135 21.17 33.03 36.49
CA ILE E 135 20.48 33.77 35.43
C ILE E 135 19.11 33.13 35.17
N SER E 136 18.07 33.94 35.13
CA SER E 136 16.70 33.44 35.19
C SER E 136 15.77 34.07 34.17
N SER E 137 14.84 33.27 33.67
CA SER E 137 13.69 33.72 32.91
C SER E 137 14.02 34.49 31.63
N VAL E 138 15.10 34.09 30.97
CA VAL E 138 15.38 34.50 29.60
C VAL E 138 14.41 33.76 28.69
N GLU E 139 13.90 34.44 27.67
CA GLU E 139 12.88 33.91 26.76
C GLU E 139 13.29 34.12 25.31
N PHE E 140 13.23 33.05 24.53
CA PHE E 140 13.39 33.12 23.08
C PHE E 140 12.06 32.71 22.45
N SER E 141 11.52 33.56 21.57
CA SER E 141 10.21 33.32 20.99
C SER E 141 10.05 33.72 19.52
N ASN E 142 9.55 32.77 18.74
CA ASN E 142 9.00 33.02 17.41
C ASN E 142 9.91 33.76 16.41
N PHE E 143 11.17 33.36 16.39
CA PHE E 143 12.06 33.78 15.33
C PHE E 143 12.85 32.59 14.78
N CYS E 144 13.64 32.86 13.75
CA CYS E 144 14.27 31.84 12.96
C CYS E 144 15.78 32.00 13.09
N ILE E 145 16.49 30.89 13.35
CA ILE E 145 17.96 30.89 13.36
C ILE E 145 18.44 29.88 12.29
N ASP E 146 19.21 30.39 11.32
CA ASP E 146 19.57 29.67 10.09
C ASP E 146 21.08 29.64 9.96
N GLY E 147 21.65 28.44 9.91
CA GLY E 147 23.09 28.29 9.70
C GLY E 147 23.50 28.28 8.23
N LEU E 148 22.52 28.42 7.34
CA LEU E 148 22.72 28.71 5.93
C LEU E 148 23.26 27.57 5.04
N HIS E 149 24.44 27.05 5.37
CA HIS E 149 25.07 25.96 4.63
C HIS E 149 25.64 24.92 5.58
N PHE E 150 25.61 23.66 5.15
CA PHE E 150 26.49 22.63 5.69
C PHE E 150 27.71 22.51 4.78
N THR E 151 28.83 22.08 5.36
CA THR E 151 30.15 22.09 4.69
C THR E 151 30.77 20.70 4.57
N ALA E 152 31.72 20.58 3.62
CA ALA E 152 32.44 19.32 3.38
C ALA E 152 33.14 18.88 4.66
N ASP E 153 32.96 17.61 5.03
CA ASP E 153 33.52 17.07 6.29
C ASP E 153 34.43 15.83 6.10
N GLY E 154 34.75 15.50 4.85
CA GLY E 154 35.55 14.32 4.54
C GLY E 154 34.79 13.00 4.51
N SER E 155 33.46 13.02 4.69
CA SER E 155 32.64 11.80 4.62
C SER E 155 32.26 11.43 3.18
N GLY E 156 32.56 12.28 2.20
CA GLY E 156 32.28 11.99 0.79
C GLY E 156 30.86 12.31 0.32
N ARG E 157 29.93 12.48 1.26
CA ARG E 157 28.58 12.98 0.97
C ARG E 157 28.68 14.40 0.42
N HIS E 158 27.68 14.83 -0.34
CA HIS E 158 27.67 16.19 -0.88
C HIS E 158 27.72 17.17 0.32
N PRO E 159 28.47 18.29 0.19
CA PRO E 159 28.65 19.25 1.31
C PRO E 159 27.37 19.64 2.06
N GLU E 160 26.30 19.96 1.33
CA GLU E 160 25.04 20.39 1.97
C GLU E 160 24.29 19.28 2.70
N ASN E 161 24.76 18.03 2.60
CA ASN E 161 24.16 16.88 3.29
C ASN E 161 24.99 16.35 4.46
N THR E 162 26.04 17.06 4.85
CA THR E 162 26.93 16.57 5.93
C THR E 162 26.40 16.82 7.33
N TYR E 163 25.49 17.79 7.49
CA TYR E 163 25.07 18.28 8.81
C TYR E 163 26.19 18.90 9.66
N ALA E 164 27.25 19.39 9.00
CA ALA E 164 28.41 19.94 9.68
C ALA E 164 28.77 21.36 9.24
N ASN E 165 28.70 22.28 10.18
CA ASN E 165 29.22 23.65 10.01
C ASN E 165 29.77 24.37 11.23
N GLY E 166 29.79 23.72 12.40
CA GLY E 166 30.33 24.30 13.64
C GLY E 166 29.46 25.36 14.29
N LYS E 167 28.23 25.52 13.81
CA LYS E 167 27.33 26.60 14.26
C LYS E 167 26.30 26.09 15.24
N THR E 168 26.03 26.91 16.26
CA THR E 168 24.98 26.67 17.23
C THR E 168 23.99 27.84 17.17
N GLY E 169 22.69 27.55 17.32
CA GLY E 169 21.68 28.60 17.40
C GLY E 169 21.76 29.32 18.73
N ILE E 170 21.41 28.60 19.79
CA ILE E 170 21.41 29.10 21.15
C ILE E 170 22.19 28.13 22.04
N HIS E 171 23.20 28.66 22.72
CA HIS E 171 24.02 27.90 23.65
C HIS E 171 23.96 28.57 25.01
N VAL E 172 23.42 27.86 26.01
CA VAL E 172 23.35 28.36 27.39
C VAL E 172 24.43 27.62 28.20
N ALA E 173 25.43 28.37 28.64
CA ALA E 173 26.64 27.81 29.25
C ALA E 173 26.55 27.68 30.77
N SER E 174 25.77 28.55 31.39
CA SER E 174 25.72 28.72 32.83
C SER E 174 24.44 28.15 33.42
N ALA E 175 24.47 27.93 34.72
CA ALA E 175 23.30 27.45 35.45
C ALA E 175 22.16 28.44 35.29
N ASN E 176 20.97 27.91 34.98
CA ASN E 176 19.84 28.73 34.62
C ASN E 176 18.55 28.20 35.21
N ASP E 177 17.60 29.11 35.42
CA ASP E 177 16.33 28.81 36.02
C ASP E 177 15.19 29.47 35.23
N SER E 178 14.12 28.72 35.01
CA SER E 178 12.87 29.24 34.41
C SER E 178 13.04 29.82 32.98
N PHE E 179 14.01 29.33 32.23
CA PHE E 179 14.21 29.73 30.82
C PHE E 179 13.09 29.17 29.97
N ARG E 180 12.83 29.85 28.86
CA ARG E 180 11.83 29.40 27.88
C ARG E 180 12.36 29.55 26.47
N VAL E 181 12.17 28.51 25.65
CA VAL E 181 12.38 28.58 24.21
C VAL E 181 11.06 28.12 23.59
N THR E 182 10.36 29.04 22.90
CA THR E 182 9.01 28.77 22.38
C THR E 182 8.86 29.24 20.94
N ASP E 183 8.08 28.51 20.15
CA ASP E 183 7.68 28.94 18.80
C ASP E 183 8.84 29.25 17.84
N MET E 184 10.04 28.77 18.12
CA MET E 184 11.20 29.08 17.31
C MET E 184 11.21 28.22 16.06
N GLY E 185 11.97 28.70 15.08
CA GLY E 185 12.44 27.88 13.95
C GLY E 185 13.95 27.79 13.99
N PHE E 186 14.48 26.56 13.88
CA PHE E 186 15.92 26.36 13.72
C PHE E 186 16.14 25.52 12.46
N VAL E 187 17.12 25.92 11.63
CA VAL E 187 17.40 25.23 10.38
C VAL E 187 18.90 25.29 10.03
N TYR E 188 19.43 24.18 9.54
CA TYR E 188 20.81 24.14 9.03
C TYR E 188 21.90 24.59 10.01
N LEU E 189 21.72 24.19 11.26
CA LEU E 189 22.71 24.42 12.31
C LEU E 189 23.28 23.08 12.73
N GLU E 190 24.58 22.99 12.97
CA GLU E 190 25.15 21.74 13.47
C GLU E 190 24.53 21.39 14.83
N ASN E 191 24.32 22.39 15.67
CA ASN E 191 23.59 22.25 16.93
C ASN E 191 22.54 23.37 17.07
N ALA E 192 21.27 23.01 17.17
CA ALA E 192 20.22 24.03 17.26
C ALA E 192 20.24 24.69 18.64
N LEU E 193 20.19 23.88 19.67
CA LEU E 193 19.89 24.35 21.02
C LEU E 193 20.57 23.49 22.05
N THR E 194 21.55 24.07 22.75
CA THR E 194 22.33 23.38 23.78
C THR E 194 22.23 24.16 25.08
N ILE E 195 21.64 23.55 26.11
CA ILE E 195 21.43 24.23 27.38
C ILE E 195 22.10 23.43 28.49
N HIS E 196 23.08 24.04 29.15
CA HIS E 196 23.76 23.43 30.30
C HIS E 196 23.08 23.81 31.61
N LYS E 197 23.01 22.84 32.53
CA LYS E 197 22.63 23.09 33.93
C LYS E 197 21.26 23.78 34.13
N ALA E 198 20.26 23.25 33.42
CA ALA E 198 18.91 23.85 33.42
C ALA E 198 18.01 23.37 34.55
N ASP E 199 17.41 24.31 35.28
CA ASP E 199 16.35 24.01 36.24
C ASP E 199 15.07 24.65 35.75
N ALA E 200 13.97 23.90 35.84
CA ALA E 200 12.66 24.41 35.49
C ALA E 200 12.62 25.11 34.12
N LEU E 201 13.31 24.52 33.15
CA LEU E 201 13.33 24.97 31.75
C LEU E 201 12.09 24.46 31.00
N SER E 202 11.56 25.27 30.07
CA SER E 202 10.53 24.81 29.12
C SER E 202 10.97 25.05 27.67
N ILE E 203 11.07 23.98 26.89
CA ILE E 203 11.29 24.04 25.44
C ILE E 203 9.97 23.57 24.83
N HIS E 204 9.19 24.52 24.32
CA HIS E 204 7.79 24.29 24.00
C HIS E 204 7.43 24.77 22.60
N HIS E 205 6.80 23.90 21.81
CA HIS E 205 6.19 24.30 20.54
C HIS E 205 7.17 24.94 19.52
N ASN E 206 8.37 24.37 19.39
CA ASN E 206 9.35 24.84 18.42
C ASN E 206 9.38 23.92 17.20
N PHE E 207 9.95 24.43 16.12
CA PHE E 207 10.22 23.66 14.92
C PHE E 207 11.72 23.59 14.77
N ILE E 208 12.30 22.44 15.04
CA ILE E 208 13.75 22.27 15.10
C ILE E 208 14.14 21.15 14.14
N ALA E 209 14.48 21.51 12.90
CA ALA E 209 14.69 20.52 11.85
C ALA E 209 15.91 20.81 10.96
N GLU E 210 16.40 19.76 10.32
CA GLU E 210 17.56 19.84 9.44
C GLU E 210 18.75 20.49 10.17
N CYS E 211 18.95 20.03 11.40
CA CYS E 211 20.08 20.42 12.21
C CYS E 211 20.81 19.13 12.60
N GLY E 212 22.14 19.21 12.74
CA GLY E 212 22.94 18.02 13.08
C GLY E 212 22.45 17.37 14.34
N SER E 213 22.37 18.17 15.39
CA SER E 213 21.67 17.82 16.62
C SER E 213 20.67 18.93 16.94
N CYS E 214 19.56 18.56 17.56
CA CYS E 214 18.51 19.54 17.85
C CYS E 214 18.59 20.02 19.30
N ILE E 215 18.04 19.26 20.25
CA ILE E 215 17.99 19.67 21.66
C ILE E 215 18.98 18.86 22.49
N GLU E 216 19.93 19.55 23.14
CA GLU E 216 20.84 18.90 24.08
C GLU E 216 20.80 19.60 25.43
N LEU E 217 20.47 18.85 26.47
CA LEU E 217 20.51 19.34 27.84
C LEU E 217 21.72 18.69 28.52
N ARG E 218 22.76 19.48 28.76
CA ARG E 218 24.05 18.98 29.19
C ARG E 218 24.37 19.34 30.64
N GLY E 219 25.43 18.72 31.15
CA GLY E 219 25.88 18.93 32.52
C GLY E 219 24.97 18.21 33.50
N TRP E 220 23.87 18.86 33.84
CA TRP E 220 22.85 18.31 34.70
C TRP E 220 21.60 19.19 34.62
N GLY E 221 20.56 18.84 35.38
CA GLY E 221 19.40 19.70 35.52
C GLY E 221 18.23 19.04 36.22
N GLN E 222 17.18 19.82 36.48
CA GLN E 222 16.03 19.37 37.26
C GLN E 222 14.72 20.02 36.79
N ALA E 223 13.62 19.28 36.92
CA ALA E 223 12.26 19.78 36.76
C ALA E 223 11.98 20.51 35.43
N SER E 224 12.61 20.06 34.35
CA SER E 224 12.49 20.71 33.04
C SER E 224 11.47 19.97 32.16
N LYS E 225 11.11 20.58 31.03
CA LYS E 225 10.18 19.93 30.12
C LYS E 225 10.38 20.31 28.68
N ILE E 226 10.22 19.31 27.81
CA ILE E 226 10.40 19.42 26.39
C ILE E 226 9.06 18.93 25.82
N THR E 227 8.25 19.86 25.32
CA THR E 227 6.87 19.55 24.98
C THR E 227 6.44 20.17 23.66
N ASP E 228 5.65 19.42 22.92
CA ASP E 228 4.99 19.94 21.71
C ASP E 228 5.93 20.44 20.61
N ASN E 229 7.11 19.85 20.49
CA ASN E 229 8.06 20.24 19.47
C ASN E 229 7.96 19.36 18.23
N LEU E 230 8.30 19.94 17.07
CA LEU E 230 8.56 19.20 15.85
C LEU E 230 10.07 19.18 15.68
N VAL E 231 10.65 17.98 15.60
CA VAL E 231 12.10 17.80 15.72
C VAL E 231 12.64 16.80 14.71
N GLY E 232 13.67 17.19 13.98
CA GLY E 232 14.35 16.32 13.00
C GLY E 232 15.84 16.62 12.96
N ALA E 233 16.65 15.64 13.34
CA ALA E 233 18.10 15.83 13.41
C ALA E 233 18.85 15.16 12.24
N GLY E 234 20.17 15.01 12.36
CA GLY E 234 21.01 14.38 11.33
C GLY E 234 21.60 13.08 11.86
N PRO E 235 22.11 12.23 10.96
CA PRO E 235 22.43 10.83 11.31
C PRO E 235 23.56 10.62 12.30
N ARG E 236 24.40 11.63 12.51
CA ARG E 236 25.44 11.56 13.56
C ARG E 236 25.06 12.31 14.84
N GLY E 237 23.82 12.81 14.94
CA GLY E 237 23.42 13.65 16.07
C GLY E 237 22.17 13.26 16.83
N HIS E 238 21.83 14.10 17.80
CA HIS E 238 20.73 13.87 18.72
C HIS E 238 19.49 14.66 18.30
N SER E 239 18.32 14.07 18.51
CA SER E 239 17.06 14.78 18.34
C SER E 239 16.75 15.47 19.66
N ILE E 240 16.55 14.66 20.70
CA ILE E 240 16.44 15.13 22.08
C ILE E 240 17.50 14.37 22.89
N TYR E 241 18.41 15.11 23.52
CA TYR E 241 19.47 14.52 24.35
C TYR E 241 19.44 15.16 25.73
N ALA E 242 19.64 14.37 26.77
CA ALA E 242 19.75 14.89 28.13
C ALA E 242 20.74 14.05 28.92
N GLU E 243 21.46 14.69 29.84
CA GLU E 243 22.38 13.98 30.73
C GLU E 243 22.26 14.51 32.16
N ASN E 244 22.32 13.59 33.12
CA ASN E 244 22.29 13.90 34.56
C ASN E 244 21.12 14.81 34.94
N HIS E 245 19.96 14.56 34.32
CA HIS E 245 18.73 15.28 34.60
C HIS E 245 17.82 14.44 35.47
N GLY E 246 17.15 15.09 36.42
CA GLY E 246 16.08 14.49 37.21
C GLY E 246 14.76 15.20 36.93
N GLY E 247 13.65 14.46 36.96
CA GLY E 247 12.32 15.05 36.80
C GLY E 247 12.08 15.77 35.48
N LEU E 248 12.70 15.29 34.40
CA LEU E 248 12.47 15.81 33.05
C LEU E 248 11.17 15.22 32.48
N LEU E 249 10.37 16.05 31.82
CA LEU E 249 9.14 15.58 31.15
C LEU E 249 9.29 15.82 29.65
N VAL E 250 9.32 14.74 28.88
CA VAL E 250 9.42 14.79 27.43
C VAL E 250 8.10 14.25 26.87
N THR E 251 7.23 15.12 26.38
CA THR E 251 5.90 14.70 25.96
C THR E 251 5.33 15.50 24.80
N ALA E 252 4.42 14.86 24.06
CA ALA E 252 3.74 15.52 22.94
C ALA E 252 4.66 16.06 21.81
N ASN E 253 5.85 15.47 21.66
CA ASN E 253 6.75 15.81 20.58
C ASN E 253 6.51 14.90 19.39
N ASN E 254 6.65 15.46 18.19
CA ASN E 254 6.65 14.71 16.94
C ASN E 254 8.07 14.76 16.39
N VAL E 255 8.79 13.65 16.59
CA VAL E 255 10.18 13.55 16.22
C VAL E 255 10.26 12.69 14.97
N PHE E 256 10.80 13.29 13.91
CA PHE E 256 10.89 12.62 12.61
C PHE E 256 12.38 12.43 12.30
N PRO E 257 12.72 11.73 11.20
CA PRO E 257 14.14 11.53 10.87
C PRO E 257 14.93 12.83 10.60
N ARG E 258 16.26 12.82 10.64
CA ARG E 258 17.07 11.59 10.63
C ARG E 258 18.19 11.60 11.66
N GLY E 259 17.82 11.91 12.90
CA GLY E 259 18.72 11.76 14.04
C GLY E 259 19.26 10.35 14.22
N ALA E 260 20.42 10.25 14.89
CA ALA E 260 20.96 8.94 15.29
C ALA E 260 20.02 8.25 16.28
N SER E 261 19.36 9.07 17.10
CA SER E 261 18.30 8.64 17.99
C SER E 261 17.21 9.72 18.05
N SER E 262 16.10 9.35 18.68
CA SER E 262 14.96 10.24 18.90
C SER E 262 15.06 10.85 20.30
N VAL E 263 15.34 10.01 21.29
CA VAL E 263 15.54 10.44 22.68
C VAL E 263 16.73 9.66 23.25
N HIS E 264 17.76 10.37 23.73
CA HIS E 264 18.99 9.75 24.24
C HIS E 264 19.25 10.29 25.64
N PHE E 265 19.15 9.43 26.64
CA PHE E 265 19.44 9.77 28.03
C PHE E 265 20.77 9.15 28.50
N LYS E 266 21.54 9.94 29.27
CA LYS E 266 22.71 9.43 30.00
C LYS E 266 22.60 9.88 31.44
N GLY E 267 22.47 8.93 32.35
CA GLY E 267 22.31 9.25 33.78
C GLY E 267 21.05 10.03 34.13
N VAL E 268 20.00 9.85 33.33
CA VAL E 268 18.74 10.56 33.57
C VAL E 268 17.90 9.69 34.48
N THR E 269 17.38 10.29 35.54
CA THR E 269 16.59 9.55 36.52
C THR E 269 15.25 10.22 36.76
N ARG E 270 14.28 9.41 37.20
CA ARG E 270 13.00 9.91 37.72
C ARG E 270 12.30 10.88 36.77
N SER E 271 12.33 10.54 35.49
CA SER E 271 11.84 11.37 34.38
C SER E 271 10.82 10.59 33.55
N SER E 272 10.15 11.29 32.65
CA SER E 272 9.04 10.70 31.88
C SER E 272 9.23 11.04 30.42
N VAL E 273 9.28 10.01 29.57
CA VAL E 273 9.26 10.14 28.12
C VAL E 273 7.94 9.49 27.69
N THR E 274 6.91 10.30 27.53
CA THR E 274 5.56 9.79 27.41
C THR E 274 4.79 10.53 26.31
N ASN E 275 4.03 9.79 25.53
CA ASN E 275 3.11 10.37 24.56
C ASN E 275 3.82 11.22 23.48
N ASN E 276 4.88 10.65 22.91
CA ASN E 276 5.56 11.23 21.77
C ASN E 276 5.30 10.36 20.56
N ARG E 277 5.40 10.97 19.39
CA ARG E 277 5.45 10.23 18.13
C ARG E 277 6.88 10.27 17.64
N LEU E 278 7.50 9.10 17.50
CA LEU E 278 8.92 8.99 17.15
C LEU E 278 9.06 8.17 15.88
N HIS E 279 9.73 8.73 14.88
CA HIS E 279 9.97 8.07 13.59
C HIS E 279 11.47 8.15 13.27
N ALA E 280 12.08 6.98 13.06
CA ALA E 280 13.50 6.86 12.78
C ALA E 280 13.75 5.96 11.57
N PHE E 281 14.85 6.22 10.85
CA PHE E 281 15.32 5.32 9.79
C PHE E 281 16.33 4.29 10.31
N TYR E 282 16.68 4.35 11.59
CA TYR E 282 17.74 3.51 12.15
C TYR E 282 17.34 2.97 13.52
N PRO E 283 18.00 1.87 13.96
CA PRO E 283 17.84 1.40 15.33
C PRO E 283 18.36 2.39 16.39
N GLY E 284 18.06 2.08 17.65
CA GLY E 284 18.48 2.89 18.78
C GLY E 284 17.72 4.19 18.86
N MET E 285 16.40 4.10 18.81
CA MET E 285 15.52 5.28 18.80
C MET E 285 15.48 5.96 20.16
N VAL E 286 15.29 5.15 21.20
CA VAL E 286 15.28 5.67 22.56
C VAL E 286 16.34 4.91 23.34
N ARG E 287 17.35 5.63 23.81
CA ARG E 287 18.49 5.04 24.49
C ARG E 287 18.53 5.55 25.92
N LEU E 288 18.29 4.66 26.88
CA LEU E 288 18.48 4.95 28.30
C LEU E 288 19.83 4.33 28.67
N GLU E 289 20.83 5.18 28.93
CA GLU E 289 22.21 4.73 29.14
C GLU E 289 22.81 5.23 30.45
N GLU E 290 23.92 4.59 30.83
CA GLU E 290 24.76 5.01 31.95
C GLU E 290 23.95 5.29 33.20
N ASN E 291 23.28 4.25 33.68
CA ASN E 291 22.44 4.28 34.86
C ASN E 291 21.27 5.26 34.74
N SER E 292 20.56 5.19 33.62
CA SER E 292 19.28 5.91 33.49
C SER E 292 18.20 5.07 34.15
N SER E 293 17.69 5.54 35.29
CA SER E 293 16.89 4.74 36.20
C SER E 293 15.61 5.43 36.64
N GLU E 294 14.63 4.64 37.03
CA GLU E 294 13.32 5.10 37.53
C GLU E 294 12.56 6.02 36.56
N ASN E 295 12.73 5.78 35.27
CA ASN E 295 12.07 6.58 34.23
C ASN E 295 10.80 5.88 33.74
N LEU E 296 9.79 6.67 33.40
CA LEU E 296 8.57 6.17 32.74
C LEU E 296 8.68 6.39 31.24
N VAL E 297 8.60 5.32 30.45
CA VAL E 297 8.57 5.37 28.99
C VAL E 297 7.23 4.77 28.57
N ALA E 298 6.25 5.64 28.28
CA ALA E 298 4.84 5.24 28.20
C ALA E 298 4.06 5.85 27.03
N THR E 299 3.19 5.04 26.44
CA THR E 299 2.29 5.47 25.37
C THR E 299 2.93 6.30 24.26
N ASN E 300 4.15 5.92 23.89
CA ASN E 300 4.83 6.50 22.75
C ASN E 300 4.50 5.65 21.53
N HIS E 301 4.55 6.28 20.35
CA HIS E 301 4.45 5.58 19.08
C HIS E 301 5.82 5.59 18.42
N PHE E 302 6.42 4.40 18.31
CA PHE E 302 7.71 4.22 17.63
C PHE E 302 7.42 3.67 16.22
N LEU E 303 8.00 4.30 15.21
CA LEU E 303 8.10 3.73 13.86
C LEU E 303 9.56 3.72 13.47
N ARG E 304 10.06 2.54 13.13
CA ARG E 304 11.38 2.39 12.53
C ARG E 304 11.18 1.77 11.15
N ASP E 305 11.57 2.49 10.11
CA ASP E 305 11.54 1.99 8.73
C ASP E 305 12.83 2.37 7.97
N HIS E 306 12.86 2.24 6.64
CA HIS E 306 14.07 2.55 5.86
C HIS E 306 13.96 3.90 5.17
N GLU E 307 15.08 4.63 5.13
CA GLU E 307 15.19 5.90 4.39
C GLU E 307 14.72 5.72 2.93
N PRO E 308 13.65 6.44 2.52
CA PRO E 308 13.14 6.33 1.14
C PRO E 308 13.75 7.33 0.15
N TRP E 309 14.44 8.35 0.64
CA TRP E 309 14.88 9.49 -0.18
C TRP E 309 16.33 9.30 -0.65
N THR E 310 16.52 9.40 -1.98
CA THR E 310 17.75 8.97 -2.68
C THR E 310 19.07 9.56 -2.14
N PRO E 311 19.16 10.89 -1.94
CA PRO E 311 20.41 11.50 -1.41
C PRO E 311 20.94 10.90 -0.09
N PHE E 312 20.05 10.39 0.77
CA PHE E 312 20.45 9.77 2.05
C PHE E 312 20.31 8.24 2.07
N PHE E 313 19.94 7.64 0.93
CA PHE E 313 19.92 6.18 0.79
C PHE E 313 21.37 5.69 0.85
N GLY E 314 21.66 4.84 1.83
CA GLY E 314 23.03 4.42 2.13
C GLY E 314 23.55 4.97 3.45
N VAL E 315 23.05 6.13 3.87
CA VAL E 315 23.48 6.77 5.12
C VAL E 315 22.79 6.11 6.31
N ASP E 316 23.53 5.85 7.38
CA ASP E 316 22.95 5.34 8.63
C ASP E 316 23.71 5.80 9.88
N ASN E 317 23.19 5.43 11.04
CA ASN E 317 23.78 5.79 12.34
C ASN E 317 24.78 4.75 12.89
N GLY E 318 25.20 3.81 12.03
CA GLY E 318 26.21 2.82 12.38
C GLY E 318 25.79 1.73 13.34
N LEU E 319 24.51 1.66 13.69
CA LEU E 319 24.01 0.67 14.65
C LEU E 319 23.18 -0.40 13.94
N ASP E 320 23.35 -1.65 14.37
CA ASP E 320 22.70 -2.79 13.73
C ASP E 320 21.34 -3.10 14.38
N ASP E 321 20.62 -4.05 13.78
CA ASP E 321 19.24 -4.36 14.19
C ASP E 321 19.11 -5.13 15.51
N LEU E 322 20.24 -5.56 16.08
CA LEU E 322 20.25 -6.16 17.42
C LEU E 322 20.29 -5.11 18.54
N THR E 323 20.50 -3.84 18.20
CA THR E 323 20.54 -2.77 19.22
C THR E 323 19.25 -2.63 20.02
N GLY E 324 18.11 -2.67 19.33
CA GLY E 324 16.82 -2.35 19.92
C GLY E 324 16.34 -1.00 19.41
N LEU E 325 15.02 -0.84 19.32
CA LEU E 325 14.42 0.48 19.11
C LEU E 325 14.44 1.23 20.43
N LEU E 326 14.13 0.51 21.51
CA LEU E 326 14.26 1.00 22.87
C LEU E 326 15.35 0.17 23.57
N SER E 327 16.37 0.86 24.10
CA SER E 327 17.52 0.22 24.74
C SER E 327 17.70 0.81 26.14
N ILE E 328 17.75 -0.05 27.16
CA ILE E 328 17.78 0.37 28.56
C ILE E 328 19.02 -0.20 29.27
N SER E 329 19.81 0.70 29.86
CA SER E 329 20.92 0.37 30.74
C SER E 329 20.71 1.16 32.02
N GLY E 330 20.02 0.53 32.97
CA GLY E 330 19.65 1.17 34.24
C GLY E 330 18.58 0.43 35.02
N ASN E 331 18.28 0.92 36.22
CA ASN E 331 17.41 0.21 37.17
C ASN E 331 15.99 0.80 37.27
N ASN E 332 15.02 -0.08 37.53
CA ASN E 332 13.69 0.30 38.01
C ASN E 332 12.89 1.23 37.08
N ASN E 333 13.12 1.11 35.77
CA ASN E 333 12.36 1.87 34.78
C ASN E 333 11.00 1.21 34.54
N SER E 334 10.07 1.97 33.97
CA SER E 334 8.71 1.51 33.66
C SER E 334 8.42 1.75 32.16
N VAL E 335 8.17 0.69 31.41
CA VAL E 335 7.94 0.76 29.98
C VAL E 335 6.53 0.22 29.73
N ILE E 336 5.56 1.12 29.56
CA ILE E 336 4.14 0.78 29.60
C ILE E 336 3.38 1.36 28.41
N GLY E 337 2.56 0.55 27.74
CA GLY E 337 1.58 1.05 26.77
C GLY E 337 2.11 1.65 25.47
N ASN E 338 3.32 1.29 25.08
CA ASN E 338 3.93 1.78 23.83
C ASN E 338 3.54 0.91 22.64
N HIS E 339 3.55 1.53 21.46
CA HIS E 339 3.36 0.84 20.19
C HIS E 339 4.67 0.88 19.43
N PHE E 340 5.12 -0.28 18.95
CA PHE E 340 6.30 -0.34 18.10
C PHE E 340 5.92 -0.88 16.74
N SER E 341 6.20 -0.11 15.69
CA SER E 341 6.12 -0.58 14.31
C SER E 341 7.53 -0.73 13.76
N GLU E 342 7.93 -1.98 13.51
CA GLU E 342 9.21 -2.31 12.88
C GLU E 342 8.91 -2.68 11.42
N VAL E 343 9.34 -1.83 10.48
CA VAL E 343 9.01 -1.97 9.06
C VAL E 343 10.29 -1.95 8.23
N VAL E 344 10.87 -3.14 7.99
CA VAL E 344 12.17 -3.25 7.31
C VAL E 344 12.18 -4.37 6.27
N ASP E 345 13.09 -4.25 5.31
CA ASP E 345 13.34 -5.30 4.32
C ASP E 345 14.25 -6.35 4.97
N ALA E 346 13.81 -7.61 4.97
CA ALA E 346 14.57 -8.70 5.61
C ALA E 346 15.98 -8.87 5.03
N ASN E 347 16.15 -8.54 3.75
CA ASN E 347 17.44 -8.66 3.07
C ASN E 347 18.49 -7.66 3.57
N GLU E 348 18.05 -6.47 3.99
CA GLU E 348 18.97 -5.44 4.50
C GLU E 348 19.02 -5.33 6.03
N ILE E 349 18.53 -6.36 6.74
CA ILE E 349 18.76 -6.49 8.17
C ILE E 349 20.25 -6.77 8.41
N ARG E 350 20.80 -6.19 9.48
CA ARG E 350 22.22 -6.36 9.86
C ARG E 350 22.32 -6.77 11.34
N PRO E 351 23.20 -7.71 11.71
CA PRO E 351 23.94 -8.58 10.77
C PRO E 351 23.00 -9.53 10.02
N GLU E 352 23.44 -10.07 8.89
CA GLU E 352 22.57 -10.90 8.04
C GLU E 352 22.05 -12.12 8.79
N GLY E 353 20.76 -12.42 8.58
CA GLY E 353 20.10 -13.52 9.28
C GLY E 353 19.79 -13.26 10.75
N ALA E 354 19.96 -12.02 11.22
CA ALA E 354 19.62 -11.69 12.60
C ALA E 354 18.12 -11.52 12.74
N THR E 355 17.63 -11.74 13.95
CA THR E 355 16.25 -11.46 14.32
C THR E 355 16.26 -10.09 15.01
N PRO E 356 15.63 -9.06 14.40
CA PRO E 356 15.63 -7.72 15.01
C PRO E 356 15.10 -7.69 16.45
N VAL E 357 15.70 -6.82 17.28
CA VAL E 357 15.30 -6.61 18.66
C VAL E 357 14.54 -5.27 18.74
N ILE E 358 13.44 -5.27 19.51
CA ILE E 358 12.62 -4.06 19.70
C ILE E 358 12.98 -3.39 21.05
N ILE E 359 12.82 -4.13 22.13
CA ILE E 359 13.18 -3.64 23.46
C ILE E 359 14.35 -4.48 23.98
N ARG E 360 15.47 -3.84 24.29
CA ARG E 360 16.62 -4.52 24.89
C ARG E 360 16.95 -3.93 26.25
N LEU E 361 17.03 -4.80 27.26
CA LEU E 361 17.56 -4.45 28.57
C LEU E 361 18.99 -5.00 28.65
N THR E 362 19.99 -4.13 28.50
CA THR E 362 21.40 -4.53 28.46
C THR E 362 22.03 -4.69 29.84
N ALA E 363 21.51 -3.96 30.81
CA ALA E 363 22.02 -3.99 32.18
C ALA E 363 21.00 -3.35 33.10
N GLY E 364 21.17 -3.62 34.40
CA GLY E 364 20.31 -3.05 35.45
C GLY E 364 19.22 -4.01 35.87
N THR E 365 18.52 -3.68 36.96
CA THR E 365 17.50 -4.57 37.53
C THR E 365 16.17 -3.87 37.83
N GLY E 366 15.12 -4.67 38.00
CA GLY E 366 13.81 -4.17 38.41
C GLY E 366 13.01 -3.41 37.36
N ASN E 367 13.35 -3.57 36.08
CA ASN E 367 12.61 -2.88 35.01
C ASN E 367 11.25 -3.55 34.76
N PHE E 368 10.19 -2.74 34.75
CA PHE E 368 8.81 -3.20 34.58
C PHE E 368 8.39 -2.87 33.16
N VAL E 369 8.29 -3.90 32.32
CA VAL E 369 7.92 -3.77 30.90
C VAL E 369 6.54 -4.41 30.71
N SER E 370 5.50 -3.59 30.54
CA SER E 370 4.13 -4.11 30.42
C SER E 370 3.33 -3.54 29.25
N THR E 371 2.53 -4.40 28.61
CA THR E 371 1.43 -3.95 27.73
C THR E 371 1.95 -3.11 26.56
N ASN E 372 2.92 -3.67 25.84
CA ASN E 372 3.48 -3.03 24.67
C ASN E 372 3.07 -3.85 23.47
N HIS E 373 2.69 -3.17 22.39
CA HIS E 373 2.29 -3.86 21.18
C HIS E 373 3.39 -3.72 20.16
N VAL E 374 3.90 -4.85 19.69
CA VAL E 374 4.94 -4.89 18.67
C VAL E 374 4.35 -5.39 17.37
N VAL E 375 4.61 -4.65 16.30
CA VAL E 375 4.15 -4.97 14.94
C VAL E 375 5.37 -4.95 14.02
N ALA E 376 5.69 -6.11 13.45
CA ALA E 376 6.88 -6.27 12.64
C ALA E 376 6.50 -6.70 11.21
N MET E 377 7.12 -6.06 10.22
CA MET E 377 6.80 -6.29 8.81
C MET E 377 8.04 -6.42 7.98
N ASP E 378 8.01 -7.41 7.09
CA ASP E 378 8.98 -7.56 6.03
C ASP E 378 8.39 -6.85 4.80
N VAL E 379 8.95 -5.68 4.47
CA VAL E 379 8.51 -4.94 3.27
C VAL E 379 9.48 -5.18 2.11
N ASP E 380 9.07 -4.78 0.91
CA ASP E 380 9.94 -4.82 -0.27
C ASP E 380 10.32 -3.38 -0.64
N ALA E 381 11.43 -2.92 -0.06
CA ALA E 381 11.83 -1.48 -0.08
C ALA E 381 12.49 -1.00 -1.38
N ALA E 382 12.23 0.26 -1.76
CA ALA E 382 12.85 0.91 -2.94
C ALA E 382 13.12 2.42 -2.72
N SER E 383 14.24 2.90 -3.28
CA SER E 383 14.63 4.32 -3.21
C SER E 383 13.78 5.19 -4.15
N SER E 384 13.81 6.52 -3.95
CA SER E 384 13.00 7.46 -4.76
C SER E 384 13.46 8.93 -4.65
N ASP E 385 13.56 9.61 -5.80
CA ASP E 385 14.01 11.02 -5.88
C ASP E 385 12.96 12.03 -5.40
N SER E 386 11.69 11.82 -5.80
CA SER E 386 10.57 12.66 -5.34
C SER E 386 10.46 12.55 -3.82
N CYS E 387 10.79 13.64 -3.13
CA CYS E 387 10.97 13.58 -1.68
C CYS E 387 9.67 13.45 -0.88
N PHE E 388 8.89 14.54 -0.80
CA PHE E 388 7.81 14.62 0.20
C PHE E 388 6.63 13.69 -0.14
N GLU E 389 6.36 13.47 -1.42
CA GLU E 389 5.29 12.55 -1.83
C GLU E 389 5.64 11.08 -1.54
N ALA E 390 6.88 10.69 -1.85
CA ALA E 390 7.35 9.32 -1.54
C ALA E 390 7.55 9.08 -0.05
N GLN E 391 7.95 10.12 0.68
CA GLN E 391 7.98 10.12 2.15
C GLN E 391 6.60 9.76 2.71
N VAL E 392 5.56 10.44 2.21
CA VAL E 392 4.17 10.18 2.63
C VAL E 392 3.74 8.77 2.18
N ASP E 393 4.03 8.41 0.93
CA ASP E 393 3.68 7.09 0.40
C ASP E 393 4.27 5.95 1.26
N ALA E 394 5.52 6.10 1.69
CA ALA E 394 6.18 5.11 2.57
C ALA E 394 5.50 4.98 3.95
N LEU E 395 5.08 6.11 4.53
CA LEU E 395 4.33 6.08 5.79
C LEU E 395 2.96 5.39 5.66
N LEU E 396 2.30 5.56 4.51
CA LEU E 396 0.96 4.97 4.28
C LEU E 396 1.01 3.52 3.76
N ALA E 397 2.18 3.07 3.31
CA ALA E 397 2.32 1.73 2.72
C ALA E 397 2.33 0.65 3.80
N THR E 398 1.30 -0.22 3.78
CA THR E 398 1.12 -1.26 4.80
C THR E 398 1.10 -2.72 4.27
N GLU E 399 1.15 -2.91 2.95
CA GLU E 399 1.19 -4.28 2.39
C GLU E 399 2.55 -4.91 2.68
N ALA E 400 2.56 -6.05 3.36
CA ALA E 400 3.80 -6.72 3.77
C ALA E 400 3.57 -8.07 4.47
N ALA E 401 4.63 -8.87 4.55
CA ALA E 401 4.62 -10.17 5.24
C ALA E 401 5.10 -10.01 6.68
N ASP E 402 4.70 -10.95 7.55
CA ASP E 402 5.15 -10.95 8.94
C ASP E 402 6.67 -11.10 9.02
N LEU E 403 7.27 -10.45 10.02
CA LEU E 403 8.70 -10.51 10.25
C LEU E 403 8.88 -10.95 11.68
N ALA E 404 9.61 -12.05 11.88
CA ALA E 404 9.90 -12.53 13.22
C ALA E 404 10.85 -11.55 13.89
N VAL E 405 10.53 -11.16 15.11
CA VAL E 405 11.37 -10.26 15.89
C VAL E 405 11.42 -10.72 17.34
N THR E 406 12.47 -10.28 18.03
CA THR E 406 12.53 -10.39 19.47
C THR E 406 11.94 -9.10 20.02
N ALA E 407 10.76 -9.19 20.62
CA ALA E 407 10.08 -8.04 21.21
C ALA E 407 10.84 -7.51 22.42
N VAL E 408 11.27 -8.43 23.29
CA VAL E 408 12.09 -8.08 24.44
C VAL E 408 13.30 -9.03 24.51
N LEU E 409 14.51 -8.46 24.52
CA LEU E 409 15.75 -9.19 24.78
C LEU E 409 16.32 -8.76 26.11
N VAL E 410 16.38 -9.68 27.07
CA VAL E 410 17.02 -9.38 28.36
C VAL E 410 18.38 -10.03 28.39
N ASP E 411 19.43 -9.22 28.23
CA ASP E 411 20.80 -9.70 28.34
C ASP E 411 21.01 -10.31 29.74
N PRO E 412 21.93 -11.29 29.85
CA PRO E 412 22.20 -11.86 31.17
C PRO E 412 22.66 -10.81 32.22
N GLY E 413 23.34 -9.76 31.76
CA GLY E 413 23.72 -8.62 32.62
C GLY E 413 22.58 -7.86 33.27
N SER E 414 21.38 -7.95 32.71
CA SER E 414 20.16 -7.41 33.34
C SER E 414 19.32 -8.56 33.88
N ALA E 415 18.75 -8.38 35.07
CA ALA E 415 18.02 -9.44 35.76
C ALA E 415 16.98 -8.85 36.69
N ARG E 416 16.14 -9.72 37.26
CA ARG E 416 15.04 -9.34 38.17
C ARG E 416 14.07 -8.33 37.54
N ASN E 417 13.81 -8.52 36.25
CA ASN E 417 12.89 -7.69 35.48
C ASN E 417 11.51 -8.36 35.42
N THR E 418 10.47 -7.55 35.27
CA THR E 418 9.10 -8.01 35.06
C THR E 418 8.66 -7.67 33.64
N ILE E 419 8.29 -8.68 32.86
CA ILE E 419 7.93 -8.50 31.45
C ILE E 419 6.57 -9.12 31.19
N LEU E 420 5.57 -8.25 30.99
CA LEU E 420 4.18 -8.66 30.86
C LEU E 420 3.61 -8.20 29.50
N ASP E 421 2.87 -9.11 28.85
CA ASP E 421 2.05 -8.77 27.67
C ASP E 421 2.77 -7.85 26.69
N SER E 422 4.02 -8.19 26.41
CA SER E 422 4.86 -7.44 25.48
C SER E 422 5.50 -8.37 24.45
N GLY E 423 4.86 -9.53 24.25
CA GLY E 423 5.31 -10.51 23.27
C GLY E 423 4.98 -11.92 23.72
N SER E 424 4.93 -12.83 22.75
CA SER E 424 4.84 -14.27 23.02
C SER E 424 6.13 -14.78 23.67
N ASP E 425 6.13 -16.01 24.17
CA ASP E 425 7.36 -16.61 24.74
C ASP E 425 8.52 -16.62 23.75
N THR E 426 8.26 -16.97 22.49
CA THR E 426 9.29 -16.94 21.43
C THR E 426 9.88 -15.55 21.19
N GLN E 427 9.05 -14.52 21.36
CA GLN E 427 9.45 -13.12 21.16
C GLN E 427 10.19 -12.51 22.35
N VAL E 428 9.99 -13.06 23.55
CA VAL E 428 10.65 -12.58 24.77
C VAL E 428 11.84 -13.50 25.14
N VAL E 429 13.03 -13.10 24.70
CA VAL E 429 14.27 -13.83 24.98
C VAL E 429 14.82 -13.37 26.34
N ALA E 430 14.67 -14.23 27.34
CA ALA E 430 15.00 -13.89 28.73
C ALA E 430 15.14 -15.13 29.60
N ASP E 431 16.03 -15.04 30.59
CA ASP E 431 16.22 -16.09 31.59
C ASP E 431 15.01 -16.11 32.53
N ARG E 432 14.16 -17.11 32.39
CA ARG E 432 12.95 -17.25 33.22
C ARG E 432 13.23 -17.46 34.71
N ALA E 433 14.39 -18.02 35.07
CA ALA E 433 14.72 -18.26 36.48
C ALA E 433 14.83 -16.97 37.29
N VAL E 434 15.38 -15.93 36.69
CA VAL E 434 15.65 -14.64 37.35
C VAL E 434 14.87 -13.42 36.80
N ASN E 435 13.93 -13.65 35.87
CA ASN E 435 12.99 -12.60 35.39
C ASN E 435 11.55 -13.13 35.43
N ALA E 436 10.60 -12.28 35.84
CA ALA E 436 9.19 -12.64 35.84
C ALA E 436 8.54 -12.33 34.48
N ILE E 437 8.33 -13.37 33.67
CA ILE E 437 7.69 -13.24 32.35
C ILE E 437 6.22 -13.70 32.40
N ARG E 438 5.35 -12.92 31.76
CA ARG E 438 4.03 -13.38 31.32
C ARG E 438 3.90 -13.07 29.84
N ALA E 439 3.91 -14.11 29.03
CA ALA E 439 3.74 -13.98 27.59
C ALA E 439 2.35 -13.42 27.27
N THR E 440 2.27 -12.69 26.16
CA THR E 440 0.98 -12.26 25.60
C THR E 440 0.22 -13.53 25.19
N PRO E 441 -1.05 -13.68 25.63
CA PRO E 441 -1.89 -14.78 25.17
C PRO E 441 -1.97 -14.81 23.65
N THR E 442 -1.76 -15.99 23.07
CA THR E 442 -1.86 -16.18 21.61
C THR E 442 -3.08 -17.04 21.30
N VAL E 443 -3.28 -17.37 20.03
CA VAL E 443 -4.27 -18.38 19.65
C VAL E 443 -3.91 -19.02 18.31
N PRO F 2 5.72 48.63 4.91
CA PRO F 2 6.96 49.38 5.11
C PRO F 2 8.20 48.50 4.98
N SER F 3 9.38 49.11 5.11
CA SER F 3 10.65 48.39 4.93
C SER F 3 10.93 47.28 5.96
N ASN F 4 10.29 47.32 7.14
CA ASN F 4 10.45 46.24 8.13
C ASN F 4 9.35 45.17 8.11
N ASN F 5 8.55 45.13 7.05
CA ASN F 5 7.62 44.02 6.81
C ASN F 5 6.55 43.85 7.92
N ARG F 6 6.24 44.92 8.65
CA ARG F 6 5.11 44.85 9.60
C ARG F 6 4.02 45.82 9.22
N TYR F 7 2.80 45.29 9.19
CA TYR F 7 1.62 46.01 8.75
C TYR F 7 0.52 45.87 9.79
N ASP F 8 -0.26 46.93 9.93
CA ASP F 8 -1.41 46.95 10.83
C ASP F 8 -2.57 47.31 9.94
N VAL F 9 -3.60 46.46 9.93
CA VAL F 9 -4.73 46.67 9.01
C VAL F 9 -5.49 47.98 9.25
N THR F 10 -5.41 48.54 10.45
CA THR F 10 -6.04 49.84 10.75
C THR F 10 -5.17 51.03 10.35
N GLU F 11 -3.92 50.78 9.98
CA GLU F 11 -3.02 51.80 9.46
C GLU F 11 -2.69 51.57 7.98
N TRP F 12 -3.57 50.96 7.21
CA TRP F 12 -3.31 50.78 5.78
C TRP F 12 -3.91 51.96 5.02
N PRO F 13 -3.09 52.77 4.35
CA PRO F 13 -3.60 53.98 3.70
C PRO F 13 -4.76 53.72 2.77
N ALA F 14 -5.82 54.52 2.95
CA ALA F 14 -7.04 54.44 2.15
C ALA F 14 -7.84 53.15 2.35
N GLY F 15 -7.42 52.29 3.28
CA GLY F 15 -8.08 51.01 3.51
C GLY F 15 -9.10 51.18 4.60
N ASN F 16 -10.16 50.39 4.53
CA ASN F 16 -11.19 50.39 5.56
C ASN F 16 -11.45 48.94 5.94
N PRO F 17 -10.73 48.43 6.96
CA PRO F 17 -10.94 47.05 7.35
C PRO F 17 -12.30 46.79 8.02
N ALA F 18 -12.96 47.83 8.55
CA ALA F 18 -14.32 47.64 9.07
C ALA F 18 -15.26 47.20 7.95
N LYS F 19 -15.07 47.74 6.76
CA LYS F 19 -15.92 47.50 5.61
C LYS F 19 -15.49 46.27 4.78
N ASP F 20 -14.20 46.18 4.46
CA ASP F 20 -13.65 45.00 3.78
C ASP F 20 -12.18 44.78 4.08
N ILE F 21 -11.91 44.09 5.17
CA ILE F 21 -10.55 43.69 5.56
C ILE F 21 -9.90 42.72 4.57
N GLY F 22 -10.70 41.96 3.82
CA GLY F 22 -10.14 41.10 2.78
C GLY F 22 -9.38 41.90 1.72
N GLU F 23 -10.01 42.98 1.27
CA GLU F 23 -9.43 43.90 0.33
C GLU F 23 -8.14 44.49 0.90
N VAL F 24 -8.20 44.92 2.17
CA VAL F 24 -7.04 45.50 2.87
C VAL F 24 -5.87 44.52 2.93
N ILE F 25 -6.14 43.28 3.36
CA ILE F 25 -5.09 42.29 3.48
C ILE F 25 -4.50 41.89 2.10
N ASN F 26 -5.34 41.76 1.07
CA ASN F 26 -4.85 41.48 -0.30
C ASN F 26 -3.94 42.61 -0.81
N SER F 27 -4.34 43.85 -0.53
CA SER F 27 -3.55 45.04 -0.87
C SER F 27 -2.18 45.03 -0.14
N ILE F 28 -2.18 44.63 1.15
CA ILE F 28 -0.91 44.46 1.88
C ILE F 28 -0.02 43.36 1.26
N ILE F 29 -0.62 42.22 0.92
CA ILE F 29 0.11 41.11 0.30
C ILE F 29 0.73 41.56 -1.03
N ALA F 30 -0.01 42.31 -1.84
CA ALA F 30 0.55 42.88 -3.07
C ALA F 30 1.75 43.80 -2.79
N ASP F 31 1.66 44.60 -1.72
CA ASP F 31 2.76 45.48 -1.29
C ASP F 31 3.99 44.67 -0.89
N ILE F 32 3.78 43.60 -0.11
CA ILE F 32 4.89 42.72 0.28
C ILE F 32 5.60 42.16 -0.97
N LYS F 33 4.80 41.62 -1.89
CA LYS F 33 5.32 41.01 -3.14
C LYS F 33 6.06 41.99 -4.03
N ALA F 34 5.55 43.21 -4.13
CA ALA F 34 6.24 44.27 -4.88
C ALA F 34 7.62 44.57 -4.29
N ARG F 35 7.74 44.50 -2.98
CA ARG F 35 9.00 44.76 -2.30
C ARG F 35 9.93 43.54 -2.22
N GLN F 36 9.37 42.33 -2.25
CA GLN F 36 10.13 41.10 -2.09
C GLN F 36 10.11 40.29 -3.40
N GLY F 37 10.65 40.91 -4.44
CA GLY F 37 10.64 40.31 -5.80
C GLY F 37 11.77 39.33 -6.10
N ALA F 38 12.92 39.50 -5.44
CA ALA F 38 14.12 38.69 -5.73
C ALA F 38 14.35 37.63 -4.66
N ALA F 39 14.53 36.38 -5.09
CA ALA F 39 14.67 35.24 -4.18
C ALA F 39 16.08 35.00 -3.61
N ASP F 40 17.11 35.61 -4.19
CA ASP F 40 18.49 35.32 -3.80
C ASP F 40 19.40 36.54 -3.87
N VAL F 41 19.14 37.48 -2.98
CA VAL F 41 19.93 38.68 -2.83
C VAL F 41 20.51 38.61 -1.43
N ASP F 42 21.84 38.50 -1.35
CA ASP F 42 22.57 38.45 -0.09
C ASP F 42 22.04 37.37 0.88
N ASP F 43 21.89 36.15 0.34
CA ASP F 43 21.41 34.98 1.09
C ASP F 43 19.96 35.11 1.59
N GLY F 44 19.14 35.88 0.89
CA GLY F 44 17.75 36.09 1.30
C GLY F 44 16.97 36.79 0.21
N GLY F 45 15.89 37.45 0.61
CA GLY F 45 15.11 38.27 -0.31
C GLY F 45 13.61 38.18 -0.17
N LYS F 46 13.10 37.05 0.32
CA LYS F 46 11.65 36.86 0.50
C LYS F 46 11.34 36.40 1.92
N PRO F 47 11.70 37.20 2.93
CA PRO F 47 11.51 36.77 4.31
C PRO F 47 10.04 36.78 4.77
N GLY F 48 9.14 37.34 3.97
CA GLY F 48 7.73 37.40 4.37
C GLY F 48 7.41 38.61 5.22
N ALA F 49 6.40 38.48 6.07
CA ALA F 49 5.87 39.65 6.76
C ALA F 49 4.90 39.26 7.85
N VAL F 50 4.51 40.26 8.64
CA VAL F 50 3.50 40.08 9.67
C VAL F 50 2.43 41.16 9.50
N ILE F 51 1.17 40.73 9.57
CA ILE F 51 0.01 41.57 9.44
C ILE F 51 -0.75 41.45 10.74
N TYR F 52 -0.94 42.60 11.38
CA TYR F 52 -1.53 42.69 12.71
C TYR F 52 -2.96 43.24 12.63
N LEU F 53 -3.86 42.60 13.38
CA LEU F 53 -5.25 42.96 13.49
C LEU F 53 -5.47 43.34 14.95
N PRO F 54 -5.54 44.64 15.27
CA PRO F 54 -5.93 45.02 16.62
C PRO F 54 -7.35 44.53 16.94
N PRO F 55 -7.71 44.45 18.23
CA PRO F 55 -9.09 44.08 18.51
C PRO F 55 -10.06 45.03 17.80
N GLY F 56 -11.13 44.47 17.26
CA GLY F 56 -12.04 45.23 16.41
C GLY F 56 -12.98 44.33 15.64
N ASP F 57 -14.02 44.93 15.08
CA ASP F 57 -15.00 44.21 14.26
C ASP F 57 -14.72 44.52 12.79
N TYR F 58 -14.22 43.54 12.06
CA TYR F 58 -13.82 43.73 10.67
C TYR F 58 -14.64 42.85 9.73
N HIS F 59 -15.35 43.46 8.79
CA HIS F 59 -16.11 42.70 7.81
C HIS F 59 -15.19 42.28 6.68
N LEU F 60 -15.23 41.01 6.30
CA LEU F 60 -14.47 40.49 5.18
C LEU F 60 -15.47 40.16 4.08
N ARG F 61 -15.38 40.92 2.99
CA ARG F 61 -16.24 40.76 1.81
C ARG F 61 -15.49 40.27 0.56
N THR F 62 -14.16 40.20 0.63
CA THR F 62 -13.34 39.64 -0.44
C THR F 62 -12.44 38.58 0.20
N GLN F 63 -12.38 37.41 -0.43
CA GLN F 63 -11.48 36.35 0.03
C GLN F 63 -10.02 36.82 -0.02
N VAL F 64 -9.28 36.51 1.04
CA VAL F 64 -7.84 36.75 1.11
C VAL F 64 -7.10 35.57 0.49
N LEU F 65 -6.24 35.85 -0.49
CA LEU F 65 -5.41 34.83 -1.11
C LEU F 65 -3.98 34.98 -0.60
N ILE F 66 -3.52 33.98 0.14
CA ILE F 66 -2.16 33.95 0.63
C ILE F 66 -1.40 33.01 -0.28
N ASP F 67 -0.43 33.55 -1.01
CA ASP F 67 0.40 32.75 -1.90
C ASP F 67 1.89 33.05 -1.72
N ILE F 68 2.26 33.47 -0.51
CA ILE F 68 3.67 33.70 -0.15
C ILE F 68 4.00 32.93 1.14
N SER F 69 5.24 32.45 1.25
CA SER F 69 5.70 31.77 2.45
C SER F 69 6.02 32.81 3.52
N PHE F 70 5.99 32.34 4.77
CA PHE F 70 6.46 33.11 5.92
C PHE F 70 5.57 34.34 6.19
N LEU F 71 4.29 34.23 5.86
CA LEU F 71 3.34 35.27 6.20
C LEU F 71 2.69 34.91 7.52
N ARG F 72 2.69 35.86 8.44
CA ARG F 72 2.03 35.72 9.73
C ARG F 72 0.87 36.71 9.77
N ILE F 73 -0.32 36.19 10.06
CA ILE F 73 -1.48 37.04 10.36
C ILE F 73 -1.80 36.81 11.83
N GLU F 74 -1.77 37.89 12.63
CA GLU F 74 -1.90 37.79 14.07
C GLU F 74 -2.86 38.85 14.60
N GLY F 75 -3.50 38.53 15.72
CA GLY F 75 -4.33 39.53 16.42
C GLY F 75 -4.07 39.47 17.91
N SER F 76 -5.00 40.03 18.68
CA SER F 76 -4.90 40.12 20.13
C SER F 76 -6.21 39.68 20.81
N GLY F 77 -6.83 38.64 20.27
CA GLY F 77 -7.96 38.05 20.99
C GLY F 77 -8.71 37.02 20.20
N HIS F 78 -8.90 35.84 20.81
CA HIS F 78 -9.66 34.75 20.20
C HIS F 78 -11.16 35.05 20.17
N GLY F 79 -11.64 35.88 21.09
CA GLY F 79 -12.90 36.56 20.92
C GLY F 79 -14.17 35.73 20.97
N PHE F 80 -14.09 34.52 21.48
CA PHE F 80 -15.24 33.62 21.47
C PHE F 80 -16.29 34.05 22.48
N THR F 81 -17.54 34.04 22.02
CA THR F 81 -18.69 33.92 22.88
C THR F 81 -19.67 32.99 22.17
N SER F 82 -20.58 32.40 22.94
CA SER F 82 -21.51 31.43 22.39
C SER F 82 -22.65 32.10 21.63
N SER F 83 -22.47 32.28 20.32
CA SER F 83 -23.55 32.72 19.46
C SER F 83 -24.72 31.71 19.44
N SER F 84 -24.43 30.43 19.65
CA SER F 84 -25.49 29.41 19.73
C SER F 84 -26.46 29.70 20.89
N ILE F 85 -25.90 29.91 22.08
CA ILE F 85 -26.71 30.27 23.25
C ILE F 85 -27.51 31.54 22.94
N ARG F 86 -26.85 32.56 22.44
CA ARG F 86 -27.50 33.84 22.19
C ARG F 86 -28.66 33.74 21.21
N PHE F 87 -28.45 33.07 20.08
CA PHE F 87 -29.53 32.91 19.08
C PHE F 87 -30.72 32.08 19.57
N ASN F 88 -30.54 31.34 20.66
CA ASN F 88 -31.64 30.59 21.30
C ASN F 88 -32.25 31.26 22.53
N VAL F 89 -31.71 32.42 22.92
CA VAL F 89 -32.35 33.30 23.91
C VAL F 89 -33.45 34.08 23.18
N PRO F 90 -34.65 34.20 23.77
CA PRO F 90 -35.69 35.00 23.11
C PRO F 90 -35.21 36.40 22.73
N GLU F 91 -35.56 36.82 21.51
CA GLU F 91 -35.06 38.06 20.93
C GLU F 91 -35.45 39.33 21.71
N GLU F 92 -36.61 39.28 22.40
CA GLU F 92 -37.04 40.35 23.31
C GLU F 92 -35.99 40.68 24.39
N GLU F 93 -35.24 39.67 24.83
CA GLU F 93 -34.20 39.81 25.86
C GLU F 93 -32.83 40.30 25.35
N TRP F 94 -32.63 40.32 24.04
CA TRP F 94 -31.30 40.68 23.47
C TRP F 94 -30.77 42.07 23.87
N PRO F 95 -31.66 43.10 23.90
CA PRO F 95 -31.20 44.44 24.29
C PRO F 95 -30.57 44.54 25.71
N ASP F 96 -30.91 43.63 26.61
CA ASP F 96 -30.36 43.67 27.97
C ASP F 96 -29.19 42.72 28.21
N LEU F 97 -28.76 41.97 27.20
CA LEU F 97 -27.52 41.19 27.31
C LEU F 97 -26.33 42.16 27.27
N HIS F 98 -25.29 41.88 28.04
CA HIS F 98 -24.11 42.77 28.10
C HIS F 98 -23.44 42.88 26.73
N GLU F 99 -23.38 41.76 26.01
CA GLU F 99 -22.98 41.78 24.61
C GLU F 99 -23.70 40.67 23.86
N LEU F 100 -23.68 40.77 22.55
CA LEU F 100 -24.33 39.81 21.67
C LEU F 100 -23.31 39.00 20.86
N TRP F 101 -22.32 39.68 20.30
CA TRP F 101 -21.46 39.11 19.28
C TRP F 101 -20.12 38.69 19.84
N PRO F 102 -19.44 37.76 19.15
CA PRO F 102 -18.02 37.55 19.41
C PRO F 102 -17.23 38.83 19.20
N GLY F 103 -16.01 38.84 19.71
CA GLY F 103 -15.14 40.01 19.60
C GLY F 103 -13.70 39.61 19.39
N GLY F 104 -12.81 40.24 20.15
CA GLY F 104 -11.38 40.07 19.95
C GLY F 104 -10.96 40.74 18.65
N SER F 105 -9.95 40.17 17.99
CA SER F 105 -9.56 40.64 16.67
C SER F 105 -10.43 39.89 15.67
N ARG F 106 -11.59 40.46 15.34
CA ARG F 106 -12.69 39.70 14.74
C ARG F 106 -12.85 39.92 13.24
N VAL F 107 -12.67 38.85 12.48
CA VAL F 107 -12.92 38.82 11.04
C VAL F 107 -14.31 38.21 10.81
N ILE F 108 -15.26 39.03 10.35
CA ILE F 108 -16.62 38.60 10.08
C ILE F 108 -16.66 38.16 8.63
N VAL F 109 -16.98 36.89 8.41
CA VAL F 109 -16.93 36.33 7.06
C VAL F 109 -18.26 36.62 6.35
N ASP F 110 -18.29 37.68 5.53
CA ASP F 110 -19.48 38.09 4.77
C ASP F 110 -19.26 37.71 3.30
N LEU F 111 -19.00 36.44 3.04
CA LEU F 111 -18.94 35.89 1.68
C LEU F 111 -20.20 35.06 1.44
N PRO F 112 -20.65 34.95 0.17
CA PRO F 112 -21.62 33.89 -0.17
C PRO F 112 -20.97 32.49 -0.24
N ALA F 113 -21.79 31.44 -0.23
CA ALA F 113 -21.30 30.03 -0.23
C ALA F 113 -20.40 29.70 -1.42
N ASP F 118 -17.15 23.61 -4.71
CA ASP F 118 -16.20 24.69 -4.57
C ASP F 118 -16.31 25.37 -3.19
N SER F 119 -16.17 24.57 -2.13
CA SER F 119 -16.22 25.12 -0.77
C SER F 119 -15.06 26.10 -0.50
N ALA F 120 -13.93 25.94 -1.18
CA ALA F 120 -12.83 26.90 -1.06
C ALA F 120 -13.23 28.36 -1.39
N ALA F 121 -14.21 28.55 -2.28
CA ALA F 121 -14.74 29.87 -2.60
C ALA F 121 -15.37 30.62 -1.42
N GLY F 122 -15.87 29.88 -0.42
CA GLY F 122 -16.46 30.47 0.78
C GLY F 122 -15.48 30.64 1.94
N ALA F 123 -14.19 30.45 1.69
CA ALA F 123 -13.16 30.60 2.72
C ALA F 123 -12.76 32.05 2.90
N ALA F 124 -12.70 32.53 4.14
CA ALA F 124 -12.20 33.89 4.40
C ALA F 124 -10.75 34.00 3.94
N PHE F 125 -9.95 33.00 4.31
CA PHE F 125 -8.55 32.93 3.94
C PHE F 125 -8.31 31.67 3.12
N LEU F 126 -7.79 31.87 1.90
CA LEU F 126 -7.38 30.79 1.01
C LEU F 126 -5.86 30.82 0.87
N VAL F 127 -5.20 29.74 1.28
CA VAL F 127 -3.78 29.59 1.05
C VAL F 127 -3.58 28.62 -0.11
N ALA F 128 -2.97 29.13 -1.18
CA ALA F 128 -2.85 28.37 -2.44
C ALA F 128 -1.67 28.87 -3.26
N ARG F 129 -0.79 27.95 -3.64
CA ARG F 129 0.30 28.25 -4.57
C ARG F 129 0.75 26.93 -5.16
N GLU F 130 0.79 26.84 -6.48
CA GLU F 130 1.33 25.64 -7.11
C GLU F 130 2.79 25.89 -7.52
N GLY F 131 3.44 24.89 -8.12
CA GLY F 131 4.86 24.97 -8.38
C GLY F 131 5.64 24.60 -7.13
N SER F 132 6.90 25.02 -7.08
CA SER F 132 7.84 24.58 -6.06
C SER F 132 8.63 25.78 -5.52
N PRO F 133 9.09 25.73 -4.26
CA PRO F 133 8.80 24.66 -3.32
C PRO F 133 7.39 24.83 -2.75
N ARG F 134 7.00 23.91 -1.88
CA ARG F 134 5.78 24.01 -1.13
C ARG F 134 5.78 25.28 -0.29
N ILE F 135 4.65 25.97 -0.31
CA ILE F 135 4.42 27.12 0.54
C ILE F 135 4.64 26.69 1.99
N SER F 136 5.40 27.49 2.73
CA SER F 136 5.92 27.07 4.02
C SER F 136 5.79 28.13 5.11
N SER F 137 5.60 27.64 6.33
CA SER F 137 5.68 28.44 7.56
C SER F 137 4.79 29.68 7.59
N VAL F 138 3.59 29.53 7.03
CA VAL F 138 2.52 30.50 7.22
C VAL F 138 2.02 30.30 8.65
N GLU F 139 1.72 31.41 9.36
CA GLU F 139 1.28 31.35 10.76
C GLU F 139 0.00 32.16 10.90
N PHE F 140 -1.00 31.58 11.58
CA PHE F 140 -2.24 32.27 11.92
C PHE F 140 -2.29 32.24 13.44
N SER F 141 -2.46 33.39 14.10
CA SER F 141 -2.35 33.44 15.55
C SER F 141 -3.28 34.44 16.23
N ASN F 142 -4.03 33.93 17.21
CA ASN F 142 -4.73 34.77 18.19
C ASN F 142 -5.64 35.81 17.59
N PHE F 143 -6.44 35.41 16.60
CA PHE F 143 -7.55 36.22 16.15
C PHE F 143 -8.81 35.38 15.99
N CYS F 144 -9.89 36.02 15.64
CA CYS F 144 -11.22 35.43 15.68
C CYS F 144 -11.77 35.41 14.26
N ILE F 145 -12.37 34.30 13.86
CA ILE F 145 -13.06 34.24 12.57
C ILE F 145 -14.49 33.78 12.82
N ASP F 146 -15.44 34.59 12.38
CA ASP F 146 -16.83 34.50 12.80
C ASP F 146 -17.71 34.45 11.55
N GLY F 147 -18.47 33.39 11.36
CA GLY F 147 -19.34 33.27 10.19
C GLY F 147 -20.72 33.83 10.43
N LEU F 148 -20.91 34.42 11.62
CA LEU F 148 -22.05 35.30 11.94
C LEU F 148 -23.40 34.63 12.15
N HIS F 149 -23.87 33.89 11.16
CA HIS F 149 -25.18 33.23 11.19
C HIS F 149 -25.08 31.85 10.54
N PHE F 150 -25.90 30.92 11.01
CA PHE F 150 -26.23 29.73 10.25
C PHE F 150 -27.58 29.99 9.59
N THR F 151 -27.84 29.28 8.49
CA THR F 151 -29.00 29.55 7.65
C THR F 151 -29.85 28.31 7.42
N ALA F 152 -31.09 28.52 6.99
CA ALA F 152 -32.06 27.42 6.81
C ALA F 152 -31.58 26.42 5.75
N ASP F 153 -31.72 25.13 6.02
CA ASP F 153 -31.26 24.07 5.10
C ASP F 153 -32.28 22.93 4.89
N GLY F 154 -33.56 23.19 5.17
CA GLY F 154 -34.60 22.17 5.00
C GLY F 154 -34.58 21.00 5.97
N SER F 155 -33.83 21.11 7.06
CA SER F 155 -33.76 20.07 8.09
C SER F 155 -34.88 20.18 9.14
N GLY F 156 -35.66 21.27 9.08
CA GLY F 156 -36.67 21.56 10.10
C GLY F 156 -36.15 22.34 11.32
N ARG F 157 -34.83 22.45 11.45
CA ARG F 157 -34.22 23.14 12.59
C ARG F 157 -34.47 24.63 12.42
N HIS F 158 -34.44 25.38 13.52
CA HIS F 158 -34.37 26.84 13.42
C HIS F 158 -33.07 27.17 12.68
N PRO F 159 -33.08 28.19 11.78
CA PRO F 159 -31.90 28.52 10.98
C PRO F 159 -30.56 28.58 11.74
N GLU F 160 -30.56 29.17 12.92
CA GLU F 160 -29.31 29.39 13.65
C GLU F 160 -28.75 28.12 14.27
N ASN F 161 -29.49 27.02 14.20
CA ASN F 161 -29.08 25.74 14.74
C ASN F 161 -28.71 24.72 13.67
N THR F 162 -28.68 25.13 12.39
CA THR F 162 -28.41 24.18 11.29
C THR F 162 -26.94 23.82 11.10
N TYR F 163 -26.03 24.68 11.59
CA TYR F 163 -24.59 24.55 11.30
C TYR F 163 -24.23 24.67 9.80
N ALA F 164 -25.11 25.31 9.03
CA ALA F 164 -24.98 25.44 7.58
C ALA F 164 -24.91 26.89 7.14
N ASN F 165 -23.77 27.26 6.57
CA ASN F 165 -23.63 28.52 5.81
C ASN F 165 -22.66 28.59 4.63
N GLY F 166 -21.95 27.50 4.33
CA GLY F 166 -21.01 27.47 3.20
C GLY F 166 -19.71 28.23 3.43
N LYS F 167 -19.47 28.68 4.67
CA LYS F 167 -18.32 29.52 4.98
C LYS F 167 -17.24 28.69 5.63
N THR F 168 -15.99 29.01 5.28
CA THR F 168 -14.81 28.40 5.87
C THR F 168 -13.98 29.50 6.44
N GLY F 169 -13.32 29.22 7.57
CA GLY F 169 -12.40 30.19 8.18
C GLY F 169 -11.10 30.25 7.41
N ILE F 170 -10.35 29.15 7.45
CA ILE F 170 -9.09 29.03 6.75
C ILE F 170 -9.12 27.74 5.92
N HIS F 171 -8.81 27.88 4.64
CA HIS F 171 -8.71 26.75 3.72
C HIS F 171 -7.33 26.75 3.05
N VAL F 172 -6.55 25.68 3.26
CA VAL F 172 -5.24 25.54 2.64
C VAL F 172 -5.38 24.48 1.54
N ALA F 173 -5.26 24.93 0.29
CA ALA F 173 -5.49 24.08 -0.89
C ALA F 173 -4.26 23.33 -1.38
N SER F 174 -3.08 23.91 -1.18
CA SER F 174 -1.85 23.38 -1.75
C SER F 174 -1.00 22.70 -0.71
N ALA F 175 -0.12 21.82 -1.19
CA ALA F 175 0.87 21.18 -0.32
C ALA F 175 1.67 22.23 0.45
N ASN F 176 1.82 21.98 1.75
CA ASN F 176 2.36 22.95 2.70
C ASN F 176 3.27 22.28 3.72
N ASP F 177 4.22 23.05 4.21
CA ASP F 177 5.19 22.55 5.17
C ASP F 177 5.31 23.53 6.32
N SER F 178 5.31 23.01 7.55
CA SER F 178 5.63 23.78 8.74
C SER F 178 4.63 24.92 9.01
N PHE F 179 3.36 24.73 8.63
CA PHE F 179 2.33 25.72 8.93
C PHE F 179 1.98 25.69 10.42
N ARG F 180 1.47 26.81 10.92
CA ARG F 180 1.00 26.89 12.31
C ARG F 180 -0.32 27.61 12.39
N VAL F 181 -1.22 27.05 13.18
CA VAL F 181 -2.46 27.73 13.56
C VAL F 181 -2.52 27.64 15.09
N THR F 182 -2.43 28.80 15.75
CA THR F 182 -2.31 28.85 17.23
C THR F 182 -3.17 29.94 17.82
N ASP F 183 -3.72 29.66 19.01
CA ASP F 183 -4.43 30.66 19.81
C ASP F 183 -5.64 31.30 19.14
N MET F 184 -6.16 30.69 18.08
CA MET F 184 -7.28 31.23 17.35
C MET F 184 -8.60 31.00 18.05
N GLY F 185 -9.61 31.77 17.63
CA GLY F 185 -11.00 31.48 17.87
C GLY F 185 -11.75 31.37 16.56
N PHE F 186 -12.53 30.31 16.41
CA PHE F 186 -13.39 30.12 15.26
C PHE F 186 -14.78 29.89 15.80
N VAL F 187 -15.78 30.49 15.16
CA VAL F 187 -17.18 30.41 15.62
C VAL F 187 -18.15 30.62 14.46
N TYR F 188 -19.19 29.81 14.43
CA TYR F 188 -20.28 29.97 13.48
C TYR F 188 -19.85 29.89 11.99
N LEU F 189 -18.90 28.99 11.73
CA LEU F 189 -18.48 28.64 10.37
C LEU F 189 -18.90 27.21 10.09
N GLU F 190 -19.39 26.96 8.87
CA GLU F 190 -19.70 25.59 8.48
C GLU F 190 -18.43 24.69 8.56
N ASN F 191 -17.28 25.24 8.15
CA ASN F 191 -15.98 24.59 8.33
C ASN F 191 -15.00 25.59 8.92
N ALA F 192 -14.43 25.29 10.09
CA ALA F 192 -13.46 26.22 10.68
C ALA F 192 -12.16 26.25 9.91
N LEU F 193 -11.53 25.07 9.83
CA LEU F 193 -10.14 24.97 9.39
C LEU F 193 -9.98 23.73 8.55
N THR F 194 -9.69 23.91 7.25
CA THR F 194 -9.50 22.78 6.33
C THR F 194 -8.14 22.87 5.66
N ILE F 195 -7.28 21.87 5.84
CA ILE F 195 -5.91 21.93 5.38
C ILE F 195 -5.58 20.70 4.55
N HIS F 196 -5.29 20.91 3.28
CA HIS F 196 -4.88 19.81 2.37
C HIS F 196 -3.36 19.62 2.35
N LYS F 197 -2.92 18.36 2.28
CA LYS F 197 -1.54 18.03 1.92
C LYS F 197 -0.52 18.64 2.91
N ALA F 198 -0.80 18.44 4.19
CA ALA F 198 -0.01 19.08 5.26
C ALA F 198 1.18 18.23 5.64
N ASP F 199 2.34 18.85 5.69
CA ASP F 199 3.56 18.24 6.22
C ASP F 199 4.02 19.06 7.43
N ALA F 200 4.23 18.39 8.56
CA ALA F 200 4.82 19.02 9.75
C ALA F 200 4.04 20.27 10.23
N LEU F 201 2.72 20.13 10.16
CA LEU F 201 1.75 21.13 10.59
C LEU F 201 1.56 21.06 12.09
N SER F 202 1.30 22.22 12.72
CA SER F 202 0.91 22.27 14.13
C SER F 202 -0.34 23.11 14.31
N ILE F 203 -1.39 22.49 14.80
CA ILE F 203 -2.63 23.17 15.16
C ILE F 203 -2.68 23.06 16.66
N HIS F 204 -2.41 24.18 17.34
CA HIS F 204 -2.09 24.17 18.77
C HIS F 204 -2.82 25.26 19.57
N HIS F 205 -3.52 24.84 20.62
CA HIS F 205 -4.11 25.77 21.59
C HIS F 205 -5.09 26.75 20.95
N ASN F 206 -5.99 26.22 20.13
CA ASN F 206 -7.06 26.98 19.55
C ASN F 206 -8.36 26.68 20.24
N PHE F 207 -9.32 27.57 20.05
CA PHE F 207 -10.70 27.41 20.50
C PHE F 207 -11.56 27.40 19.25
N ILE F 208 -12.08 26.21 18.92
CA ILE F 208 -12.75 25.97 17.65
C ILE F 208 -14.11 25.36 17.99
N ALA F 209 -15.13 26.19 18.04
CA ALA F 209 -16.43 25.80 18.61
C ALA F 209 -17.61 26.39 17.85
N GLU F 210 -18.75 25.70 17.95
CA GLU F 210 -19.97 26.09 17.23
C GLU F 210 -19.73 26.25 15.74
N CYS F 211 -18.94 25.32 15.20
CA CYS F 211 -18.68 25.23 13.78
C CYS F 211 -19.20 23.86 13.31
N GLY F 212 -19.69 23.78 12.08
CA GLY F 212 -20.23 22.54 11.55
C GLY F 212 -19.20 21.43 11.64
N SER F 213 -18.04 21.71 11.05
CA SER F 213 -16.84 20.91 11.22
C SER F 213 -15.74 21.82 11.68
N CYS F 214 -14.87 21.30 12.53
CA CYS F 214 -13.80 22.09 13.12
C CYS F 214 -12.49 21.89 12.36
N ILE F 215 -11.73 20.84 12.67
CA ILE F 215 -10.43 20.62 12.08
C ILE F 215 -10.54 19.48 11.07
N GLU F 216 -10.23 19.78 9.81
CA GLU F 216 -10.15 18.74 8.76
C GLU F 216 -8.80 18.78 8.05
N LEU F 217 -8.06 17.67 8.10
CA LEU F 217 -6.82 17.51 7.33
C LEU F 217 -7.14 16.60 6.16
N ARG F 218 -7.07 17.15 4.94
CA ARG F 218 -7.56 16.50 3.73
C ARG F 218 -6.44 16.12 2.77
N GLY F 219 -6.76 15.25 1.82
CA GLY F 219 -5.80 14.82 0.79
C GLY F 219 -4.87 13.76 1.32
N TRP F 220 -3.81 14.22 1.96
CA TRP F 220 -2.89 13.35 2.65
C TRP F 220 -2.01 14.24 3.52
N GLY F 221 -1.13 13.64 4.30
CA GLY F 221 -0.15 14.41 5.03
C GLY F 221 0.77 13.57 5.87
N GLN F 222 1.71 14.24 6.53
CA GLN F 222 2.64 13.54 7.40
C GLN F 222 3.15 14.41 8.52
N ALA F 223 3.60 13.75 9.58
CA ALA F 223 4.40 14.34 10.66
C ALA F 223 3.78 15.57 11.30
N SER F 224 2.46 15.58 11.39
CA SER F 224 1.73 16.73 11.90
C SER F 224 1.21 16.49 13.32
N LYS F 225 0.70 17.56 13.93
CA LYS F 225 0.17 17.48 15.28
C LYS F 225 -0.98 18.44 15.56
N ILE F 226 -1.94 17.95 16.34
CA ILE F 226 -3.13 18.68 16.72
C ILE F 226 -3.16 18.54 18.23
N THR F 227 -2.81 19.60 18.95
CA THR F 227 -2.58 19.50 20.38
C THR F 227 -3.19 20.65 21.16
N ASP F 228 -3.72 20.35 22.34
CA ASP F 228 -4.15 21.39 23.28
C ASP F 228 -5.28 22.32 22.79
N ASN F 229 -6.13 21.78 21.92
CA ASN F 229 -7.25 22.51 21.40
C ASN F 229 -8.51 22.21 22.21
N LEU F 230 -9.39 23.20 22.27
CA LEU F 230 -10.75 23.08 22.74
C LEU F 230 -11.64 23.08 21.49
N VAL F 231 -12.42 22.01 21.30
CA VAL F 231 -13.11 21.74 20.05
C VAL F 231 -14.55 21.29 20.26
N GLY F 232 -15.49 21.94 19.57
CA GLY F 232 -16.90 21.52 19.57
C GLY F 232 -17.54 21.78 18.22
N ALA F 233 -18.03 20.73 17.59
CA ALA F 233 -18.59 20.82 16.24
C ALA F 233 -20.11 20.62 16.20
N GLY F 234 -20.64 20.36 15.01
CA GLY F 234 -22.05 20.14 14.77
C GLY F 234 -22.35 18.70 14.37
N PRO F 235 -23.62 18.29 14.48
CA PRO F 235 -23.99 16.86 14.41
C PRO F 235 -23.84 16.16 13.06
N ARG F 236 -23.65 16.94 11.98
CA ARG F 236 -23.33 16.40 10.65
C ARG F 236 -21.86 16.60 10.26
N GLY F 237 -21.03 17.05 11.20
CA GLY F 237 -19.65 17.41 10.91
C GLY F 237 -18.62 16.78 11.80
N HIS F 238 -17.36 17.10 11.52
CA HIS F 238 -16.20 16.56 12.20
C HIS F 238 -15.67 17.50 13.28
N SER F 239 -15.19 16.95 14.38
CA SER F 239 -14.43 17.72 15.36
C SER F 239 -12.95 17.74 14.93
N ILE F 240 -12.33 16.57 14.91
CA ILE F 240 -10.98 16.38 14.37
C ILE F 240 -11.09 15.27 13.33
N TYR F 241 -10.68 15.60 12.10
CA TYR F 241 -10.76 14.67 10.98
C TYR F 241 -9.42 14.65 10.28
N ALA F 242 -8.96 13.46 9.89
CA ALA F 242 -7.81 13.36 9.01
C ALA F 242 -7.99 12.22 8.04
N GLU F 243 -7.46 12.41 6.82
CA GLU F 243 -7.41 11.33 5.84
C GLU F 243 -6.01 11.16 5.25
N ASN F 244 -5.57 9.91 5.11
CA ASN F 244 -4.29 9.58 4.46
C ASN F 244 -3.10 10.32 5.08
N HIS F 245 -3.09 10.35 6.42
CA HIS F 245 -2.03 10.97 7.19
C HIS F 245 -1.21 9.86 7.81
N GLY F 246 0.10 10.03 7.79
CA GLY F 246 1.04 9.17 8.49
C GLY F 246 1.77 9.97 9.56
N GLY F 247 1.95 9.38 10.73
CA GLY F 247 2.69 10.03 11.79
C GLY F 247 2.00 11.24 12.41
N LEU F 248 0.68 11.21 12.43
CA LEU F 248 -0.10 12.28 13.03
C LEU F 248 -0.14 12.07 14.55
N LEU F 249 0.02 13.16 15.30
CA LEU F 249 -0.12 13.12 16.77
C LEU F 249 -1.29 14.00 17.18
N VAL F 250 -2.31 13.38 17.78
CA VAL F 250 -3.49 14.07 18.31
C VAL F 250 -3.49 13.85 19.82
N THR F 251 -3.18 14.90 20.58
CA THR F 251 -3.10 14.77 22.02
C THR F 251 -3.46 16.03 22.78
N ALA F 252 -3.92 15.86 24.02
CA ALA F 252 -4.21 16.95 24.95
C ALA F 252 -5.32 17.88 24.47
N ASN F 253 -6.22 17.37 23.62
CA ASN F 253 -7.37 18.12 23.20
C ASN F 253 -8.53 17.84 24.14
N ASN F 254 -9.36 18.85 24.38
CA ASN F 254 -10.60 18.70 25.10
C ASN F 254 -11.69 18.90 24.07
N VAL F 255 -12.27 17.78 23.63
CA VAL F 255 -13.27 17.79 22.58
C VAL F 255 -14.61 17.58 23.25
N PHE F 256 -15.50 18.55 23.06
CA PHE F 256 -16.83 18.52 23.66
C PHE F 256 -17.85 18.43 22.50
N PRO F 257 -19.14 18.24 22.81
CA PRO F 257 -20.14 18.08 21.73
C PRO F 257 -20.29 19.34 20.84
N ARG F 258 -20.91 19.23 19.67
CA ARG F 258 -21.77 18.12 19.26
C ARG F 258 -21.49 17.63 17.85
N GLY F 259 -20.20 17.41 17.57
CA GLY F 259 -19.77 16.77 16.33
C GLY F 259 -20.41 15.42 16.08
N ALA F 260 -20.52 15.02 14.81
CA ALA F 260 -20.87 13.62 14.48
C ALA F 260 -19.91 12.64 15.17
N SER F 261 -18.65 13.04 15.26
CA SER F 261 -17.62 12.30 15.96
C SER F 261 -16.64 13.28 16.63
N SER F 262 -15.79 12.73 17.50
CA SER F 262 -14.70 13.46 18.14
C SER F 262 -13.43 13.42 17.28
N VAL F 263 -13.06 12.22 16.83
CA VAL F 263 -11.86 12.00 16.00
C VAL F 263 -12.25 11.01 14.91
N HIS F 264 -12.07 11.38 13.65
CA HIS F 264 -12.46 10.53 12.51
C HIS F 264 -11.25 10.43 11.59
N PHE F 265 -10.76 9.19 11.41
CA PHE F 265 -9.66 8.90 10.52
C PHE F 265 -10.14 8.05 9.33
N LYS F 266 -9.68 8.42 8.14
CA LYS F 266 -9.78 7.56 6.95
C LYS F 266 -8.39 7.32 6.40
N GLY F 267 -7.96 6.06 6.38
CA GLY F 267 -6.65 5.70 5.83
C GLY F 267 -5.49 6.36 6.54
N VAL F 268 -5.65 6.58 7.85
CA VAL F 268 -4.60 7.15 8.68
C VAL F 268 -3.80 6.01 9.26
N THR F 269 -2.48 6.12 9.16
CA THR F 269 -1.60 5.06 9.62
C THR F 269 -0.50 5.59 10.51
N ARG F 270 -0.02 4.73 11.41
CA ARG F 270 1.22 4.97 12.18
C ARG F 270 1.16 6.32 12.90
N SER F 271 0.00 6.53 13.53
CA SER F 271 -0.34 7.79 14.20
C SER F 271 -0.78 7.50 15.62
N SER F 272 -0.98 8.57 16.39
CA SER F 272 -1.32 8.43 17.80
C SER F 272 -2.45 9.35 18.17
N VAL F 273 -3.51 8.78 18.73
CA VAL F 273 -4.61 9.53 19.33
C VAL F 273 -4.59 9.20 20.81
N THR F 274 -3.90 10.05 21.56
CA THR F 274 -3.53 9.71 22.93
C THR F 274 -3.79 10.88 23.87
N ASN F 275 -4.28 10.57 25.07
CA ASN F 275 -4.43 11.56 26.14
C ASN F 275 -5.29 12.76 25.74
N ASN F 276 -6.46 12.48 25.20
CA ASN F 276 -7.49 13.48 24.93
C ASN F 276 -8.66 13.24 25.84
N ARG F 277 -9.37 14.32 26.17
CA ARG F 277 -10.65 14.23 26.82
C ARG F 277 -11.71 14.39 25.72
N LEU F 278 -12.57 13.39 25.57
CA LEU F 278 -13.57 13.37 24.49
C LEU F 278 -14.96 13.19 25.06
N HIS F 279 -15.87 14.11 24.70
CA HIS F 279 -17.23 14.08 25.15
C HIS F 279 -18.17 14.23 23.98
N ALA F 280 -19.05 13.24 23.83
CA ALA F 280 -20.04 13.21 22.76
C ALA F 280 -21.43 12.92 23.30
N PHE F 281 -22.43 13.34 22.53
CA PHE F 281 -23.83 13.01 22.79
C PHE F 281 -24.35 11.87 21.90
N TYR F 282 -23.49 11.34 21.02
CA TYR F 282 -23.87 10.30 20.06
C TYR F 282 -22.80 9.21 19.99
N PRO F 283 -23.17 8.01 19.49
CA PRO F 283 -22.14 7.01 19.26
C PRO F 283 -21.21 7.39 18.12
N GLY F 284 -20.16 6.59 17.95
CA GLY F 284 -19.19 6.78 16.88
C GLY F 284 -18.24 7.93 17.15
N MET F 285 -17.74 7.99 18.38
CA MET F 285 -16.90 9.09 18.84
C MET F 285 -15.52 9.08 18.19
N VAL F 286 -14.90 7.91 18.12
CA VAL F 286 -13.60 7.79 17.48
C VAL F 286 -13.72 6.70 16.43
N ARG F 287 -13.48 7.08 15.17
CA ARG F 287 -13.69 6.21 14.02
C ARG F 287 -12.38 6.06 13.28
N LEU F 288 -11.88 4.84 13.20
CA LEU F 288 -10.73 4.50 12.37
C LEU F 288 -11.30 3.73 11.20
N GLU F 289 -11.26 4.33 10.01
CA GLU F 289 -11.92 3.78 8.82
C GLU F 289 -10.92 3.67 7.67
N GLU F 290 -11.36 2.97 6.61
CA GLU F 290 -10.61 2.83 5.36
C GLU F 290 -9.19 2.33 5.64
N ASN F 291 -9.12 1.20 6.33
CA ASN F 291 -7.86 0.56 6.70
C ASN F 291 -6.91 1.50 7.47
N SER F 292 -7.40 2.12 8.52
CA SER F 292 -6.53 2.91 9.39
C SER F 292 -5.75 1.94 10.28
N SER F 293 -4.43 1.95 10.14
CA SER F 293 -3.60 0.85 10.64
C SER F 293 -2.42 1.35 11.48
N GLU F 294 -1.99 0.50 12.40
CA GLU F 294 -0.79 0.74 13.24
C GLU F 294 -0.87 2.05 14.02
N ASN F 295 -2.06 2.38 14.51
CA ASN F 295 -2.28 3.57 15.32
C ASN F 295 -2.38 3.23 16.79
N LEU F 296 -1.85 4.13 17.61
CA LEU F 296 -1.99 4.04 19.06
C LEU F 296 -3.19 4.87 19.48
N VAL F 297 -4.13 4.24 20.17
CA VAL F 297 -5.27 4.93 20.75
C VAL F 297 -5.18 4.66 22.24
N ALA F 298 -4.59 5.60 22.98
CA ALA F 298 -4.21 5.32 24.35
C ALA F 298 -4.60 6.42 25.33
N THR F 299 -4.94 6.00 26.55
CA THR F 299 -5.20 6.87 27.70
C THR F 299 -6.07 8.09 27.37
N ASN F 300 -7.12 7.86 26.58
CA ASN F 300 -8.16 8.86 26.34
C ASN F 300 -9.29 8.64 27.33
N HIS F 301 -9.93 9.73 27.72
CA HIS F 301 -11.15 9.66 28.49
C HIS F 301 -12.33 9.89 27.56
N PHE F 302 -13.14 8.86 27.38
CA PHE F 302 -14.39 8.94 26.59
C PHE F 302 -15.59 9.11 27.52
N LEU F 303 -16.44 10.08 27.21
CA LEU F 303 -17.76 10.18 27.81
C LEU F 303 -18.77 10.26 26.70
N ARG F 304 -19.71 9.31 26.68
CA ARG F 304 -20.89 9.42 25.82
C ARG F 304 -22.09 9.52 26.74
N ASP F 305 -22.88 10.58 26.58
CA ASP F 305 -24.12 10.74 27.32
C ASP F 305 -25.20 11.36 26.43
N HIS F 306 -26.28 11.88 27.02
CA HIS F 306 -27.38 12.46 26.26
C HIS F 306 -27.34 13.99 26.21
N GLU F 307 -27.72 14.55 25.07
CA GLU F 307 -27.89 16.00 24.89
C GLU F 307 -28.87 16.52 25.95
N PRO F 308 -28.43 17.49 26.79
CA PRO F 308 -29.33 18.06 27.80
C PRO F 308 -30.14 19.27 27.35
N TRP F 309 -29.68 19.99 26.33
CA TRP F 309 -30.20 21.32 26.01
C TRP F 309 -31.35 21.22 24.99
N THR F 310 -32.49 21.81 25.34
CA THR F 310 -33.76 21.67 24.61
C THR F 310 -33.72 21.87 23.09
N PRO F 311 -33.08 22.96 22.61
CA PRO F 311 -33.05 23.18 21.15
C PRO F 311 -32.44 22.05 20.31
N PHE F 312 -31.60 21.21 20.92
CA PHE F 312 -30.95 20.09 20.20
C PHE F 312 -31.41 18.71 20.71
N PHE F 313 -32.50 18.67 21.46
CA PHE F 313 -33.04 17.40 21.96
C PHE F 313 -33.65 16.68 20.76
N GLY F 314 -33.30 15.41 20.60
CA GLY F 314 -33.70 14.65 19.41
C GLY F 314 -32.96 14.96 18.12
N VAL F 315 -31.92 15.80 18.16
CA VAL F 315 -31.01 15.96 17.04
C VAL F 315 -29.84 15.02 17.32
N ASP F 316 -29.42 14.26 16.31
CA ASP F 316 -28.32 13.33 16.48
C ASP F 316 -27.55 13.10 15.18
N ASN F 317 -26.56 12.21 15.20
CA ASN F 317 -25.71 11.92 14.03
C ASN F 317 -26.18 10.72 13.18
N GLY F 318 -27.39 10.24 13.42
CA GLY F 318 -27.94 9.12 12.65
C GLY F 318 -27.44 7.74 13.00
N LEU F 319 -26.49 7.61 13.94
CA LEU F 319 -25.87 6.32 14.25
C LEU F 319 -26.49 5.71 15.49
N ASP F 320 -26.70 4.40 15.46
CA ASP F 320 -27.30 3.66 16.58
C ASP F 320 -26.25 3.17 17.58
N ASP F 321 -26.71 2.60 18.70
CA ASP F 321 -25.82 2.22 19.81
C ASP F 321 -24.95 0.98 19.58
N LEU F 322 -25.18 0.26 18.48
CA LEU F 322 -24.29 -0.83 18.07
C LEU F 322 -23.04 -0.34 17.33
N THR F 323 -22.98 0.95 17.00
CA THR F 323 -21.87 1.54 16.28
C THR F 323 -20.55 1.38 17.04
N GLY F 324 -20.61 1.59 18.34
CA GLY F 324 -19.42 1.68 19.16
C GLY F 324 -19.13 3.14 19.45
N LEU F 325 -18.50 3.39 20.60
CA LEU F 325 -17.87 4.68 20.89
C LEU F 325 -16.54 4.75 20.13
N LEU F 326 -15.83 3.63 20.08
CA LEU F 326 -14.61 3.49 19.29
C LEU F 326 -14.85 2.38 18.26
N SER F 327 -14.76 2.72 16.98
CA SER F 327 -14.95 1.77 15.89
C SER F 327 -13.70 1.71 15.04
N ILE F 328 -13.18 0.51 14.79
CA ILE F 328 -11.92 0.32 14.06
C ILE F 328 -12.09 -0.62 12.86
N SER F 329 -11.75 -0.10 11.68
CA SER F 329 -11.52 -0.91 10.48
C SER F 329 -10.08 -0.70 10.05
N GLY F 330 -9.23 -1.69 10.31
CA GLY F 330 -7.82 -1.63 9.94
C GLY F 330 -7.00 -2.61 10.72
N ASN F 331 -5.69 -2.63 10.45
CA ASN F 331 -4.80 -3.65 10.99
C ASN F 331 -3.83 -3.13 12.02
N ASN F 332 -3.49 -3.98 12.99
CA ASN F 332 -2.34 -3.78 13.87
C ASN F 332 -2.38 -2.49 14.71
N ASN F 333 -3.58 -2.03 15.07
CA ASN F 333 -3.75 -0.90 15.98
C ASN F 333 -3.55 -1.31 17.43
N SER F 334 -3.37 -0.31 18.29
CA SER F 334 -3.13 -0.54 19.71
C SER F 334 -4.06 0.32 20.52
N VAL F 335 -5.00 -0.30 21.23
CA VAL F 335 -5.98 0.42 22.01
C VAL F 335 -5.68 0.10 23.48
N ILE F 336 -4.95 1.00 24.14
CA ILE F 336 -4.40 0.75 25.47
C ILE F 336 -4.76 1.83 26.48
N GLY F 337 -5.25 1.43 27.65
CA GLY F 337 -5.37 2.34 28.79
C GLY F 337 -6.47 3.38 28.73
N ASN F 338 -7.49 3.17 27.91
CA ASN F 338 -8.56 4.15 27.80
C ASN F 338 -9.63 3.95 28.85
N HIS F 339 -10.30 5.04 29.21
CA HIS F 339 -11.48 5.02 30.07
C HIS F 339 -12.71 5.37 29.24
N PHE F 340 -13.75 4.56 29.40
CA PHE F 340 -15.01 4.74 28.70
C PHE F 340 -16.16 4.88 29.69
N SER F 341 -16.80 6.05 29.68
CA SER F 341 -18.04 6.26 30.42
C SER F 341 -19.21 6.32 29.43
N GLU F 342 -20.09 5.32 29.54
CA GLU F 342 -21.29 5.19 28.69
C GLU F 342 -22.52 5.49 29.56
N VAL F 343 -23.24 6.56 29.25
CA VAL F 343 -24.36 7.04 30.07
C VAL F 343 -25.59 7.23 29.20
N VAL F 344 -26.44 6.21 29.14
CA VAL F 344 -27.61 6.22 28.26
C VAL F 344 -28.90 5.87 29.00
N ASP F 345 -30.02 6.17 28.35
CA ASP F 345 -31.35 5.79 28.82
C ASP F 345 -31.72 4.51 28.07
N ALA F 346 -31.94 3.43 28.82
CA ALA F 346 -32.28 2.11 28.25
C ALA F 346 -33.48 2.15 27.31
N ASN F 347 -34.48 2.97 27.66
CA ASN F 347 -35.67 3.16 26.83
C ASN F 347 -35.38 3.87 25.50
N GLU F 348 -34.28 4.64 25.45
CA GLU F 348 -33.85 5.32 24.22
C GLU F 348 -32.81 4.57 23.37
N ILE F 349 -32.21 3.48 23.89
CA ILE F 349 -31.22 2.71 23.13
C ILE F 349 -31.77 2.32 21.76
N ARG F 350 -30.94 2.47 20.72
CA ARG F 350 -31.31 2.12 19.35
C ARG F 350 -30.30 1.13 18.77
N PRO F 351 -30.74 0.12 18.01
CA PRO F 351 -32.15 -0.23 17.82
C PRO F 351 -32.77 -0.79 19.12
N GLU F 352 -34.09 -0.73 19.24
CA GLU F 352 -34.80 -1.16 20.45
C GLU F 352 -34.33 -2.52 20.97
N GLY F 353 -34.02 -2.57 22.26
CA GLY F 353 -33.56 -3.78 22.92
C GLY F 353 -32.12 -4.20 22.66
N ALA F 354 -31.34 -3.37 21.97
CA ALA F 354 -29.94 -3.71 21.69
C ALA F 354 -29.07 -3.51 22.92
N THR F 355 -27.93 -4.21 22.95
CA THR F 355 -26.92 -4.03 23.98
C THR F 355 -25.86 -3.08 23.40
N PRO F 356 -25.68 -1.89 24.00
CA PRO F 356 -24.71 -0.96 23.43
C PRO F 356 -23.29 -1.52 23.36
N VAL F 357 -22.57 -1.13 22.31
CA VAL F 357 -21.19 -1.53 22.06
C VAL F 357 -20.24 -0.37 22.40
N ILE F 358 -19.13 -0.68 23.06
CA ILE F 358 -18.13 0.34 23.42
C ILE F 358 -17.05 0.37 22.34
N ILE F 359 -16.30 -0.72 22.21
CA ILE F 359 -15.27 -0.84 21.19
C ILE F 359 -15.73 -1.86 20.14
N ARG F 360 -15.67 -1.49 18.86
CA ARG F 360 -16.07 -2.41 17.77
C ARG F 360 -14.92 -2.56 16.78
N LEU F 361 -14.50 -3.81 16.52
CA LEU F 361 -13.53 -4.08 15.44
C LEU F 361 -14.33 -4.65 14.27
N THR F 362 -14.55 -3.83 13.24
CA THR F 362 -15.43 -4.19 12.12
C THR F 362 -14.70 -4.94 11.02
N ALA F 363 -13.42 -4.64 10.82
CA ALA F 363 -12.59 -5.31 9.83
C ALA F 363 -11.12 -5.18 10.22
N GLY F 364 -10.31 -6.07 9.67
CA GLY F 364 -8.86 -6.02 9.81
C GLY F 364 -8.32 -6.99 10.85
N THR F 365 -7.01 -7.11 10.91
CA THR F 365 -6.36 -8.08 11.79
C THR F 365 -5.28 -7.49 12.68
N GLY F 366 -4.98 -8.21 13.76
CA GLY F 366 -3.82 -7.93 14.60
C GLY F 366 -3.96 -6.76 15.56
N ASN F 367 -5.19 -6.31 15.81
CA ASN F 367 -5.44 -5.20 16.74
C ASN F 367 -5.27 -5.66 18.18
N PHE F 368 -4.49 -4.90 18.94
CA PHE F 368 -4.14 -5.21 20.31
C PHE F 368 -4.95 -4.28 21.19
N VAL F 369 -5.86 -4.84 21.97
CA VAL F 369 -6.76 -4.07 22.83
C VAL F 369 -6.52 -4.52 24.28
N SER F 370 -5.97 -3.62 25.09
CA SER F 370 -5.55 -3.99 26.44
C SER F 370 -5.80 -2.92 27.48
N THR F 371 -6.34 -3.35 28.62
CA THR F 371 -6.37 -2.55 29.84
C THR F 371 -7.25 -1.32 29.66
N ASN F 372 -8.48 -1.57 29.28
CA ASN F 372 -9.47 -0.52 29.04
C ASN F 372 -10.57 -0.72 30.05
N HIS F 373 -11.00 0.38 30.65
CA HIS F 373 -12.02 0.34 31.68
C HIS F 373 -13.31 0.93 31.13
N VAL F 374 -14.38 0.13 31.20
CA VAL F 374 -15.70 0.51 30.75
C VAL F 374 -16.57 0.66 31.97
N VAL F 375 -17.25 1.80 32.09
CA VAL F 375 -18.28 1.97 33.11
C VAL F 375 -19.53 2.49 32.40
N ALA F 376 -20.62 1.76 32.56
CA ALA F 376 -21.85 2.03 31.83
C ALA F 376 -23.00 2.09 32.81
N MET F 377 -23.84 3.12 32.66
CA MET F 377 -24.95 3.41 33.56
C MET F 377 -26.23 3.70 32.81
N ASP F 378 -27.36 3.30 33.39
CA ASP F 378 -28.70 3.60 32.89
C ASP F 378 -29.23 4.81 33.66
N VAL F 379 -29.50 5.91 32.96
CA VAL F 379 -30.10 7.12 33.56
C VAL F 379 -31.14 7.72 32.60
N ASP F 380 -32.12 8.46 33.15
CA ASP F 380 -33.11 9.17 32.32
C ASP F 380 -32.54 10.44 31.70
N ALA F 381 -32.99 10.79 30.51
CA ALA F 381 -32.51 11.96 29.77
C ALA F 381 -33.30 13.21 30.15
N ALA F 401 -28.49 2.94 38.18
CA ALA F 401 -28.41 1.52 37.84
C ALA F 401 -27.29 1.25 36.84
N ASP F 402 -26.66 0.07 36.96
CA ASP F 402 -25.70 -0.41 35.96
C ASP F 402 -26.42 -0.84 34.68
N LEU F 403 -25.66 -0.85 33.58
CA LEU F 403 -26.19 -1.18 32.26
C LEU F 403 -25.32 -2.27 31.64
N ALA F 404 -25.96 -3.25 31.01
CA ALA F 404 -25.26 -4.30 30.28
C ALA F 404 -24.78 -3.71 28.95
N VAL F 405 -23.49 -3.91 28.65
CA VAL F 405 -22.90 -3.44 27.40
C VAL F 405 -21.90 -4.46 26.89
N THR F 406 -21.63 -4.39 25.60
CA THR F 406 -20.57 -5.16 24.98
C THR F 406 -19.36 -4.26 24.95
N ALA F 407 -18.35 -4.57 25.75
CA ALA F 407 -17.13 -3.77 25.85
C ALA F 407 -16.33 -3.84 24.55
N VAL F 408 -16.19 -5.05 24.01
CA VAL F 408 -15.48 -5.27 22.76
C VAL F 408 -16.30 -6.22 21.86
N LEU F 409 -16.73 -5.72 20.71
CA LEU F 409 -17.38 -6.55 19.68
C LEU F 409 -16.41 -6.76 18.54
N VAL F 410 -16.05 -8.03 18.26
CA VAL F 410 -15.24 -8.36 17.10
C VAL F 410 -16.16 -8.95 16.04
N ASP F 411 -16.40 -8.20 14.96
CA ASP F 411 -17.19 -8.70 13.84
C ASP F 411 -16.47 -9.84 13.11
N PRO F 412 -17.21 -10.73 12.41
CA PRO F 412 -16.57 -11.80 11.64
C PRO F 412 -15.48 -11.31 10.68
N GLY F 413 -15.67 -10.13 10.11
CA GLY F 413 -14.67 -9.51 9.24
C GLY F 413 -13.35 -9.08 9.87
N SER F 414 -13.24 -9.12 11.20
CA SER F 414 -11.97 -8.84 11.90
C SER F 414 -11.53 -10.07 12.68
N ALA F 415 -10.23 -10.35 12.67
CA ALA F 415 -9.71 -11.57 13.29
C ALA F 415 -8.26 -11.42 13.74
N ARG F 416 -7.80 -12.37 14.53
CA ARG F 416 -6.46 -12.40 15.03
C ARG F 416 -6.11 -11.16 15.82
N ASN F 417 -7.07 -10.70 16.60
CA ASN F 417 -6.91 -9.58 17.49
C ASN F 417 -6.59 -10.14 18.87
N THR F 418 -5.94 -9.33 19.69
CA THR F 418 -5.61 -9.69 21.07
C THR F 418 -6.37 -8.75 21.97
N ILE F 419 -7.22 -9.31 22.83
CA ILE F 419 -8.09 -8.52 23.70
C ILE F 419 -7.82 -8.93 25.15
N LEU F 420 -7.22 -8.03 25.92
CA LEU F 420 -6.77 -8.32 27.29
C LEU F 420 -7.38 -7.33 28.26
N ASP F 421 -7.97 -7.83 29.34
CA ASP F 421 -8.43 -6.99 30.44
C ASP F 421 -9.23 -5.76 29.98
N SER F 422 -10.14 -5.96 29.03
CA SER F 422 -11.03 -4.89 28.56
C SER F 422 -12.51 -5.27 28.68
N GLY F 423 -12.79 -6.23 29.57
CA GLY F 423 -14.15 -6.66 29.85
C GLY F 423 -14.19 -8.13 30.24
N SER F 424 -15.26 -8.52 30.92
CA SER F 424 -15.53 -9.93 31.26
C SER F 424 -15.77 -10.77 29.99
N ASP F 425 -15.86 -12.09 30.13
CA ASP F 425 -16.14 -12.96 28.97
C ASP F 425 -17.47 -12.61 28.28
N THR F 426 -18.48 -12.28 29.07
CA THR F 426 -19.80 -11.86 28.56
C THR F 426 -19.71 -10.55 27.76
N GLN F 427 -18.89 -9.63 28.27
CA GLN F 427 -18.69 -8.31 27.66
C GLN F 427 -17.87 -8.33 26.36
N VAL F 428 -17.11 -9.41 26.11
CA VAL F 428 -16.30 -9.51 24.90
C VAL F 428 -16.96 -10.49 23.94
N VAL F 429 -17.56 -9.97 22.86
CA VAL F 429 -18.22 -10.77 21.84
C VAL F 429 -17.22 -11.00 20.70
N ALA F 430 -16.75 -12.23 20.58
CA ALA F 430 -15.68 -12.57 19.64
C ALA F 430 -15.53 -14.08 19.50
N ASP F 431 -15.12 -14.51 18.32
CA ASP F 431 -14.78 -15.91 18.05
C ASP F 431 -13.42 -16.24 18.72
N ARG F 432 -13.47 -17.00 19.81
CA ARG F 432 -12.26 -17.43 20.55
C ARG F 432 -11.27 -18.29 19.75
N ALA F 433 -11.73 -18.95 18.69
CA ALA F 433 -10.86 -19.77 17.84
C ALA F 433 -9.81 -18.96 17.10
N VAL F 434 -10.14 -17.71 16.74
CA VAL F 434 -9.27 -16.88 15.91
C VAL F 434 -8.91 -15.51 16.52
N ASN F 435 -9.18 -15.31 17.81
CA ASN F 435 -8.72 -14.14 18.56
C ASN F 435 -8.14 -14.64 19.89
N ALA F 436 -7.19 -13.90 20.46
CA ALA F 436 -6.71 -14.17 21.83
C ALA F 436 -7.45 -13.28 22.83
N ILE F 437 -8.30 -13.88 23.65
CA ILE F 437 -9.06 -13.15 24.65
C ILE F 437 -8.57 -13.53 26.05
N ARG F 438 -8.34 -12.52 26.88
CA ARG F 438 -8.24 -12.72 28.33
C ARG F 438 -9.23 -11.78 28.97
N ALA F 439 -10.28 -12.37 29.55
CA ALA F 439 -11.26 -11.60 30.30
C ALA F 439 -10.61 -10.93 31.50
N THR F 440 -11.15 -9.78 31.88
CA THR F 440 -10.79 -9.13 33.13
C THR F 440 -11.21 -10.05 34.29
N PRO F 441 -10.32 -10.29 35.26
CA PRO F 441 -10.71 -11.15 36.40
C PRO F 441 -11.96 -10.65 37.14
N THR F 442 -12.80 -11.59 37.58
CA THR F 442 -13.99 -11.33 38.39
C THR F 442 -13.58 -11.41 39.87
N VAL F 443 -14.40 -10.83 40.76
CA VAL F 443 -14.26 -11.03 42.21
C VAL F 443 -13.96 -12.48 42.62
N GLY F 444 -13.15 -12.66 43.65
CA GLY F 444 -12.72 -13.99 44.10
C GLY F 444 -11.59 -14.51 43.24
#